data_6B3W
#
_entry.id   6B3W
#
_cell.length_a   70.778
_cell.length_b   115.178
_cell.length_c   150.967
_cell.angle_alpha   90.000
_cell.angle_beta   102.580
_cell.angle_gamma   90.000
#
_symmetry.space_group_name_H-M   'P 1 21 1'
#
loop_
_entity.id
_entity.type
_entity.pdbx_description
1 polymer 'Enhancer of zeste 2 polycomb repressive complex 2 subunit,Enhancer of zeste 2 polycomb repressive complex 2 subunit'
2 polymer 'Polycomb protein EED'
3 polymer 'Polycomb protein SUZ12'
4 non-polymer 'ZINC ION'
5 non-polymer 5,8-dichloro-7-(3,5-dimethyl-1,2-oxazol-4-yl)-2-[(4,6-dimethyl-2-oxo-1,2-dihydropyridin-3-yl)methyl]-3,4-dihydroisoquinolin-1(2H)-one
#
loop_
_entity_poly.entity_id
_entity_poly.type
_entity_poly.pdbx_seq_one_letter_code
_entity_poly.pdbx_strand_id
1 'polypeptide(L)'
;MGQTGKKSEKGPICWRKRVKSEYMRLRQLKRFRRADEVKSMFNSNRQKIQERTEILNQEWKQRRIQPVHIMTSVSSLRGT
RECSVTSDLDFPKQVIPLKTLNAVASVPIMYSWSPLQQNFMVEDETVLHNIPYMGDEVLDQDGTFIEELIKNYDGKVHGD
RECGFINDEIFVELVNALGQLDRRDEKQKNQESNQIDKESHPPRKFPSDKIFEAISSMFPDKGTAEELKEKYKELTEQQL
PGALPPECTPNIDGPNAKSVQREQSLHSFHTLFCRRCFKYDCFLHPFHATPNTYKRKNTEMAIDNKPCGPHCYQHLEGAK
EFAAALTAENVEWSGAEASMFRVLIGTYYDNFCAIARLIGTKTCRQVYEFRVKESSIIAPAPAEDVDTLGGGGSGGGGSG
GGGSAAADGSSNHVYNYQPCDHPRQPCDNSCPCVIAQNFCEKFCQCSSECQNRFPGCRCKAQCNTKQCPCYLAVRECDPD
LCLTCGAADHWDSKNVSCKNCSIQRGSKKHLLLAPSDVAGWGIFIKDPVQKNEFISEYCGEIISQDEADRRGKVYDKYMC
SFLFNLNNDFVVDATRKGNKIRFANHSVNPNCYAKVMMVNGDHRIGIFAKRAIQTGEELFFDYRYSQADALKYVGIEREM
EIP
;
A,B
2 'polypeptide(L)'
;MSFKCVNSLKEDHNQPLFGVQFNWHSKEGDPLVFATVGSNRVTLYECHSQGEIRLLQSYVDADADENFYTCAWTYDSNTS
HPLLAVAGSRGIIRIINPITMQCIKHYVGHGNAINELKFHPRDPNLLLSVSKDHALRLWNIQTDTLVAIFGGVEGHRDEV
LSADYDLLGEKIMSCGMDHSLKLWRINSKRMMNAIKESYDYNPNKTNRPFISQKIHFPDFSTRDIHRNYVDCVRWLGDLI
LSKSCENAIVCWKPGKMEDDIDKIKPSESNVTILGRFDYSQCDIWYMRFSMDFWQKMLALGNQVGKLYVWDLEVEDPHKA
KCTTLTHHKCGAAIRQTSFSRDSSILIAVCDDASIWRWDRLR
;
E,F
3 'polypeptide(L)'
;MDYKDDDDKGESEDGEVEQQRTYSSGHNRLYFHSDTCLPLRPQEMEVDDEDEKDPEWLREKTITQIEEFSDVNEGEKEVM
KLWNLHVMKHGFIADNQMNHACMLFVENYGQKIIKKNLCRNFMLHLVSMHDFNLISIMSIDKAVTKLREMQQKLEKGESA
SPANEEITEEQNGTANGFSEINSKEKALETD
;
S,T
#
# COMPACT_ATOMS: atom_id res chain seq x y z
N GLU A 9 -36.30 -12.64 -25.28
CA GLU A 9 -36.65 -13.16 -26.63
C GLU A 9 -37.66 -12.29 -27.40
N LYS A 10 -37.15 -11.46 -28.31
CA LYS A 10 -38.00 -10.69 -29.21
C LYS A 10 -37.24 -10.29 -30.49
N GLY A 11 -35.92 -10.45 -30.47
CA GLY A 11 -35.12 -10.09 -31.62
C GLY A 11 -34.40 -8.77 -31.41
N PRO A 12 -33.10 -8.69 -31.74
CA PRO A 12 -32.26 -7.55 -31.38
C PRO A 12 -32.74 -6.27 -32.02
N ILE A 13 -33.15 -6.36 -33.28
CA ILE A 13 -33.62 -5.19 -34.01
C ILE A 13 -34.81 -4.64 -33.26
N CYS A 14 -35.69 -5.55 -32.85
CA CYS A 14 -36.86 -5.15 -32.08
C CYS A 14 -36.47 -4.42 -30.80
N TRP A 15 -35.65 -5.06 -29.97
CA TRP A 15 -35.27 -4.50 -28.67
C TRP A 15 -34.64 -3.11 -28.79
N ARG A 16 -33.64 -3.00 -29.65
CA ARG A 16 -33.00 -1.72 -29.89
C ARG A 16 -34.01 -0.70 -30.40
N LYS A 17 -35.04 -1.17 -31.09
CA LYS A 17 -36.10 -0.26 -31.54
C LYS A 17 -36.89 0.21 -30.33
N ARG A 18 -37.03 -0.67 -29.34
CA ARG A 18 -37.78 -0.34 -28.13
C ARG A 18 -36.99 0.62 -27.28
N VAL A 19 -35.72 0.31 -27.06
CA VAL A 19 -34.85 1.25 -26.39
C VAL A 19 -35.18 2.63 -26.93
N LYS A 20 -35.03 2.82 -28.24
CA LYS A 20 -35.27 4.10 -28.89
C LYS A 20 -36.69 4.63 -28.69
N SER A 21 -37.68 3.77 -28.91
CA SER A 21 -39.07 4.17 -28.73
C SER A 21 -39.36 4.63 -27.30
N GLU A 22 -38.84 3.87 -26.33
CA GLU A 22 -39.07 4.14 -24.92
C GLU A 22 -38.27 5.33 -24.37
N TYR A 23 -36.95 5.28 -24.57
CA TYR A 23 -36.11 6.39 -24.19
C TYR A 23 -36.72 7.66 -24.75
N MET A 24 -37.04 7.63 -26.02
CA MET A 24 -37.59 8.79 -26.69
C MET A 24 -38.96 9.16 -26.11
N ARG A 25 -39.58 8.22 -25.41
CA ARG A 25 -40.86 8.49 -24.78
C ARG A 25 -40.63 9.15 -23.43
N LEU A 26 -39.87 8.47 -22.58
CA LEU A 26 -39.54 9.01 -21.27
C LEU A 26 -39.00 10.41 -21.43
N ARG A 27 -37.95 10.54 -22.22
CA ARG A 27 -37.36 11.85 -22.40
C ARG A 27 -38.51 12.83 -22.64
N GLN A 28 -39.35 12.52 -23.63
CA GLN A 28 -40.40 13.44 -24.05
C GLN A 28 -41.45 13.60 -22.96
N LEU A 29 -41.56 12.59 -22.10
CA LEU A 29 -42.46 12.68 -20.97
C LEU A 29 -41.94 13.74 -20.03
N LYS A 30 -40.71 13.54 -19.57
CA LYS A 30 -40.08 14.45 -18.61
C LYS A 30 -39.96 15.85 -19.21
N ARG A 31 -39.95 15.94 -20.54
CA ARG A 31 -39.83 17.23 -21.17
C ARG A 31 -41.03 18.09 -20.83
N PHE A 32 -42.18 17.43 -20.67
CA PHE A 32 -43.42 18.14 -20.46
C PHE A 32 -43.61 18.46 -18.99
N ARG A 33 -43.28 17.49 -18.14
CA ARG A 33 -43.22 17.72 -16.71
C ARG A 33 -42.59 19.11 -16.51
N ARG A 34 -41.30 19.22 -16.77
CA ARG A 34 -40.59 20.48 -16.59
C ARG A 34 -41.26 21.64 -17.32
N ALA A 35 -41.82 21.36 -18.50
CA ALA A 35 -42.46 22.40 -19.29
C ALA A 35 -43.45 23.16 -18.44
N ASP A 36 -44.16 22.40 -17.61
CA ASP A 36 -45.16 22.96 -16.73
C ASP A 36 -44.51 23.42 -15.44
N GLU A 37 -43.67 22.58 -14.84
CA GLU A 37 -42.98 22.95 -13.61
C GLU A 37 -42.56 24.41 -13.73
N VAL A 38 -42.07 24.77 -14.91
CA VAL A 38 -41.66 26.15 -15.20
C VAL A 38 -42.86 27.07 -15.29
N LYS A 39 -43.82 26.73 -16.13
CA LYS A 39 -45.06 27.49 -16.23
C LYS A 39 -45.67 27.70 -14.85
N SER A 40 -45.73 26.63 -14.05
CA SER A 40 -46.20 26.70 -12.66
C SER A 40 -45.51 27.84 -11.94
N MET A 41 -44.18 27.79 -11.89
CA MET A 41 -43.38 28.67 -11.03
C MET A 41 -43.21 30.11 -11.52
N PHE A 42 -43.38 30.34 -12.82
CA PHE A 42 -43.33 31.69 -13.35
C PHE A 42 -44.49 32.49 -12.81
N ASN A 43 -45.62 31.80 -12.61
CA ASN A 43 -46.82 32.37 -11.99
C ASN A 43 -46.66 32.59 -10.48
N SER A 44 -46.43 31.51 -9.75
CA SER A 44 -46.24 31.60 -8.30
C SER A 44 -45.07 32.53 -7.99
N ASN A 45 -44.31 32.89 -9.03
CA ASN A 45 -43.29 33.91 -8.89
C ASN A 45 -43.91 35.27 -9.09
N ARG A 46 -44.76 35.40 -10.10
CA ARG A 46 -45.46 36.66 -10.36
C ARG A 46 -46.24 37.22 -9.15
N GLN A 47 -47.09 36.41 -8.54
CA GLN A 47 -47.81 36.87 -7.36
C GLN A 47 -46.82 37.50 -6.38
N LYS A 48 -45.74 36.78 -6.09
CA LYS A 48 -44.65 37.28 -5.24
C LYS A 48 -44.24 38.72 -5.59
N ILE A 49 -44.04 38.98 -6.88
CA ILE A 49 -43.79 40.34 -7.32
C ILE A 49 -44.92 41.23 -6.85
N GLN A 50 -46.11 40.99 -7.43
CA GLN A 50 -47.27 41.84 -7.19
C GLN A 50 -47.34 42.20 -5.72
N GLU A 51 -47.39 41.18 -4.87
CA GLU A 51 -47.52 41.38 -3.43
C GLU A 51 -46.42 42.24 -2.81
N ARG A 52 -45.22 42.20 -3.41
CA ARG A 52 -44.09 42.94 -2.87
C ARG A 52 -43.98 44.33 -3.46
N THR A 53 -44.09 44.42 -4.79
CA THR A 53 -44.08 45.71 -5.47
C THR A 53 -45.09 46.67 -4.86
N GLU A 54 -46.27 46.15 -4.54
CA GLU A 54 -47.31 46.96 -3.92
C GLU A 54 -46.82 47.54 -2.61
N ILE A 55 -46.14 46.71 -1.82
CA ILE A 55 -45.55 47.14 -0.56
C ILE A 55 -44.64 48.35 -0.80
N LEU A 56 -43.78 48.25 -1.80
CA LEU A 56 -42.93 49.36 -2.18
C LEU A 56 -43.78 50.55 -2.60
N ASN A 57 -44.80 50.30 -3.43
CA ASN A 57 -45.55 51.41 -3.99
C ASN A 57 -46.40 52.08 -2.93
N GLN A 58 -46.74 51.35 -1.89
CA GLN A 58 -47.34 51.98 -0.73
C GLN A 58 -46.33 52.97 -0.15
N GLU A 59 -45.18 52.45 0.30
CA GLU A 59 -44.16 53.27 0.97
C GLU A 59 -43.91 54.56 0.19
N TRP A 60 -43.99 54.46 -1.13
CA TRP A 60 -43.68 55.60 -1.99
C TRP A 60 -44.82 56.60 -2.04
N LYS A 61 -46.03 56.14 -1.79
CA LYS A 61 -47.19 57.03 -1.70
C LYS A 61 -47.09 57.94 -0.47
N GLN A 62 -46.65 57.37 0.66
CA GLN A 62 -46.43 58.11 1.90
C GLN A 62 -45.53 59.32 1.68
N ARG A 63 -44.45 59.11 0.93
CA ARG A 63 -43.42 60.14 0.72
C ARG A 63 -43.88 61.23 -0.24
N ARG A 64 -43.22 62.39 -0.14
CA ARG A 64 -43.62 63.58 -0.87
C ARG A 64 -42.35 64.29 -1.34
N ILE A 65 -41.76 63.81 -2.43
CA ILE A 65 -40.41 64.22 -2.80
C ILE A 65 -40.44 65.47 -3.69
N GLN A 66 -39.59 66.44 -3.36
CA GLN A 66 -39.54 67.69 -4.12
C GLN A 66 -39.16 67.48 -5.58
N PRO A 67 -39.84 68.19 -6.50
CA PRO A 67 -39.56 68.18 -7.93
C PRO A 67 -38.23 68.82 -8.25
N VAL A 68 -37.53 68.29 -9.24
CA VAL A 68 -36.29 68.92 -9.70
C VAL A 68 -36.61 70.16 -10.54
N HIS A 69 -35.81 71.20 -10.39
CA HIS A 69 -36.07 72.45 -11.08
C HIS A 69 -34.91 72.91 -11.94
N ILE A 70 -35.22 73.82 -12.85
CA ILE A 70 -34.27 74.37 -13.80
C ILE A 70 -33.27 75.29 -13.10
N MET A 71 -32.02 75.27 -13.55
CA MET A 71 -31.01 76.22 -13.09
C MET A 71 -31.53 77.65 -12.99
N ARG A 81 -20.18 79.36 -18.27
CA ARG A 81 -20.00 78.09 -18.97
C ARG A 81 -21.32 77.47 -19.44
N GLU A 82 -21.31 76.91 -20.64
CA GLU A 82 -22.55 76.44 -21.25
C GLU A 82 -22.49 74.99 -21.69
N CYS A 83 -23.66 74.35 -21.73
CA CYS A 83 -23.87 73.16 -22.56
C CYS A 83 -25.19 73.31 -23.31
N SER A 84 -25.21 72.78 -24.54
CA SER A 84 -26.41 72.80 -25.36
C SER A 84 -26.98 71.39 -25.48
N VAL A 85 -28.18 71.28 -26.02
CA VAL A 85 -28.71 70.00 -26.52
C VAL A 85 -29.57 70.23 -27.76
N THR A 86 -29.36 69.42 -28.80
CA THR A 86 -30.10 69.58 -30.05
C THR A 86 -31.35 68.69 -30.07
N SER A 87 -31.51 67.94 -31.16
CA SER A 87 -32.72 67.17 -31.38
C SER A 87 -32.83 66.82 -32.85
N ASP A 88 -32.54 65.57 -33.20
CA ASP A 88 -32.65 65.13 -34.59
C ASP A 88 -34.13 64.99 -35.00
N LEU A 89 -35.02 65.59 -34.21
CA LEU A 89 -36.43 65.74 -34.60
C LEU A 89 -36.96 67.18 -34.56
N ASP A 90 -36.17 68.12 -35.09
CA ASP A 90 -36.55 69.52 -35.31
C ASP A 90 -37.02 70.29 -34.09
N PHE A 91 -36.83 69.73 -32.90
CA PHE A 91 -37.15 70.46 -31.67
C PHE A 91 -36.10 71.54 -31.38
N PRO A 92 -36.54 72.62 -30.74
CA PRO A 92 -35.67 73.78 -30.51
C PRO A 92 -34.41 73.45 -29.73
N LYS A 93 -33.27 73.97 -30.17
CA LYS A 93 -32.04 73.84 -29.42
C LYS A 93 -32.26 74.40 -28.02
N GLN A 94 -31.78 73.69 -27.00
CA GLN A 94 -31.82 74.18 -25.64
C GLN A 94 -30.40 74.52 -25.23
N VAL A 95 -30.25 75.57 -24.43
CA VAL A 95 -28.94 75.95 -23.92
C VAL A 95 -29.07 76.30 -22.46
N ILE A 96 -28.02 76.04 -21.69
CA ILE A 96 -28.11 76.07 -20.24
C ILE A 96 -26.72 76.19 -19.58
N PRO A 97 -26.67 76.71 -18.34
CA PRO A 97 -25.41 76.79 -17.58
C PRO A 97 -24.85 75.43 -17.12
N LEU A 98 -23.56 75.24 -17.38
CA LEU A 98 -22.83 74.03 -17.04
C LEU A 98 -22.17 74.21 -15.67
N LYS A 99 -22.70 73.55 -14.64
CA LYS A 99 -22.08 73.64 -13.31
C LYS A 99 -20.89 72.70 -13.14
N THR A 100 -19.87 73.20 -12.44
CA THR A 100 -18.67 72.42 -12.22
C THR A 100 -18.63 71.86 -10.80
N LEU A 101 -18.44 70.55 -10.70
CA LEU A 101 -18.26 69.89 -9.41
C LEU A 101 -16.78 69.99 -9.06
N ASN A 102 -16.49 70.53 -7.88
CA ASN A 102 -15.11 70.87 -7.53
C ASN A 102 -14.29 69.61 -7.37
N ALA A 103 -13.04 69.68 -7.79
CA ALA A 103 -12.18 68.51 -7.84
C ALA A 103 -12.13 67.77 -6.50
N VAL A 104 -12.06 66.44 -6.59
CA VAL A 104 -11.78 65.59 -5.44
C VAL A 104 -10.56 64.78 -5.83
N ALA A 105 -9.71 64.45 -4.87
CA ALA A 105 -8.51 63.64 -5.11
C ALA A 105 -8.86 62.15 -5.13
N SER A 106 -8.31 61.42 -6.09
CA SER A 106 -8.49 59.98 -6.10
C SER A 106 -7.28 59.38 -5.39
N VAL A 107 -7.35 58.10 -5.05
CA VAL A 107 -6.15 57.42 -4.60
C VAL A 107 -5.64 56.52 -5.72
N PRO A 108 -4.43 55.98 -5.57
CA PRO A 108 -3.86 55.09 -6.60
C PRO A 108 -4.70 53.83 -6.81
N ILE A 109 -4.41 53.11 -7.87
CA ILE A 109 -5.14 51.91 -8.19
C ILE A 109 -4.81 50.80 -7.20
N MET A 110 -5.83 50.06 -6.79
CA MET A 110 -5.60 48.87 -6.00
C MET A 110 -6.66 47.85 -6.28
N TYR A 111 -6.25 46.63 -6.62
CA TYR A 111 -7.18 45.51 -6.74
C TYR A 111 -7.39 44.74 -5.43
N SER A 112 -8.56 44.15 -5.26
CA SER A 112 -8.89 43.33 -4.10
C SER A 112 -7.81 42.34 -3.72
N TRP A 113 -7.46 42.29 -2.43
CA TRP A 113 -6.63 41.19 -1.92
C TRP A 113 -7.08 40.69 -0.53
N SER A 114 -6.80 39.43 -0.24
CA SER A 114 -7.07 38.91 1.10
C SER A 114 -5.82 38.84 2.00
N PRO A 115 -5.98 39.14 3.29
CA PRO A 115 -4.89 39.23 4.29
C PRO A 115 -4.40 37.87 4.70
N LEU A 116 -3.09 37.72 4.72
CA LEU A 116 -2.45 36.47 5.10
C LEU A 116 -1.50 36.83 6.22
N GLN A 117 -1.26 35.89 7.13
CA GLN A 117 -0.16 36.05 8.07
C GLN A 117 0.84 34.92 7.87
N GLN A 118 0.48 33.97 7.02
CA GLN A 118 1.33 32.84 6.70
C GLN A 118 1.04 32.39 5.28
N ASN A 119 2.03 31.86 4.57
CA ASN A 119 1.78 31.43 3.21
C ASN A 119 0.58 30.49 3.11
N PHE A 120 0.07 30.35 1.88
CA PHE A 120 -1.15 29.61 1.60
C PHE A 120 -0.91 28.90 0.27
N MET A 121 -1.20 27.61 0.20
CA MET A 121 -0.84 26.82 -0.97
C MET A 121 -2.02 26.60 -1.91
N VAL A 122 -1.80 26.80 -3.21
CA VAL A 122 -2.80 26.45 -4.22
C VAL A 122 -2.24 25.50 -5.27
N GLU A 123 -3.06 24.53 -5.68
CA GLU A 123 -2.66 23.54 -6.67
C GLU A 123 -2.92 24.09 -8.07
N ASP A 124 -2.57 23.30 -9.08
CA ASP A 124 -2.72 23.74 -10.45
C ASP A 124 -4.09 23.35 -11.04
N ILE A 166 -27.50 11.46 -22.03
CA ILE A 166 -28.18 10.45 -21.21
C ILE A 166 -27.54 10.21 -19.84
N ASN A 167 -28.28 10.50 -18.77
CA ASN A 167 -27.72 10.48 -17.42
C ASN A 167 -28.13 9.25 -16.60
N ASP A 168 -27.59 9.16 -15.37
CA ASP A 168 -27.80 8.00 -14.53
C ASP A 168 -29.25 7.89 -14.06
N GLU A 169 -29.85 9.03 -13.72
CA GLU A 169 -31.22 9.04 -13.19
C GLU A 169 -32.22 8.46 -14.19
N ILE A 170 -32.05 8.79 -15.47
CA ILE A 170 -32.95 8.32 -16.50
C ILE A 170 -32.56 6.94 -17.02
N PHE A 171 -31.26 6.68 -17.09
CA PHE A 171 -30.76 5.38 -17.50
C PHE A 171 -31.48 4.25 -16.78
N VAL A 172 -32.00 4.52 -15.59
CA VAL A 172 -32.66 3.51 -14.79
C VAL A 172 -34.13 3.33 -15.21
N GLU A 173 -34.82 4.45 -15.42
CA GLU A 173 -36.21 4.40 -15.84
C GLU A 173 -36.32 3.58 -17.11
N LEU A 174 -35.52 3.93 -18.10
CA LEU A 174 -35.51 3.22 -19.37
C LEU A 174 -35.30 1.73 -19.16
N VAL A 175 -34.48 1.37 -18.18
CA VAL A 175 -34.19 -0.03 -17.92
C VAL A 175 -35.44 -0.71 -17.42
N ASN A 176 -36.15 -0.06 -16.50
CA ASN A 176 -37.35 -0.65 -15.93
C ASN A 176 -38.51 -0.55 -16.89
N ALA A 177 -38.51 0.49 -17.72
CA ALA A 177 -39.43 0.52 -18.83
C ALA A 177 -39.21 -0.80 -19.58
N LEU A 178 -38.09 -0.89 -20.28
CA LEU A 178 -37.74 -2.11 -20.98
C LEU A 178 -38.09 -3.31 -20.13
N GLY A 179 -37.83 -3.20 -18.83
CA GLY A 179 -38.04 -4.31 -17.93
C GLY A 179 -39.47 -4.82 -17.90
N GLN A 180 -40.42 -3.90 -17.97
CA GLN A 180 -41.83 -4.27 -17.85
C GLN A 180 -42.34 -4.93 -19.13
N LEU A 181 -41.79 -4.55 -20.27
CA LEU A 181 -42.15 -5.17 -21.53
C LEU A 181 -41.64 -6.61 -21.57
N ASP A 182 -40.39 -6.82 -21.17
CA ASP A 182 -39.85 -8.18 -21.11
C ASP A 182 -40.74 -9.01 -20.22
N ARG A 183 -41.30 -8.37 -19.20
CA ARG A 183 -42.23 -9.02 -18.31
C ARG A 183 -43.59 -9.20 -18.99
N ARG A 184 -44.14 -8.11 -19.51
CA ARG A 184 -45.41 -8.15 -20.22
C ARG A 184 -45.37 -9.11 -21.41
N ASP A 185 -44.19 -9.65 -21.69
CA ASP A 185 -44.03 -10.59 -22.80
C ASP A 185 -44.96 -11.78 -22.63
N GLU A 186 -44.91 -12.43 -21.47
CA GLU A 186 -45.65 -13.67 -21.23
C GLU A 186 -47.12 -13.52 -21.60
N LYS A 187 -47.49 -14.08 -22.74
CA LYS A 187 -48.84 -13.93 -23.28
C LYS A 187 -49.16 -15.06 -24.26
N PRO A 207 -35.20 -8.44 -14.71
CA PRO A 207 -33.90 -7.80 -14.95
C PRO A 207 -33.11 -8.40 -16.11
N SER A 208 -33.75 -8.51 -17.27
CA SER A 208 -33.23 -9.34 -18.36
C SER A 208 -31.88 -8.91 -18.94
N ASP A 209 -31.22 -9.82 -19.67
CA ASP A 209 -29.88 -9.59 -20.17
C ASP A 209 -29.91 -9.12 -21.63
N LYS A 210 -30.97 -9.49 -22.35
CA LYS A 210 -31.12 -9.05 -23.72
C LYS A 210 -31.49 -7.58 -23.77
N ILE A 211 -31.73 -7.00 -22.60
CA ILE A 211 -32.10 -5.60 -22.49
C ILE A 211 -30.89 -4.70 -22.32
N PHE A 212 -29.98 -5.11 -21.46
CA PHE A 212 -28.78 -4.33 -21.23
C PHE A 212 -27.99 -4.25 -22.52
N GLU A 213 -28.12 -5.27 -23.35
CA GLU A 213 -27.40 -5.30 -24.63
C GLU A 213 -27.96 -4.31 -25.64
N ALA A 214 -29.28 -4.16 -25.67
CA ALA A 214 -29.90 -3.22 -26.58
C ALA A 214 -29.54 -1.79 -26.19
N ILE A 215 -29.50 -1.51 -24.89
CA ILE A 215 -29.18 -0.18 -24.42
C ILE A 215 -27.74 0.16 -24.74
N SER A 216 -26.89 -0.86 -24.71
CA SER A 216 -25.49 -0.67 -25.01
C SER A 216 -25.29 -0.40 -26.50
N SER A 217 -26.21 -0.92 -27.30
CA SER A 217 -26.16 -0.68 -28.73
C SER A 217 -26.48 0.79 -29.01
N MET A 218 -27.51 1.30 -28.36
CA MET A 218 -28.00 2.65 -28.63
C MET A 218 -27.16 3.72 -27.96
N PHE A 219 -26.41 3.36 -26.93
CA PHE A 219 -25.56 4.35 -26.25
C PHE A 219 -24.20 3.74 -25.99
N PRO A 220 -23.53 3.23 -27.04
CA PRO A 220 -22.31 2.45 -26.86
C PRO A 220 -21.28 3.17 -26.00
N ASP A 221 -21.49 4.45 -25.79
CA ASP A 221 -20.54 5.30 -25.07
C ASP A 221 -20.74 5.22 -23.56
N LYS A 222 -21.98 5.02 -23.16
CA LYS A 222 -22.33 4.92 -21.74
C LYS A 222 -21.88 3.59 -21.19
N GLY A 223 -21.26 2.79 -22.03
CA GLY A 223 -20.65 1.56 -21.56
C GLY A 223 -21.10 0.34 -22.33
N THR A 224 -20.68 -0.82 -21.87
CA THR A 224 -21.08 -2.08 -22.45
C THR A 224 -22.25 -2.67 -21.65
N ALA A 225 -22.67 -3.87 -22.02
CA ALA A 225 -23.69 -4.60 -21.26
C ALA A 225 -23.26 -4.76 -19.81
N GLU A 226 -22.08 -5.36 -19.62
CA GLU A 226 -21.55 -5.58 -18.27
C GLU A 226 -21.59 -4.29 -17.46
N GLU A 227 -20.96 -3.24 -17.98
CA GLU A 227 -20.80 -2.01 -17.23
C GLU A 227 -22.13 -1.38 -16.83
N LEU A 228 -23.16 -1.70 -17.60
CA LEU A 228 -24.51 -1.22 -17.29
C LEU A 228 -25.21 -2.24 -16.39
N LYS A 229 -24.86 -3.51 -16.56
CA LYS A 229 -25.47 -4.57 -15.77
C LYS A 229 -25.31 -4.33 -14.27
N GLU A 230 -24.32 -3.53 -13.90
CA GLU A 230 -24.07 -3.27 -12.48
C GLU A 230 -24.28 -1.81 -12.08
N LYS A 231 -24.09 -0.91 -13.05
CA LYS A 231 -24.44 0.50 -12.85
C LYS A 231 -25.89 0.55 -12.40
N TYR A 232 -26.69 -0.38 -12.93
CA TYR A 232 -28.09 -0.47 -12.60
C TYR A 232 -28.28 -0.96 -11.17
N LYS A 233 -27.60 -2.05 -10.84
CA LYS A 233 -27.62 -2.60 -9.48
C LYS A 233 -27.53 -1.47 -8.46
N GLU A 234 -26.76 -0.45 -8.81
CA GLU A 234 -26.53 0.66 -7.91
C GLU A 234 -27.67 1.66 -7.94
N THR A 249 -15.35 4.47 6.52
CA THR A 249 -16.18 5.67 6.42
C THR A 249 -17.52 5.45 7.14
N PRO A 250 -17.46 5.22 8.46
CA PRO A 250 -18.56 4.78 9.35
C PRO A 250 -19.27 5.82 10.21
N ASN A 251 -18.48 6.55 10.99
CA ASN A 251 -18.92 7.27 12.20
C ASN A 251 -18.96 6.32 13.39
N ILE A 252 -18.85 6.88 14.60
CA ILE A 252 -18.72 6.09 15.81
C ILE A 252 -19.54 6.72 16.92
N ASP A 253 -19.78 8.02 16.81
CA ASP A 253 -20.59 8.72 17.80
C ASP A 253 -22.08 8.53 17.47
N GLY A 254 -22.33 8.12 16.23
CA GLY A 254 -23.70 7.96 15.78
C GLY A 254 -24.17 6.53 15.94
N PRO A 255 -25.44 6.24 15.62
CA PRO A 255 -26.05 4.93 15.87
C PRO A 255 -25.52 3.79 15.00
N ASN A 256 -24.82 4.13 13.91
CA ASN A 256 -24.47 3.11 12.92
C ASN A 256 -23.01 2.70 12.98
N ALA A 257 -22.38 2.99 14.11
CA ALA A 257 -20.97 2.67 14.33
C ALA A 257 -20.69 1.18 14.14
N LYS A 258 -20.33 0.80 12.92
CA LYS A 258 -19.84 -0.55 12.69
C LYS A 258 -18.77 -0.94 13.71
N SER A 259 -18.43 -2.22 13.73
CA SER A 259 -17.22 -2.66 14.38
C SER A 259 -16.17 -2.83 13.28
N VAL A 260 -15.04 -2.16 13.41
CA VAL A 260 -14.02 -2.17 12.36
C VAL A 260 -12.58 -2.21 12.86
N GLN A 261 -11.67 -2.49 11.93
CA GLN A 261 -10.23 -2.38 12.12
C GLN A 261 -9.89 -1.09 12.88
N ARG A 262 -8.68 -1.01 13.43
CA ARG A 262 -8.26 0.22 14.10
C ARG A 262 -7.74 1.24 13.09
N GLU A 263 -7.10 0.77 12.03
CA GLU A 263 -6.59 1.64 10.98
C GLU A 263 -7.70 2.10 10.05
N GLN A 264 -8.94 1.79 10.42
CA GLN A 264 -10.06 2.21 9.61
C GLN A 264 -10.94 3.15 10.42
N SER A 265 -10.70 3.21 11.72
CA SER A 265 -11.36 4.16 12.61
C SER A 265 -10.57 5.45 12.67
N LEU A 266 -9.26 5.34 12.47
CA LEU A 266 -8.35 6.48 12.55
C LEU A 266 -7.92 6.99 11.16
N HIS A 267 -8.50 6.42 10.11
CA HIS A 267 -8.11 6.73 8.74
C HIS A 267 -8.24 8.19 8.36
N SER A 268 -9.44 8.74 8.51
CA SER A 268 -9.69 10.15 8.20
C SER A 268 -8.68 11.02 8.92
N PHE A 269 -8.29 10.63 10.12
CA PHE A 269 -7.35 11.40 10.91
C PHE A 269 -5.92 11.24 10.41
N HIS A 270 -5.52 9.99 10.18
CA HIS A 270 -4.14 9.65 9.85
C HIS A 270 -3.69 10.33 8.57
N THR A 271 -4.50 10.19 7.51
CA THR A 271 -4.13 10.74 6.21
C THR A 271 -4.21 12.27 6.22
N LEU A 272 -5.31 12.75 6.78
CA LEU A 272 -5.80 14.09 6.53
C LEU A 272 -5.30 15.06 7.59
N PHE A 273 -4.12 14.80 8.13
CA PHE A 273 -3.61 15.62 9.24
C PHE A 273 -2.13 15.95 9.04
N CYS A 274 -1.77 17.20 9.36
CA CYS A 274 -0.39 17.63 9.14
C CYS A 274 0.46 17.55 10.41
N ARG A 275 1.35 16.57 10.44
CA ARG A 275 2.23 16.38 11.57
C ARG A 275 3.03 17.65 11.78
N ARG A 276 3.12 18.46 10.72
CA ARG A 276 3.92 19.68 10.69
C ARG A 276 3.27 20.93 11.27
N CYS A 277 2.05 21.26 10.84
CA CYS A 277 1.37 22.37 11.47
C CYS A 277 0.29 22.02 12.47
N PHE A 278 0.04 20.74 12.69
CA PHE A 278 -0.94 20.30 13.70
C PHE A 278 -2.35 20.73 13.34
N LYS A 279 -2.67 20.59 12.06
CA LYS A 279 -3.98 21.00 11.54
C LYS A 279 -4.49 19.93 10.60
N TYR A 280 -5.80 19.89 10.40
CA TYR A 280 -6.36 18.90 9.51
C TYR A 280 -6.62 19.52 8.15
N ASP A 281 -6.05 18.90 7.13
CA ASP A 281 -6.15 19.41 5.76
C ASP A 281 -5.57 20.80 5.75
N CYS A 282 -4.28 20.90 6.04
CA CYS A 282 -3.67 22.20 6.30
C CYS A 282 -3.52 22.96 5.01
N PHE A 283 -3.16 24.22 5.13
CA PHE A 283 -3.19 25.13 4.00
C PHE A 283 -1.79 25.35 3.43
N LEU A 284 -0.87 24.44 3.69
CA LEU A 284 0.53 24.71 3.41
C LEU A 284 1.30 23.49 2.92
N HIS A 285 0.76 22.30 3.15
CA HIS A 285 1.50 21.05 2.99
C HIS A 285 0.68 19.95 2.30
N PRO A 286 0.82 19.84 0.97
CA PRO A 286 0.03 18.98 0.08
C PRO A 286 0.40 17.49 0.13
N PHE A 287 1.69 17.20 0.31
CA PHE A 287 2.14 15.81 0.36
C PHE A 287 1.57 15.07 1.57
N HIS A 288 1.04 13.89 1.33
CA HIS A 288 0.48 13.10 2.42
C HIS A 288 1.59 12.46 3.26
N ALA A 289 1.36 12.42 4.57
CA ALA A 289 2.35 11.88 5.51
C ALA A 289 2.54 10.38 5.34
N THR A 290 3.79 9.95 5.19
CA THR A 290 4.08 8.53 4.95
C THR A 290 3.58 7.68 6.11
N PRO A 291 3.42 6.37 5.87
CA PRO A 291 2.80 5.51 6.89
C PRO A 291 3.52 5.61 8.23
N ASN A 292 4.85 5.63 8.17
CA ASN A 292 5.70 5.58 9.35
C ASN A 292 5.59 6.81 10.24
N THR A 293 5.02 7.89 9.71
CA THR A 293 4.90 9.13 10.46
C THR A 293 3.77 9.08 11.49
N TYR A 294 2.91 8.06 11.40
CA TYR A 294 1.97 7.77 12.48
C TYR A 294 2.06 6.35 13.05
N LYS A 295 3.26 5.98 13.48
CA LYS A 295 3.48 4.83 14.35
C LYS A 295 4.71 5.15 15.17
N ARG A 296 4.73 4.75 16.44
CA ARG A 296 5.72 5.29 17.36
C ARG A 296 6.81 4.32 17.76
N TRP A 333 -20.80 -6.68 21.99
CA TRP A 333 -20.93 -5.23 22.08
C TRP A 333 -21.34 -4.62 20.73
N SER A 334 -21.49 -3.29 20.71
CA SER A 334 -21.68 -2.53 19.48
C SER A 334 -20.34 -2.06 18.96
N GLY A 335 -20.30 -1.69 17.68
CA GLY A 335 -19.07 -1.18 17.10
C GLY A 335 -18.41 -0.14 17.98
N ALA A 336 -19.21 0.83 18.44
CA ALA A 336 -18.70 1.92 19.27
C ALA A 336 -17.78 1.39 20.35
N GLU A 337 -17.98 0.13 20.72
CA GLU A 337 -17.19 -0.47 21.78
C GLU A 337 -16.08 -1.37 21.20
N ALA A 338 -16.44 -2.19 20.21
CA ALA A 338 -15.49 -3.12 19.60
C ALA A 338 -14.40 -2.37 18.85
N SER A 339 -14.81 -1.35 18.12
CA SER A 339 -13.88 -0.47 17.44
C SER A 339 -12.97 0.19 18.45
N MET A 340 -13.55 1.00 19.34
CA MET A 340 -12.76 1.72 20.32
C MET A 340 -11.81 0.76 21.02
N PHE A 341 -12.15 -0.51 21.01
CA PHE A 341 -11.29 -1.54 21.60
C PHE A 341 -10.10 -1.81 20.70
N ARG A 342 -10.39 -2.23 19.46
CA ARG A 342 -9.34 -2.59 18.51
C ARG A 342 -8.44 -1.41 18.20
N VAL A 343 -8.86 -0.23 18.64
CA VAL A 343 -8.09 0.99 18.47
C VAL A 343 -7.22 1.20 19.69
N LEU A 344 -7.85 1.17 20.86
CA LEU A 344 -7.18 1.46 22.13
C LEU A 344 -6.06 0.46 22.48
N ILE A 345 -6.19 -0.75 21.95
CA ILE A 345 -5.18 -1.77 22.19
C ILE A 345 -3.94 -1.49 21.37
N GLY A 346 -4.14 -0.85 20.22
CA GLY A 346 -2.99 -0.41 19.45
C GLY A 346 -2.12 0.58 20.20
N THR A 347 -2.72 1.28 21.16
CA THR A 347 -2.02 2.34 21.86
C THR A 347 -1.67 1.91 23.27
N TYR A 348 -2.51 1.04 23.83
CA TYR A 348 -2.38 0.61 25.21
C TYR A 348 -1.99 -0.85 25.30
N TYR A 349 -2.34 -1.62 24.27
CA TYR A 349 -1.89 -3.00 24.15
C TYR A 349 -2.65 -4.00 25.01
N ASP A 350 -2.19 -4.22 26.23
CA ASP A 350 -2.81 -5.22 27.08
C ASP A 350 -3.22 -4.69 28.45
N ASN A 351 -2.87 -3.45 28.77
CA ASN A 351 -3.29 -2.84 30.03
C ASN A 351 -4.79 -2.52 30.00
N PHE A 352 -5.61 -3.56 30.12
CA PHE A 352 -7.04 -3.41 30.05
C PHE A 352 -7.57 -2.57 31.23
N CYS A 353 -6.80 -2.49 32.30
CA CYS A 353 -7.16 -1.62 33.43
C CYS A 353 -7.46 -0.23 32.89
N ALA A 354 -6.57 0.23 32.01
CA ALA A 354 -6.73 1.52 31.35
C ALA A 354 -7.65 1.44 30.13
N ILE A 355 -7.51 0.39 29.32
CA ILE A 355 -8.39 0.20 28.17
C ILE A 355 -9.83 0.26 28.60
N ALA A 356 -10.06 -0.03 29.88
CA ALA A 356 -11.42 -0.01 30.43
C ALA A 356 -11.77 1.41 30.81
N ARG A 357 -10.88 2.02 31.61
CA ARG A 357 -11.09 3.38 32.08
C ARG A 357 -11.46 4.28 30.91
N LEU A 358 -10.86 4.03 29.75
CA LEU A 358 -11.15 4.84 28.56
C LEU A 358 -12.41 4.37 27.83
N ILE A 359 -12.48 3.09 27.46
CA ILE A 359 -13.65 2.58 26.75
C ILE A 359 -14.94 2.93 27.50
N GLY A 360 -14.80 3.26 28.79
CA GLY A 360 -15.92 3.76 29.55
C GLY A 360 -16.72 2.68 30.26
N THR A 361 -17.64 2.07 29.52
CA THR A 361 -18.50 1.06 30.08
C THR A 361 -18.04 -0.35 29.70
N LYS A 362 -16.87 -0.72 30.23
CA LYS A 362 -16.45 -2.10 30.36
C LYS A 362 -15.49 -2.16 31.55
N THR A 363 -14.87 -3.31 31.77
CA THR A 363 -14.24 -3.55 33.06
C THR A 363 -12.84 -4.17 32.98
N CYS A 364 -12.04 -3.88 34.01
CA CYS A 364 -10.67 -4.40 34.12
C CYS A 364 -10.72 -5.87 33.81
N ARG A 365 -11.92 -6.43 33.93
CA ARG A 365 -12.27 -7.73 33.37
C ARG A 365 -12.71 -7.55 31.92
N GLN A 366 -14.03 -7.41 31.72
CA GLN A 366 -14.67 -7.58 30.42
C GLN A 366 -13.82 -7.32 29.20
N VAL A 367 -12.94 -6.34 29.29
CA VAL A 367 -12.02 -6.06 28.19
C VAL A 367 -11.05 -7.24 28.04
N TYR A 368 -10.59 -7.75 29.17
CA TYR A 368 -9.74 -8.94 29.21
C TYR A 368 -10.39 -10.08 28.45
N GLU A 369 -11.72 -10.15 28.57
CA GLU A 369 -12.49 -11.24 27.99
C GLU A 369 -12.72 -11.00 26.50
N PHE A 370 -13.15 -9.79 26.16
CA PHE A 370 -13.31 -9.41 24.76
C PHE A 370 -11.98 -9.62 24.04
N ARG A 371 -10.89 -9.48 24.79
CA ARG A 371 -9.55 -9.68 24.25
C ARG A 371 -9.41 -11.00 23.50
N VAL A 372 -9.76 -12.10 24.17
CA VAL A 372 -9.31 -13.40 23.74
C VAL A 372 -10.03 -13.93 22.51
N LYS A 373 -11.28 -13.54 22.33
CA LYS A 373 -11.98 -13.90 21.12
C LYS A 373 -11.52 -13.03 19.94
N VAL A 414 18.72 25.71 -4.36
CA VAL A 414 18.03 25.52 -3.09
C VAL A 414 16.73 24.75 -3.27
N TYR A 415 16.69 23.52 -2.79
CA TYR A 415 15.52 22.67 -2.99
C TYR A 415 14.59 22.64 -1.80
N ASN A 416 13.30 22.51 -2.08
CA ASN A 416 12.32 22.57 -1.02
C ASN A 416 12.48 21.33 -0.15
N TYR A 417 12.13 21.45 1.12
CA TYR A 417 12.27 20.30 2.02
C TYR A 417 10.98 19.50 2.16
N GLN A 418 11.16 18.19 2.09
CA GLN A 418 10.09 17.23 2.30
C GLN A 418 10.74 16.13 3.13
N PRO A 419 10.06 15.63 4.18
CA PRO A 419 10.59 14.62 5.09
C PRO A 419 10.89 13.31 4.37
N CYS A 420 11.92 12.59 4.81
CA CYS A 420 12.33 11.37 4.12
C CYS A 420 11.82 10.14 4.88
N ASP A 421 11.47 9.11 4.12
CA ASP A 421 10.95 7.89 4.71
C ASP A 421 11.43 6.70 3.91
N HIS A 422 12.64 6.26 4.22
CA HIS A 422 13.22 5.09 3.59
C HIS A 422 13.62 4.10 4.67
N PRO A 423 12.71 3.18 5.04
CA PRO A 423 12.99 2.31 6.18
C PRO A 423 14.19 1.41 5.90
N ARG A 424 14.98 1.15 6.93
CA ARG A 424 16.13 0.26 6.84
C ARG A 424 17.13 0.71 5.78
N GLN A 425 17.11 2.01 5.50
CA GLN A 425 18.07 2.63 4.59
C GLN A 425 18.71 3.84 5.27
N PRO A 426 20.04 3.87 5.32
CA PRO A 426 20.76 5.01 5.89
C PRO A 426 20.63 6.27 5.01
N CYS A 427 20.69 7.44 5.64
CA CYS A 427 20.66 8.68 4.91
C CYS A 427 21.98 8.92 4.20
N ASP A 428 22.22 8.15 3.15
CA ASP A 428 23.39 8.33 2.29
C ASP A 428 23.02 8.95 0.93
N ASN A 429 23.81 8.64 -0.09
CA ASN A 429 23.76 9.34 -1.37
C ASN A 429 22.47 9.09 -2.15
N SER A 430 21.63 8.21 -1.63
CA SER A 430 20.38 7.85 -2.30
C SER A 430 19.19 8.50 -1.59
N CYS A 431 19.47 9.10 -0.44
CA CYS A 431 18.44 9.78 0.32
C CYS A 431 18.06 11.12 -0.30
N PRO A 432 16.75 11.39 -0.44
CA PRO A 432 16.24 12.61 -1.06
C PRO A 432 16.76 13.91 -0.42
N CYS A 433 16.87 13.91 0.90
CA CYS A 433 17.31 15.10 1.62
C CYS A 433 18.76 15.43 1.29
N VAL A 434 19.60 14.41 1.27
CA VAL A 434 21.02 14.58 1.00
C VAL A 434 21.27 14.89 -0.45
N ILE A 435 20.44 14.34 -1.34
CA ILE A 435 20.51 14.66 -2.77
C ILE A 435 20.07 16.10 -3.01
N ALA A 436 19.08 16.54 -2.25
CA ALA A 436 18.49 17.85 -2.43
C ALA A 436 19.27 18.92 -1.68
N GLN A 437 20.35 18.50 -1.02
CA GLN A 437 21.23 19.44 -0.34
C GLN A 437 20.56 20.06 0.89
N ASN A 438 19.67 19.31 1.55
CA ASN A 438 19.02 19.80 2.78
C ASN A 438 19.40 18.97 3.98
N PHE A 439 19.29 19.56 5.17
CA PHE A 439 19.40 18.79 6.41
C PHE A 439 18.10 18.03 6.64
N CYS A 440 18.20 16.80 7.15
CA CYS A 440 17.02 16.11 7.64
C CYS A 440 16.54 16.90 8.85
N GLU A 441 15.23 16.94 9.05
CA GLU A 441 14.64 17.75 10.11
C GLU A 441 13.93 16.83 11.08
N LYS A 442 13.26 17.39 12.08
CA LYS A 442 12.59 16.52 13.02
C LYS A 442 11.50 15.70 12.34
N PHE A 443 10.90 16.23 11.28
CA PHE A 443 9.77 15.56 10.65
C PHE A 443 10.20 14.33 9.86
N CYS A 444 11.50 14.13 9.72
CA CYS A 444 11.99 13.01 8.94
C CYS A 444 11.83 11.74 9.76
N GLN A 445 11.61 10.62 9.06
CA GLN A 445 11.40 9.32 9.69
C GLN A 445 12.67 8.50 9.76
N CYS A 446 13.82 9.14 9.65
CA CYS A 446 15.10 8.43 9.67
C CYS A 446 15.56 8.24 11.12
N SER A 447 16.64 7.49 11.30
CA SER A 447 17.18 7.24 12.63
C SER A 447 17.28 8.55 13.41
N SER A 448 17.37 8.47 14.73
CA SER A 448 17.65 9.66 15.51
C SER A 448 19.14 9.91 15.47
N GLU A 449 19.89 8.87 15.14
CA GLU A 449 21.33 8.98 15.00
C GLU A 449 21.71 9.69 13.70
N CYS A 450 20.70 9.97 12.87
CA CYS A 450 20.96 10.41 11.50
C CYS A 450 22.05 11.48 11.47
N GLN A 451 23.08 11.25 10.67
CA GLN A 451 24.20 12.19 10.62
C GLN A 451 23.79 13.49 9.94
N ASN A 452 22.59 13.52 9.35
CA ASN A 452 22.18 14.63 8.50
C ASN A 452 21.13 15.53 9.16
N ARG A 453 20.71 15.18 10.37
CA ARG A 453 19.75 16.00 11.10
C ARG A 453 20.44 17.30 11.48
N PHE A 454 19.67 18.37 11.65
CA PHE A 454 20.30 19.59 12.14
C PHE A 454 20.11 19.63 13.63
N PRO A 455 21.22 19.78 14.35
CA PRO A 455 21.32 19.73 15.81
C PRO A 455 20.51 20.80 16.51
N GLY A 456 20.47 21.99 15.93
CA GLY A 456 19.98 23.13 16.68
C GLY A 456 21.16 23.85 17.30
N CYS A 457 20.92 24.98 17.96
CA CYS A 457 22.01 25.64 18.65
C CYS A 457 21.87 25.50 20.17
N ARG A 458 22.99 25.57 20.86
CA ARG A 458 23.02 25.61 22.32
C ARG A 458 23.39 26.99 22.83
N CYS A 459 23.20 28.01 22.00
CA CYS A 459 23.42 29.38 22.41
C CYS A 459 22.71 29.64 23.73
N LYS A 460 23.07 30.74 24.37
CA LYS A 460 22.47 31.12 25.63
C LYS A 460 21.47 32.22 25.35
N ALA A 461 21.76 33.01 24.32
CA ALA A 461 20.87 34.08 23.89
C ALA A 461 21.33 34.69 22.56
N GLN A 462 20.57 35.67 22.08
CA GLN A 462 20.90 36.39 20.86
C GLN A 462 20.64 35.56 19.59
N CYS A 463 21.68 34.88 19.11
CA CYS A 463 21.60 34.02 17.92
C CYS A 463 21.54 34.76 16.57
N ASN A 464 22.12 35.95 16.53
CA ASN A 464 22.10 36.77 15.32
C ASN A 464 23.49 36.97 14.71
N THR A 465 24.37 36.00 14.90
CA THR A 465 25.73 36.12 14.38
C THR A 465 26.23 34.78 13.88
N LYS A 466 27.37 34.78 13.18
CA LYS A 466 27.95 33.56 12.66
C LYS A 466 28.36 32.65 13.81
N GLN A 467 28.36 33.20 15.02
CA GLN A 467 28.72 32.42 16.21
C GLN A 467 27.72 31.26 16.37
N CYS A 468 26.45 31.55 16.09
CA CYS A 468 25.36 30.57 16.23
C CYS A 468 25.12 29.78 14.96
N PRO A 469 25.19 28.45 15.05
CA PRO A 469 25.17 27.57 13.88
C PRO A 469 23.89 27.66 13.07
N CYS A 470 22.79 27.98 13.75
CA CYS A 470 21.50 28.08 13.08
C CYS A 470 21.50 29.28 12.14
N TYR A 471 21.78 30.45 12.70
CA TYR A 471 21.88 31.71 11.95
C TYR A 471 22.87 31.58 10.80
N LEU A 472 23.98 30.91 11.08
CA LEU A 472 25.02 30.71 10.09
C LEU A 472 24.48 29.98 8.89
N ALA A 473 23.69 28.92 9.14
CA ALA A 473 23.18 28.07 8.07
C ALA A 473 21.86 28.63 7.56
N VAL A 474 21.65 29.90 7.84
CA VAL A 474 20.46 30.62 7.40
C VAL A 474 19.20 29.85 7.81
N ARG A 475 19.12 29.49 9.09
CA ARG A 475 17.93 28.86 9.67
C ARG A 475 17.46 29.72 10.84
N GLU A 476 16.16 29.77 11.07
CA GLU A 476 15.69 30.25 12.35
C GLU A 476 15.87 29.13 13.37
N CYS A 477 15.79 29.47 14.64
CA CYS A 477 15.91 28.45 15.65
C CYS A 477 14.66 27.58 15.60
N ASP A 478 14.81 26.35 16.07
CA ASP A 478 13.73 25.36 16.09
C ASP A 478 13.30 25.16 17.54
N PRO A 479 12.02 25.45 17.87
CA PRO A 479 11.55 25.38 19.25
C PRO A 479 11.63 23.97 19.88
N ASP A 480 12.08 23.01 19.11
CA ASP A 480 12.18 21.66 19.59
C ASP A 480 13.61 21.11 19.48
N LEU A 481 14.59 21.99 19.32
CA LEU A 481 16.00 21.58 19.27
C LEU A 481 16.91 22.58 19.96
N CYS A 482 16.53 23.86 19.87
CA CYS A 482 17.32 24.94 20.43
C CYS A 482 16.73 25.23 21.79
N LEU A 483 17.05 24.38 22.75
CA LEU A 483 16.33 24.31 24.01
C LEU A 483 16.87 25.35 24.96
N THR A 484 17.93 26.03 24.56
CA THR A 484 18.70 26.82 25.48
C THR A 484 18.72 28.32 25.18
N CYS A 485 18.42 28.72 23.93
CA CYS A 485 18.53 30.14 23.55
C CYS A 485 17.28 30.95 23.87
N GLY A 486 16.18 30.27 24.14
CA GLY A 486 14.99 30.97 24.58
C GLY A 486 13.93 30.81 23.52
N ALA A 487 14.26 30.00 22.53
CA ALA A 487 13.45 29.91 21.34
C ALA A 487 12.23 29.04 21.59
N ALA A 488 12.34 28.15 22.57
CA ALA A 488 11.30 27.17 22.80
C ALA A 488 10.40 27.53 23.98
N ASP A 489 10.68 28.62 24.65
CA ASP A 489 9.89 29.00 25.82
C ASP A 489 9.16 30.32 25.57
N HIS A 490 8.26 30.68 26.47
CA HIS A 490 7.64 32.00 26.47
C HIS A 490 6.78 32.28 25.25
N TRP A 491 5.86 31.37 24.96
CA TRP A 491 4.90 31.59 23.89
C TRP A 491 3.97 32.74 24.28
N ASP A 492 4.54 33.75 24.93
CA ASP A 492 3.78 34.85 25.49
C ASP A 492 4.15 36.14 24.75
N SER A 493 5.44 36.44 24.70
CA SER A 493 5.91 37.63 24.00
C SER A 493 6.64 37.26 22.70
N LYS A 494 6.74 38.24 21.81
CA LYS A 494 7.48 38.06 20.57
C LYS A 494 8.84 38.70 20.72
N ASN A 495 9.04 39.37 21.86
CA ASN A 495 10.38 39.73 22.33
C ASN A 495 10.84 38.65 23.32
N VAL A 496 11.98 38.04 23.02
CA VAL A 496 12.45 36.88 23.74
C VAL A 496 13.96 36.79 23.58
N SER A 497 14.60 36.09 24.51
CA SER A 497 16.04 35.93 24.51
C SER A 497 16.60 35.72 23.11
N CYS A 498 15.88 34.96 22.29
CA CYS A 498 16.40 34.49 21.02
C CYS A 498 15.88 35.34 19.87
N LYS A 499 16.76 36.18 19.32
CA LYS A 499 16.36 37.10 18.28
C LYS A 499 16.18 36.45 16.90
N ASN A 500 16.27 35.12 16.84
CA ASN A 500 16.28 34.43 15.56
C ASN A 500 15.03 33.58 15.32
N CYS A 501 13.89 34.00 15.87
CA CYS A 501 12.66 33.30 15.57
C CYS A 501 11.53 34.27 15.28
N SER A 502 11.86 35.41 14.69
CA SER A 502 10.86 36.44 14.41
C SER A 502 9.81 35.96 13.43
N ILE A 503 10.20 35.16 12.45
CA ILE A 503 9.24 34.73 11.43
C ILE A 503 8.22 33.76 12.02
N GLN A 504 8.70 32.64 12.56
CA GLN A 504 7.81 31.57 13.05
C GLN A 504 6.82 32.05 14.12
N ARG A 505 7.26 32.94 14.99
CA ARG A 505 6.39 33.49 16.02
C ARG A 505 5.61 34.66 15.45
N GLY A 506 6.04 35.11 14.27
CA GLY A 506 5.31 36.12 13.54
C GLY A 506 5.36 37.50 14.16
N SER A 507 6.53 37.94 14.61
CA SER A 507 6.63 39.24 15.28
C SER A 507 6.97 40.40 14.33
N LYS A 508 6.05 40.68 13.41
CA LYS A 508 6.23 41.77 12.43
C LYS A 508 6.09 43.16 13.11
N LYS A 509 6.59 44.18 12.42
CA LYS A 509 6.55 45.56 12.91
C LYS A 509 5.32 46.28 12.36
N HIS A 510 4.78 47.24 13.09
CA HIS A 510 3.64 47.95 12.57
C HIS A 510 4.03 48.68 11.28
N LEU A 511 3.23 48.51 10.22
CA LEU A 511 3.47 49.17 8.94
C LEU A 511 2.30 50.09 8.60
N LEU A 512 2.57 51.14 7.84
CA LEU A 512 1.54 52.08 7.39
C LEU A 512 1.49 52.21 5.88
N LEU A 513 0.28 52.34 5.36
CA LEU A 513 0.06 52.36 3.93
C LEU A 513 -0.48 53.70 3.49
N ALA A 514 0.21 54.31 2.54
CA ALA A 514 -0.18 55.60 1.99
C ALA A 514 0.39 55.65 0.58
N PRO A 515 -0.15 56.54 -0.28
CA PRO A 515 0.34 56.61 -1.66
C PRO A 515 1.84 56.82 -1.66
N SER A 516 2.53 56.12 -2.54
CA SER A 516 3.99 56.07 -2.54
C SER A 516 4.49 57.47 -2.82
N ASP A 517 5.77 57.71 -2.57
CA ASP A 517 6.36 58.94 -3.08
C ASP A 517 6.90 58.73 -4.48
N VAL A 518 7.19 57.49 -4.87
CA VAL A 518 7.53 57.25 -6.27
C VAL A 518 6.28 57.00 -7.10
N ALA A 519 5.64 55.84 -6.94
CA ALA A 519 4.44 55.54 -7.72
C ALA A 519 3.45 54.62 -6.99
N GLY A 520 2.17 54.73 -7.31
CA GLY A 520 1.21 53.76 -6.81
C GLY A 520 1.07 53.86 -5.30
N TRP A 521 0.87 52.73 -4.64
CA TRP A 521 0.91 52.61 -3.17
C TRP A 521 2.30 52.22 -2.64
N GLY A 522 2.68 52.76 -1.50
CA GLY A 522 3.93 52.38 -0.86
C GLY A 522 3.73 51.99 0.60
N ILE A 523 4.79 51.59 1.29
CA ILE A 523 4.61 51.22 2.69
C ILE A 523 5.60 51.90 3.63
N PHE A 524 5.10 52.39 4.75
CA PHE A 524 5.93 53.16 5.67
C PHE A 524 6.04 52.51 7.05
N ILE A 525 7.24 52.48 7.61
CA ILE A 525 7.40 51.86 8.92
C ILE A 525 7.02 52.87 9.97
N LYS A 526 6.43 52.42 11.07
CA LYS A 526 5.81 53.36 12.01
C LYS A 526 6.73 53.68 13.16
N ASP A 527 7.60 52.74 13.48
CA ASP A 527 8.56 52.94 14.56
C ASP A 527 9.92 52.59 14.03
N PRO A 528 10.98 53.15 14.64
CA PRO A 528 12.35 53.02 14.11
C PRO A 528 12.73 51.57 13.99
N VAL A 529 13.96 51.32 13.56
CA VAL A 529 14.38 49.97 13.25
C VAL A 529 15.87 49.99 12.97
N GLN A 530 16.60 49.08 13.62
CA GLN A 530 18.06 49.06 13.55
C GLN A 530 18.51 48.37 12.27
N LYS A 531 19.75 48.56 11.88
CA LYS A 531 20.30 47.78 10.77
C LYS A 531 20.01 46.31 10.99
N ASN A 532 19.81 45.57 9.91
CA ASN A 532 19.58 44.12 9.97
C ASN A 532 18.42 43.61 10.81
N GLU A 533 17.57 44.49 11.32
CA GLU A 533 16.43 44.04 12.12
C GLU A 533 15.36 43.49 11.21
N PHE A 534 14.60 42.53 11.71
CA PHE A 534 13.49 41.96 10.96
C PHE A 534 12.31 42.95 10.93
N ILE A 535 11.67 43.08 9.77
CA ILE A 535 10.54 44.00 9.60
C ILE A 535 9.23 43.24 9.37
N SER A 536 9.21 42.35 8.39
CA SER A 536 8.06 41.47 8.17
C SER A 536 8.33 40.28 7.27
N GLU A 537 7.44 39.29 7.28
CA GLU A 537 7.55 38.21 6.33
C GLU A 537 6.86 38.70 5.07
N TYR A 538 7.36 38.32 3.91
CA TYR A 538 6.67 38.59 2.67
C TYR A 538 5.83 37.36 2.38
N CYS A 539 4.51 37.48 2.49
CA CYS A 539 3.62 36.33 2.36
C CYS A 539 2.75 36.39 1.13
N GLY A 540 2.41 35.22 0.61
CA GLY A 540 1.45 35.14 -0.49
C GLY A 540 1.05 33.70 -0.71
N GLU A 541 0.56 33.36 -1.90
CA GLU A 541 0.27 31.95 -2.20
C GLU A 541 1.51 31.22 -2.73
N ILE A 542 1.67 29.97 -2.32
CA ILE A 542 2.73 29.13 -2.87
C ILE A 542 2.14 28.44 -4.09
N ILE A 543 2.88 28.44 -5.18
CA ILE A 543 2.38 27.85 -6.41
C ILE A 543 3.55 27.24 -7.14
N SER A 544 3.27 26.23 -7.96
CA SER A 544 4.29 25.51 -8.69
C SER A 544 4.92 26.48 -9.65
N GLN A 545 6.08 26.13 -10.17
CA GLN A 545 6.76 26.97 -11.14
C GLN A 545 5.94 27.12 -12.42
N ASP A 546 5.09 26.14 -12.70
CA ASP A 546 4.26 26.18 -13.89
C ASP A 546 3.06 27.10 -13.70
N GLU A 547 2.45 27.05 -12.52
CA GLU A 547 1.37 27.97 -12.24
C GLU A 547 1.86 29.41 -12.40
N ALA A 548 3.07 29.67 -11.92
CA ALA A 548 3.65 30.99 -12.05
C ALA A 548 3.80 31.39 -13.50
N ASP A 549 3.98 30.41 -14.37
CA ASP A 549 4.06 30.67 -15.80
C ASP A 549 2.72 31.17 -16.32
N ARG A 550 1.80 30.22 -16.39
CA ARG A 550 0.42 30.50 -16.68
C ARG A 550 -0.04 31.84 -16.14
N ARG A 551 0.36 32.16 -14.92
CA ARG A 551 -0.14 33.37 -14.25
C ARG A 551 0.59 34.59 -14.77
N GLY A 552 1.88 34.43 -15.04
CA GLY A 552 2.68 35.54 -15.53
C GLY A 552 2.28 35.96 -16.93
N LYS A 553 1.60 35.07 -17.66
CA LYS A 553 1.06 35.43 -18.96
C LYS A 553 -0.04 36.47 -18.72
N VAL A 554 -1.01 36.15 -17.87
CA VAL A 554 -2.03 37.13 -17.48
C VAL A 554 -1.49 38.41 -16.83
N TYR A 555 -0.35 38.32 -16.14
CA TYR A 555 0.16 39.47 -15.41
C TYR A 555 0.84 40.49 -16.33
N ASP A 556 1.63 40.01 -17.29
CA ASP A 556 2.39 40.92 -18.15
C ASP A 556 1.50 42.02 -18.72
N LYS A 557 0.23 41.72 -18.97
CA LYS A 557 -0.72 42.75 -19.42
C LYS A 557 -0.53 44.01 -18.60
N TYR A 558 -0.16 43.86 -17.33
CA TYR A 558 -0.22 44.98 -16.41
C TYR A 558 1.13 45.66 -16.23
N MET A 559 2.16 45.12 -16.86
CA MET A 559 3.51 45.65 -16.64
C MET A 559 3.71 45.69 -15.14
N CYS A 560 3.54 44.52 -14.52
CA CYS A 560 3.40 44.37 -13.08
C CYS A 560 3.70 42.93 -12.71
N SER A 561 3.96 42.68 -11.43
CA SER A 561 4.29 41.34 -10.97
C SER A 561 4.50 41.38 -9.47
N PHE A 562 3.88 40.43 -8.78
CA PHE A 562 4.16 40.28 -7.38
C PHE A 562 4.47 38.82 -7.14
N LEU A 563 5.10 38.21 -8.13
CA LEU A 563 5.71 36.89 -8.00
C LEU A 563 7.08 37.04 -7.38
N PHE A 564 7.45 36.09 -6.53
CA PHE A 564 8.79 36.09 -5.94
C PHE A 564 9.24 34.68 -5.64
N ASN A 565 10.32 34.25 -6.29
CA ASN A 565 10.76 32.89 -6.13
C ASN A 565 11.02 32.53 -4.68
N LEU A 566 10.58 31.33 -4.31
CA LEU A 566 10.80 30.80 -2.98
C LEU A 566 11.95 29.83 -3.03
N ASN A 567 11.94 28.97 -4.04
CA ASN A 567 12.98 27.98 -4.27
C ASN A 567 12.71 27.34 -5.62
N ASN A 568 13.43 26.26 -5.90
CA ASN A 568 13.37 25.61 -7.20
C ASN A 568 11.98 25.03 -7.56
N ASP A 569 11.09 24.99 -6.58
CA ASP A 569 9.84 24.28 -6.77
C ASP A 569 8.65 25.17 -6.55
N PHE A 570 8.86 26.29 -5.86
CA PHE A 570 7.73 27.11 -5.48
C PHE A 570 7.96 28.58 -5.60
N VAL A 571 6.92 29.27 -6.04
CA VAL A 571 6.96 30.71 -6.11
C VAL A 571 5.92 31.23 -5.16
N VAL A 572 6.22 32.31 -4.47
CA VAL A 572 5.18 32.95 -3.69
C VAL A 572 4.69 34.19 -4.41
N ASP A 573 3.39 34.23 -4.62
CA ASP A 573 2.72 35.23 -5.44
C ASP A 573 1.79 35.99 -4.48
N ALA A 574 2.03 37.30 -4.35
CA ALA A 574 1.30 38.14 -3.41
C ALA A 574 0.19 38.92 -4.13
N THR A 575 -0.11 38.52 -5.36
CA THR A 575 -1.09 39.24 -6.16
C THR A 575 -2.43 39.15 -5.47
N ARG A 576 -2.90 37.93 -5.19
CA ARG A 576 -4.27 37.69 -4.70
C ARG A 576 -4.39 37.71 -3.17
N LYS A 577 -3.38 37.14 -2.50
CA LYS A 577 -3.29 37.25 -1.05
C LYS A 577 -1.85 37.49 -0.56
N GLY A 578 -1.76 38.18 0.57
CA GLY A 578 -0.48 38.48 1.16
C GLY A 578 -0.71 39.43 2.32
N ASN A 579 0.37 40.03 2.81
CA ASN A 579 0.32 40.97 3.93
C ASN A 579 0.90 42.33 3.53
N LYS A 580 0.91 43.27 4.46
CA LYS A 580 1.19 44.66 4.10
C LYS A 580 2.59 44.95 3.53
N ILE A 581 3.55 44.06 3.69
CA ILE A 581 4.87 44.39 3.17
C ILE A 581 4.95 44.21 1.67
N ARG A 582 3.84 43.76 1.06
CA ARG A 582 3.75 43.68 -0.40
C ARG A 582 3.60 45.04 -1.05
N PHE A 583 3.18 46.03 -0.26
CA PHE A 583 3.14 47.42 -0.70
C PHE A 583 4.50 48.08 -0.59
N ALA A 584 5.55 47.30 -0.46
CA ALA A 584 6.88 47.90 -0.48
C ALA A 584 7.36 47.97 -1.93
N ASN A 585 7.89 49.12 -2.36
CA ASN A 585 8.23 49.27 -3.78
C ASN A 585 9.64 48.87 -4.11
N HIS A 586 9.89 48.66 -5.39
CA HIS A 586 11.23 48.28 -5.85
C HIS A 586 12.15 49.47 -5.96
N SER A 587 13.44 49.20 -5.79
CA SER A 587 14.44 50.22 -5.91
C SER A 587 15.74 49.46 -6.10
N VAL A 588 16.70 50.09 -6.74
CA VAL A 588 18.04 49.52 -6.74
C VAL A 588 18.86 50.16 -5.64
N ASN A 589 18.22 51.06 -4.91
CA ASN A 589 18.83 51.64 -3.73
C ASN A 589 17.90 51.51 -2.54
N PRO A 590 17.67 50.25 -2.08
CA PRO A 590 16.74 49.88 -1.01
C PRO A 590 17.21 50.27 0.41
N ASN A 591 16.28 50.35 1.35
CA ASN A 591 16.64 50.40 2.76
C ASN A 591 16.25 49.10 3.48
N CYS A 592 15.81 48.13 2.68
CA CYS A 592 15.40 46.82 3.19
C CYS A 592 15.94 45.78 2.25
N TYR A 593 16.11 44.56 2.74
CA TYR A 593 16.42 43.43 1.87
C TYR A 593 15.63 42.18 2.23
N ALA A 594 15.61 41.23 1.30
CA ALA A 594 14.86 40.00 1.47
C ALA A 594 15.83 38.84 1.61
N LYS A 595 15.60 38.02 2.63
CA LYS A 595 16.43 36.85 2.90
C LYS A 595 15.41 35.71 3.04
N VAL A 596 15.60 34.65 2.26
CA VAL A 596 14.78 33.47 2.45
C VAL A 596 15.46 32.56 3.43
N MET A 597 14.73 32.20 4.47
CA MET A 597 15.26 31.34 5.50
C MET A 597 14.48 30.06 5.58
N MET A 598 15.15 29.01 6.05
CA MET A 598 14.45 27.79 6.43
C MET A 598 13.87 27.95 7.83
N VAL A 599 12.61 27.56 7.99
CA VAL A 599 11.95 27.77 9.26
C VAL A 599 11.07 26.59 9.64
N ASN A 600 11.66 25.64 10.39
CA ASN A 600 10.97 24.43 10.79
C ASN A 600 10.48 23.71 9.55
N GLY A 601 11.35 23.68 8.55
CA GLY A 601 11.08 22.89 7.37
C GLY A 601 10.26 23.62 6.32
N ASP A 602 10.05 24.92 6.53
CA ASP A 602 9.42 25.75 5.52
C ASP A 602 10.39 26.83 5.10
N HIS A 603 10.51 27.07 3.78
CA HIS A 603 11.19 28.24 3.26
C HIS A 603 10.24 29.41 3.43
N ARG A 604 10.69 30.47 4.07
CA ARG A 604 9.90 31.69 4.16
C ARG A 604 10.74 32.91 3.78
N ILE A 605 10.10 33.97 3.32
CA ILE A 605 10.83 35.18 2.96
C ILE A 605 10.75 36.20 4.08
N GLY A 606 11.90 36.50 4.67
CA GLY A 606 11.96 37.56 5.66
C GLY A 606 12.49 38.87 5.12
N ILE A 607 11.72 39.96 5.27
CA ILE A 607 12.18 41.29 4.90
C ILE A 607 12.91 41.98 6.07
N PHE A 608 14.19 42.29 5.88
CA PHE A 608 15.02 42.91 6.91
C PHE A 608 15.50 44.30 6.48
N ALA A 609 15.61 45.22 7.44
CA ALA A 609 16.20 46.54 7.17
C ALA A 609 17.67 46.43 6.74
N LYS A 610 18.12 47.34 5.89
CA LYS A 610 19.47 47.25 5.36
C LYS A 610 20.42 48.19 6.08
N ARG A 611 19.84 49.23 6.66
CA ARG A 611 20.54 50.21 7.46
C ARG A 611 19.48 50.63 8.45
N ALA A 612 19.85 51.33 9.50
CA ALA A 612 18.85 51.81 10.45
C ALA A 612 17.79 52.56 9.69
N ILE A 613 16.60 52.70 10.27
CA ILE A 613 15.51 53.39 9.60
C ILE A 613 14.63 54.12 10.59
N GLN A 614 14.21 55.33 10.26
CA GLN A 614 13.53 56.16 11.27
C GLN A 614 12.03 56.23 11.10
N THR A 615 11.35 56.75 12.12
CA THR A 615 9.90 56.89 12.10
C THR A 615 9.40 57.45 10.79
N GLY A 616 8.57 56.68 10.10
CA GLY A 616 7.83 57.24 9.00
C GLY A 616 8.48 57.08 7.66
N GLU A 617 9.63 56.42 7.58
CA GLU A 617 10.29 56.27 6.28
C GLU A 617 9.53 55.30 5.35
N GLU A 618 9.68 55.49 4.04
CA GLU A 618 9.14 54.56 3.05
C GLU A 618 10.08 53.37 2.81
N LEU A 619 9.49 52.21 2.54
CA LEU A 619 10.28 50.98 2.52
C LEU A 619 10.45 50.49 1.10
N PHE A 620 11.64 50.00 0.81
CA PHE A 620 11.95 49.56 -0.54
C PHE A 620 12.87 48.37 -0.40
N PHE A 621 12.83 47.47 -1.37
CA PHE A 621 13.90 46.49 -1.50
C PHE A 621 14.05 46.10 -2.96
N ASP A 622 15.14 45.43 -3.28
CA ASP A 622 15.55 45.27 -4.66
C ASP A 622 14.96 44.00 -5.30
N TYR A 623 13.82 44.14 -5.97
CA TYR A 623 13.08 42.99 -6.50
C TYR A 623 13.92 42.08 -7.39
N ARG A 624 15.13 42.50 -7.71
CA ARG A 624 15.87 41.80 -8.74
C ARG A 624 16.48 40.48 -8.30
N TYR A 625 16.92 40.40 -7.06
CA TYR A 625 17.50 39.15 -6.57
C TYR A 625 16.41 38.10 -6.32
N SER A 626 15.28 38.56 -5.79
CA SER A 626 14.09 37.73 -5.65
C SER A 626 13.61 37.26 -7.02
N GLN A 627 14.31 37.66 -8.06
CA GLN A 627 13.92 37.27 -9.40
C GLN A 627 15.01 36.45 -10.07
N ALA A 628 16.16 36.33 -9.43
CA ALA A 628 17.20 35.44 -9.92
C ALA A 628 17.06 34.02 -9.35
N ASP A 629 16.04 33.31 -9.82
CA ASP A 629 16.00 31.85 -9.72
C ASP A 629 16.64 31.37 -11.02
N ALA A 630 17.95 31.55 -11.09
CA ALA A 630 18.69 31.16 -12.28
C ALA A 630 19.22 29.73 -12.11
N GLU B 9 -9.94 -78.90 -21.50
CA GLU B 9 -8.59 -78.63 -22.07
C GLU B 9 -8.63 -78.66 -23.61
N LYS B 10 -8.54 -77.48 -24.24
CA LYS B 10 -8.69 -77.38 -25.68
C LYS B 10 -7.36 -77.10 -26.38
N GLY B 11 -7.45 -76.47 -27.56
CA GLY B 11 -6.27 -76.17 -28.34
C GLY B 11 -5.62 -74.81 -28.06
N PRO B 12 -4.35 -74.66 -28.44
CA PRO B 12 -3.49 -73.50 -28.16
C PRO B 12 -3.97 -72.23 -28.85
N ILE B 13 -4.37 -72.34 -30.10
CA ILE B 13 -4.71 -71.16 -30.86
C ILE B 13 -6.13 -70.75 -30.48
N CYS B 14 -6.77 -71.57 -29.67
CA CYS B 14 -8.03 -71.18 -29.02
C CYS B 14 -7.72 -70.48 -27.70
N TRP B 15 -7.04 -71.18 -26.81
CA TRP B 15 -6.61 -70.58 -25.54
C TRP B 15 -5.99 -69.20 -25.75
N ARG B 16 -5.07 -69.11 -26.70
CA ARG B 16 -4.48 -67.81 -27.01
C ARG B 16 -5.55 -66.85 -27.56
N LYS B 17 -6.50 -67.39 -28.32
CA LYS B 17 -7.63 -66.58 -28.77
C LYS B 17 -8.39 -66.09 -27.54
N ARG B 18 -8.67 -67.00 -26.60
CA ARG B 18 -9.38 -66.64 -25.37
C ARG B 18 -8.64 -65.56 -24.59
N VAL B 19 -7.36 -65.79 -24.35
CA VAL B 19 -6.56 -64.79 -23.67
C VAL B 19 -6.84 -63.45 -24.30
N LYS B 20 -6.55 -63.33 -25.60
CA LYS B 20 -6.77 -62.07 -26.29
C LYS B 20 -8.18 -61.56 -26.04
N SER B 21 -9.13 -62.48 -26.13
CA SER B 21 -10.54 -62.16 -26.00
C SER B 21 -10.88 -61.52 -24.65
N GLU B 22 -10.64 -62.26 -23.57
CA GLU B 22 -11.02 -61.79 -22.25
C GLU B 22 -10.20 -60.60 -21.80
N TYR B 23 -8.93 -60.53 -22.21
CA TYR B 23 -8.13 -59.34 -21.92
C TYR B 23 -8.74 -58.13 -22.56
N MET B 24 -9.01 -58.22 -23.86
CA MET B 24 -9.62 -57.11 -24.57
C MET B 24 -10.89 -56.66 -23.83
N ARG B 25 -11.56 -57.63 -23.21
CA ARG B 25 -12.77 -57.38 -22.42
C ARG B 25 -12.49 -56.62 -21.12
N LEU B 26 -11.58 -57.15 -20.32
CA LEU B 26 -11.20 -56.50 -19.08
C LEU B 26 -10.63 -55.09 -19.30
N ARG B 27 -9.60 -55.00 -20.13
CA ARG B 27 -9.05 -53.69 -20.48
C ARG B 27 -10.24 -52.78 -20.76
N GLN B 28 -11.02 -53.16 -21.77
CA GLN B 28 -12.19 -52.41 -22.19
C GLN B 28 -13.12 -52.06 -21.03
N LEU B 29 -13.25 -52.98 -20.08
CA LEU B 29 -14.18 -52.82 -18.98
C LEU B 29 -13.60 -51.87 -17.93
N LYS B 30 -12.27 -51.82 -17.87
CA LYS B 30 -11.58 -50.82 -17.05
C LYS B 30 -11.86 -49.43 -17.57
N ARG B 31 -11.39 -49.15 -18.78
CA ARG B 31 -11.52 -47.83 -19.38
C ARG B 31 -12.87 -47.29 -18.94
N PHE B 32 -13.91 -48.09 -19.12
CA PHE B 32 -15.27 -47.70 -18.77
C PHE B 32 -15.34 -47.22 -17.31
N ARG B 33 -14.97 -48.09 -16.38
CA ARG B 33 -15.21 -47.79 -14.98
C ARG B 33 -14.26 -46.70 -14.49
N ARG B 34 -13.10 -46.60 -15.11
CA ARG B 34 -12.12 -45.60 -14.71
C ARG B 34 -12.66 -44.21 -15.00
N ALA B 35 -13.29 -44.07 -16.16
CA ALA B 35 -13.93 -42.81 -16.54
C ALA B 35 -15.01 -42.39 -15.53
N ASP B 36 -15.74 -43.35 -14.97
CA ASP B 36 -16.75 -43.03 -13.99
C ASP B 36 -16.16 -42.65 -12.65
N GLU B 37 -14.99 -43.19 -12.33
CA GLU B 37 -14.30 -42.81 -11.10
C GLU B 37 -13.68 -41.42 -11.20
N VAL B 38 -13.22 -41.04 -12.39
CA VAL B 38 -12.60 -39.74 -12.57
C VAL B 38 -13.68 -38.67 -12.74
N LYS B 39 -14.66 -38.97 -13.59
CA LYS B 39 -15.82 -38.11 -13.78
C LYS B 39 -16.35 -37.66 -12.42
N SER B 40 -16.64 -38.62 -11.56
CA SER B 40 -17.19 -38.29 -10.26
C SER B 40 -16.15 -37.52 -9.46
N MET B 41 -14.95 -38.10 -9.39
CA MET B 41 -13.80 -37.51 -8.70
C MET B 41 -13.71 -36.00 -8.95
N PHE B 42 -13.76 -35.62 -10.23
CA PHE B 42 -13.75 -34.22 -10.62
C PHE B 42 -14.91 -33.47 -10.01
N ASN B 43 -16.10 -34.06 -10.03
CA ASN B 43 -17.27 -33.39 -9.46
C ASN B 43 -17.04 -33.10 -7.97
N SER B 44 -16.67 -34.14 -7.22
CA SER B 44 -16.38 -33.98 -5.80
C SER B 44 -15.38 -32.85 -5.62
N ASN B 45 -14.39 -32.85 -6.51
CA ASN B 45 -13.32 -31.87 -6.51
C ASN B 45 -13.94 -30.48 -6.46
N ARG B 46 -14.62 -30.14 -7.55
CA ARG B 46 -15.23 -28.83 -7.75
C ARG B 46 -15.96 -28.29 -6.52
N GLN B 47 -16.77 -29.15 -5.90
CA GLN B 47 -17.55 -28.75 -4.74
C GLN B 47 -16.63 -28.14 -3.70
N LYS B 48 -15.49 -28.80 -3.48
CA LYS B 48 -14.50 -28.35 -2.49
C LYS B 48 -13.78 -27.07 -2.93
N ILE B 49 -13.65 -26.87 -4.25
CA ILE B 49 -13.10 -25.63 -4.78
C ILE B 49 -13.99 -24.46 -4.43
N GLN B 50 -15.25 -24.56 -4.82
CA GLN B 50 -16.23 -23.53 -4.50
C GLN B 50 -16.25 -23.24 -3.01
N GLU B 51 -16.53 -24.26 -2.21
CA GLU B 51 -16.66 -24.06 -0.76
C GLU B 51 -15.47 -23.30 -0.20
N ARG B 52 -14.29 -23.56 -0.76
CA ARG B 52 -13.06 -22.92 -0.34
C ARG B 52 -12.85 -21.56 -1.03
N THR B 53 -12.96 -21.57 -2.35
CA THR B 53 -12.82 -20.34 -3.12
C THR B 53 -13.62 -19.18 -2.55
N GLU B 54 -14.86 -19.46 -2.17
CA GLU B 54 -15.77 -18.45 -1.64
C GLU B 54 -15.25 -17.90 -0.31
N ILE B 55 -14.86 -18.80 0.59
CA ILE B 55 -14.33 -18.43 1.89
C ILE B 55 -13.24 -17.37 1.77
N LEU B 56 -12.45 -17.47 0.71
CA LEU B 56 -11.43 -16.47 0.42
C LEU B 56 -12.08 -15.24 -0.19
N ASN B 57 -13.04 -15.45 -1.09
CA ASN B 57 -13.73 -14.32 -1.70
C ASN B 57 -14.40 -13.54 -0.60
N GLN B 58 -14.92 -14.26 0.39
CA GLN B 58 -15.60 -13.59 1.48
C GLN B 58 -14.64 -12.81 2.36
N GLU B 59 -13.41 -13.32 2.52
CA GLU B 59 -12.39 -12.57 3.27
C GLU B 59 -11.92 -11.37 2.44
N TRP B 60 -11.94 -11.55 1.12
CA TRP B 60 -11.49 -10.52 0.20
C TRP B 60 -12.41 -9.31 0.21
N LYS B 61 -13.72 -9.57 0.33
CA LYS B 61 -14.72 -8.52 0.38
C LYS B 61 -14.57 -7.68 1.63
N GLN B 62 -13.91 -8.21 2.65
CA GLN B 62 -13.79 -7.51 3.92
C GLN B 62 -12.57 -6.60 3.96
N ARG B 63 -11.73 -6.73 2.95
CA ARG B 63 -10.51 -5.94 2.88
C ARG B 63 -10.64 -4.79 1.88
N ARG B 64 -10.29 -3.61 2.34
CA ARG B 64 -10.18 -2.45 1.46
C ARG B 64 -8.70 -2.15 1.31
N ILE B 65 -8.24 -2.20 0.08
CA ILE B 65 -6.81 -2.11 -0.19
C ILE B 65 -6.60 -0.98 -1.18
N GLN B 66 -5.71 -0.05 -0.82
CA GLN B 66 -5.48 1.15 -1.61
C GLN B 66 -5.06 0.83 -3.02
N PRO B 67 -5.64 1.52 -4.01
CA PRO B 67 -5.29 1.36 -5.42
C PRO B 67 -3.91 1.91 -5.68
N VAL B 68 -3.24 1.38 -6.70
CA VAL B 68 -1.91 1.84 -7.03
C VAL B 68 -1.92 2.88 -8.13
N HIS B 69 -1.17 3.95 -7.92
CA HIS B 69 -1.25 5.10 -8.81
C HIS B 69 0.02 5.44 -9.58
N ILE B 70 0.00 6.57 -10.28
CA ILE B 70 1.10 6.99 -11.13
C ILE B 70 2.28 7.43 -10.29
N MET B 71 3.48 7.27 -10.85
CA MET B 71 4.69 7.59 -10.11
C MET B 71 5.33 8.90 -10.56
N THR B 72 5.61 9.75 -9.58
CA THR B 72 6.33 10.99 -9.81
C THR B 72 7.40 11.13 -8.72
N ARG B 81 16.82 9.55 -14.78
CA ARG B 81 16.60 8.42 -15.70
C ARG B 81 15.14 7.96 -15.75
N GLU B 82 14.75 7.33 -16.86
CA GLU B 82 13.35 6.98 -17.13
C GLU B 82 13.24 5.66 -17.89
N CYS B 83 12.02 5.14 -17.99
CA CYS B 83 11.73 4.04 -18.92
C CYS B 83 10.51 4.37 -19.75
N SER B 84 10.32 3.62 -20.83
CA SER B 84 9.16 3.83 -21.68
C SER B 84 8.57 2.50 -22.07
N VAL B 85 7.42 2.55 -22.74
CA VAL B 85 6.82 1.36 -23.37
C VAL B 85 6.07 1.73 -24.65
N THR B 86 6.22 0.90 -25.69
CA THR B 86 5.58 1.17 -26.96
C THR B 86 4.22 0.51 -27.08
N SER B 87 4.05 -0.28 -28.14
CA SER B 87 2.79 -0.90 -28.51
C SER B 87 2.79 -1.31 -29.98
N ASP B 88 2.98 -2.59 -30.26
CA ASP B 88 2.91 -3.07 -31.64
C ASP B 88 1.49 -2.99 -32.17
N LEU B 89 0.64 -2.24 -31.48
CA LEU B 89 -0.72 -1.98 -31.96
C LEU B 89 -1.08 -0.48 -31.88
N ASP B 90 -0.18 0.35 -32.40
CA ASP B 90 -0.44 1.77 -32.69
C ASP B 90 -0.94 2.64 -31.53
N PHE B 91 -0.81 2.13 -30.31
CA PHE B 91 -1.14 2.94 -29.13
C PHE B 91 -0.02 3.93 -28.81
N PRO B 92 -0.38 5.05 -28.17
CA PRO B 92 0.57 6.12 -27.84
C PRO B 92 1.72 5.63 -26.97
N LYS B 93 2.94 6.11 -27.25
CA LYS B 93 4.11 5.77 -26.44
C LYS B 93 4.00 6.41 -25.07
N GLN B 94 4.27 5.61 -24.05
CA GLN B 94 4.19 6.08 -22.67
C GLN B 94 5.59 6.21 -22.12
N VAL B 95 5.81 7.24 -21.31
CA VAL B 95 7.12 7.46 -20.70
C VAL B 95 6.98 7.94 -19.27
N ILE B 96 7.93 7.52 -18.44
CA ILE B 96 7.72 7.57 -17.00
C ILE B 96 9.05 7.49 -16.26
N PRO B 97 9.10 7.99 -15.03
CA PRO B 97 10.26 7.89 -14.15
C PRO B 97 10.62 6.45 -13.75
N LEU B 98 11.90 6.12 -13.89
CA LEU B 98 12.48 4.82 -13.49
C LEU B 98 13.07 4.94 -12.08
N LYS B 99 12.41 4.34 -11.09
CA LYS B 99 12.92 4.39 -9.72
C LYS B 99 14.04 3.35 -9.51
N THR B 100 15.02 3.72 -8.68
CA THR B 100 16.14 2.81 -8.41
C THR B 100 16.07 2.24 -7.00
N LEU B 101 16.01 0.91 -6.92
CA LEU B 101 16.05 0.23 -5.64
C LEU B 101 17.49 0.22 -5.17
N ASN B 102 17.72 0.66 -3.94
CA ASN B 102 19.07 0.85 -3.44
C ASN B 102 19.72 -0.50 -3.24
N ALA B 103 20.99 -0.60 -3.62
CA ALA B 103 21.69 -1.88 -3.58
C ALA B 103 21.57 -2.60 -2.24
N VAL B 104 21.56 -3.92 -2.32
CA VAL B 104 21.60 -4.78 -1.16
C VAL B 104 22.70 -5.76 -1.43
N ALA B 105 23.50 -6.08 -0.41
CA ALA B 105 24.61 -7.01 -0.60
C ALA B 105 24.11 -8.45 -0.59
N SER B 106 24.60 -9.25 -1.53
CA SER B 106 24.32 -10.68 -1.52
C SER B 106 25.36 -11.41 -0.68
N VAL B 107 25.15 -12.70 -0.46
CA VAL B 107 26.20 -13.52 0.15
C VAL B 107 26.60 -14.55 -0.88
N PRO B 108 27.74 -15.23 -0.69
CA PRO B 108 28.27 -16.19 -1.66
C PRO B 108 27.34 -17.37 -1.95
N ILE B 109 27.59 -18.05 -3.06
CA ILE B 109 26.74 -19.18 -3.45
C ILE B 109 26.82 -20.31 -2.45
N MET B 110 25.68 -20.77 -1.99
CA MET B 110 25.65 -22.01 -1.21
C MET B 110 24.49 -22.91 -1.59
N TYR B 111 24.83 -24.16 -1.92
CA TYR B 111 23.82 -25.21 -2.04
C TYR B 111 23.54 -25.99 -0.73
N SER B 112 22.29 -26.43 -0.61
CA SER B 112 21.80 -27.21 0.52
C SER B 112 22.68 -28.36 0.94
N TRP B 113 22.91 -28.48 2.24
CA TRP B 113 23.63 -29.60 2.82
C TRP B 113 23.11 -29.97 4.21
N SER B 114 23.18 -31.25 4.52
CA SER B 114 22.75 -31.69 5.83
C SER B 114 23.92 -31.91 6.80
N PRO B 115 23.69 -31.64 8.09
CA PRO B 115 24.69 -31.64 9.15
C PRO B 115 25.03 -33.06 9.62
N LEU B 116 26.31 -33.38 9.63
CA LEU B 116 26.77 -34.67 10.09
C LEU B 116 27.64 -34.40 11.29
N GLN B 117 27.71 -35.35 12.23
CA GLN B 117 28.74 -35.31 13.23
C GLN B 117 29.62 -36.54 13.14
N GLN B 118 29.31 -37.42 12.20
CA GLN B 118 30.11 -38.61 11.95
C GLN B 118 29.89 -39.05 10.51
N ASN B 119 30.85 -39.73 9.90
CA ASN B 119 30.66 -40.18 8.52
C ASN B 119 29.37 -40.94 8.33
N PHE B 120 28.88 -40.97 7.09
CA PHE B 120 27.61 -41.61 6.74
C PHE B 120 27.84 -42.38 5.43
N MET B 121 27.38 -43.62 5.36
CA MET B 121 27.68 -44.48 4.21
C MET B 121 26.52 -44.53 3.20
N VAL B 122 26.82 -44.42 1.90
CA VAL B 122 25.81 -44.66 0.86
C VAL B 122 26.32 -45.66 -0.16
N GLU B 123 25.42 -46.49 -0.67
CA GLU B 123 25.78 -47.47 -1.69
C GLU B 123 25.60 -46.92 -3.10
N ASP B 124 26.07 -47.70 -4.07
CA ASP B 124 26.13 -47.25 -5.45
C ASP B 124 24.79 -47.40 -6.18
N ILE B 166 0.07 -53.63 -19.72
CA ILE B 166 -0.60 -54.65 -18.91
C ILE B 166 -0.01 -54.72 -17.49
N ASN B 167 -0.86 -54.47 -16.49
CA ASN B 167 -0.41 -54.33 -15.10
C ASN B 167 -0.78 -55.50 -14.20
N ASP B 168 -0.28 -55.46 -12.96
CA ASP B 168 -0.48 -56.54 -11.99
C ASP B 168 -1.94 -56.72 -11.63
N GLU B 169 -2.61 -55.61 -11.31
CA GLU B 169 -4.02 -55.65 -10.93
C GLU B 169 -4.86 -56.41 -11.96
N ILE B 170 -4.70 -56.07 -13.24
CA ILE B 170 -5.50 -56.68 -14.30
C ILE B 170 -5.00 -58.05 -14.64
N PHE B 171 -3.68 -58.21 -14.60
CA PHE B 171 -3.08 -59.51 -14.87
C PHE B 171 -3.85 -60.61 -14.14
N VAL B 172 -4.38 -60.25 -12.97
CA VAL B 172 -5.04 -61.23 -12.12
C VAL B 172 -6.43 -61.55 -12.63
N GLU B 173 -7.18 -60.52 -12.97
CA GLU B 173 -8.52 -60.74 -13.51
C GLU B 173 -8.46 -61.66 -14.73
N LEU B 174 -7.57 -61.36 -15.67
CA LEU B 174 -7.45 -62.15 -16.88
C LEU B 174 -7.22 -63.62 -16.53
N VAL B 175 -6.34 -63.86 -15.57
CA VAL B 175 -6.07 -65.22 -15.16
C VAL B 175 -7.38 -65.86 -14.75
N ASN B 176 -8.08 -65.21 -13.82
CA ASN B 176 -9.27 -65.79 -13.22
C ASN B 176 -10.42 -65.87 -14.21
N ALA B 177 -10.42 -64.98 -15.19
CA ALA B 177 -11.32 -65.14 -16.33
C ALA B 177 -10.94 -66.45 -16.97
N LEU B 178 -9.77 -66.49 -17.59
CA LEU B 178 -9.25 -67.71 -18.18
C LEU B 178 -9.59 -68.88 -17.28
N GLY B 179 -9.45 -68.66 -15.98
CA GLY B 179 -9.69 -69.72 -15.02
C GLY B 179 -11.10 -70.28 -15.03
N GLN B 180 -12.10 -69.44 -15.20
CA GLN B 180 -13.48 -69.90 -15.10
C GLN B 180 -13.87 -70.66 -16.36
N LEU B 181 -13.21 -70.35 -17.48
CA LEU B 181 -13.48 -71.08 -18.71
C LEU B 181 -12.91 -72.48 -18.62
N ASP B 182 -11.67 -72.61 -18.16
CA ASP B 182 -11.07 -73.93 -17.97
C ASP B 182 -11.96 -74.76 -17.06
N ARG B 183 -12.71 -74.06 -16.21
CA ARG B 183 -13.62 -74.69 -15.26
C ARG B 183 -14.92 -75.03 -16.00
N ARG B 184 -15.49 -74.02 -16.65
CA ARG B 184 -16.72 -74.19 -17.43
C ARG B 184 -16.51 -75.20 -18.56
N ASP B 185 -15.28 -75.70 -18.69
CA ASP B 185 -14.98 -76.70 -19.69
C ASP B 185 -15.83 -77.96 -19.47
N GLU B 186 -15.80 -78.49 -18.25
CA GLU B 186 -16.45 -79.75 -17.93
C GLU B 186 -17.92 -79.77 -18.37
N LYS B 187 -18.19 -80.47 -19.47
CA LYS B 187 -19.53 -80.49 -20.07
C LYS B 187 -19.75 -81.71 -20.97
N PRO B 207 -6.56 -73.09 -11.00
CA PRO B 207 -5.29 -72.40 -11.30
C PRO B 207 -4.44 -73.15 -12.33
N SER B 208 -5.00 -73.39 -13.51
CA SER B 208 -4.37 -74.26 -14.51
C SER B 208 -3.02 -73.78 -15.06
N ASP B 209 -2.31 -74.70 -15.72
CA ASP B 209 -0.98 -74.39 -16.21
C ASP B 209 -0.98 -74.10 -17.70
N LYS B 210 -1.98 -74.60 -18.41
CA LYS B 210 -2.12 -74.29 -19.84
C LYS B 210 -2.65 -72.87 -20.05
N ILE B 211 -2.90 -72.16 -18.96
CA ILE B 211 -3.37 -70.78 -19.03
C ILE B 211 -2.23 -69.78 -18.87
N PHE B 212 -1.37 -70.00 -17.88
CA PHE B 212 -0.21 -69.15 -17.70
C PHE B 212 0.67 -69.18 -18.96
N GLU B 213 0.58 -70.27 -19.71
CA GLU B 213 1.38 -70.40 -20.93
C GLU B 213 0.80 -69.58 -22.06
N ALA B 214 -0.52 -69.46 -22.11
CA ALA B 214 -1.17 -68.69 -23.17
C ALA B 214 -0.94 -67.22 -22.95
N ILE B 215 -1.01 -66.78 -21.69
CA ILE B 215 -0.79 -65.38 -21.35
C ILE B 215 0.62 -64.99 -21.74
N SER B 216 1.56 -65.88 -21.48
CA SER B 216 2.97 -65.64 -21.75
C SER B 216 3.22 -65.54 -23.26
N SER B 217 2.34 -66.15 -24.05
CA SER B 217 2.44 -66.06 -25.50
C SER B 217 1.98 -64.68 -25.97
N MET B 218 0.95 -64.15 -25.33
CA MET B 218 0.36 -62.89 -25.76
C MET B 218 1.09 -61.68 -25.17
N PHE B 219 1.78 -61.89 -24.05
CA PHE B 219 2.54 -60.82 -23.43
C PHE B 219 3.92 -61.32 -23.10
N PRO B 220 4.62 -61.85 -24.11
CA PRO B 220 5.91 -62.52 -23.86
C PRO B 220 6.91 -61.67 -23.06
N ASP B 221 6.63 -60.37 -22.96
CA ASP B 221 7.53 -59.42 -22.30
C ASP B 221 7.26 -59.29 -20.80
N LYS B 222 6.02 -59.56 -20.40
CA LYS B 222 5.62 -59.45 -19.00
C LYS B 222 6.20 -60.62 -18.24
N GLY B 223 6.83 -61.53 -18.97
CA GLY B 223 7.45 -62.69 -18.34
C GLY B 223 7.08 -64.02 -18.98
N THR B 224 7.62 -65.10 -18.41
CA THR B 224 7.35 -66.44 -18.88
C THR B 224 6.24 -67.07 -18.03
N ALA B 225 5.85 -68.29 -18.39
CA ALA B 225 4.89 -69.04 -17.58
C ALA B 225 5.30 -69.02 -16.12
N GLU B 226 6.54 -69.42 -15.84
CA GLU B 226 7.01 -69.51 -14.46
C GLU B 226 6.85 -68.18 -13.74
N GLU B 227 7.40 -67.12 -14.33
CA GLU B 227 7.46 -65.82 -13.68
C GLU B 227 6.07 -65.26 -13.40
N LEU B 228 5.09 -65.73 -14.15
CA LEU B 228 3.70 -65.34 -13.93
C LEU B 228 3.04 -66.32 -12.94
N LYS B 229 3.47 -67.58 -12.98
CA LYS B 229 2.92 -68.62 -12.12
C LYS B 229 3.05 -68.25 -10.65
N GLU B 230 3.96 -67.32 -10.33
CA GLU B 230 4.14 -66.91 -8.95
C GLU B 230 3.84 -65.43 -8.72
N LYS B 231 3.95 -64.62 -9.77
CA LYS B 231 3.48 -63.25 -9.70
C LYS B 231 2.02 -63.26 -9.32
N TYR B 232 1.32 -64.30 -9.76
CA TYR B 232 -0.09 -64.49 -9.46
C TYR B 232 -0.30 -64.90 -8.00
N LYS B 233 0.47 -65.89 -7.54
CA LYS B 233 0.45 -66.33 -6.15
C LYS B 233 0.48 -65.15 -5.17
N GLU B 234 1.20 -64.09 -5.55
CA GLU B 234 1.41 -62.93 -4.69
C GLU B 234 0.19 -62.03 -4.64
N LEU B 235 -0.23 -61.52 -5.79
CA LEU B 235 -1.45 -60.74 -5.82
C LEU B 235 -2.65 -61.66 -5.50
N THR B 236 -2.37 -62.78 -4.84
CA THR B 236 -3.39 -63.64 -4.24
C THR B 236 -2.92 -64.24 -2.92
N THR B 249 10.64 -65.23 11.72
CA THR B 249 9.89 -63.98 11.66
C THR B 249 8.56 -64.16 12.40
N PRO B 250 8.64 -64.41 13.72
CA PRO B 250 7.51 -64.65 14.62
C PRO B 250 6.99 -63.43 15.42
N ASN B 251 7.85 -62.93 16.30
CA ASN B 251 7.49 -62.09 17.47
C ASN B 251 7.33 -62.99 18.70
N ILE B 252 7.45 -62.42 19.90
CA ILE B 252 7.46 -63.22 21.11
C ILE B 252 6.76 -62.50 22.24
N ASP B 253 6.61 -61.19 22.11
CA ASP B 253 5.87 -60.42 23.09
C ASP B 253 4.39 -60.49 22.72
N GLY B 254 4.12 -60.93 21.48
CA GLY B 254 2.75 -60.98 21.00
C GLY B 254 2.08 -62.32 21.26
N PRO B 255 0.76 -62.41 20.99
CA PRO B 255 0.01 -63.64 21.27
C PRO B 255 0.40 -64.84 20.42
N ASN B 256 1.17 -64.60 19.37
CA ASN B 256 1.41 -65.61 18.34
C ASN B 256 2.82 -66.23 18.41
N ALA B 257 3.46 -66.08 19.56
CA ALA B 257 4.84 -66.51 19.71
C ALA B 257 4.99 -68.02 19.48
N LYS B 258 5.34 -68.41 18.26
CA LYS B 258 5.70 -69.79 17.98
C LYS B 258 6.72 -70.29 19.00
N SER B 259 6.94 -71.60 18.99
CA SER B 259 8.13 -72.17 19.59
C SER B 259 9.16 -72.41 18.46
N VAL B 260 10.40 -71.96 18.67
CA VAL B 260 11.40 -71.99 17.61
C VAL B 260 12.82 -72.16 18.15
N GLN B 261 13.77 -72.49 17.26
CA GLN B 261 15.18 -72.62 17.65
C GLN B 261 15.61 -71.36 18.39
N ARG B 262 16.83 -71.34 18.91
CA ARG B 262 17.36 -70.11 19.48
C ARG B 262 17.85 -69.20 18.36
N GLU B 263 18.52 -69.79 17.37
CA GLU B 263 19.10 -68.99 16.29
C GLU B 263 18.03 -68.38 15.40
N GLN B 264 16.78 -68.56 15.76
CA GLN B 264 15.68 -68.03 14.96
C GLN B 264 14.95 -66.93 15.72
N SER B 265 15.13 -66.92 17.03
CA SER B 265 14.55 -65.87 17.87
C SER B 265 15.49 -64.67 17.87
N LEU B 266 16.78 -64.98 17.82
CA LEU B 266 17.83 -63.96 17.83
C LEU B 266 18.34 -63.67 16.43
N HIS B 267 17.52 -63.86 15.41
CA HIS B 267 18.03 -63.69 14.05
C HIS B 267 18.01 -62.23 13.60
N SER B 268 16.89 -61.54 13.77
CA SER B 268 16.85 -60.12 13.46
C SER B 268 18.00 -59.37 14.15
N PHE B 269 18.25 -59.71 15.40
CA PHE B 269 19.32 -59.10 16.18
C PHE B 269 20.73 -59.46 15.71
N HIS B 270 20.97 -60.75 15.47
CA HIS B 270 22.31 -61.20 15.13
C HIS B 270 22.80 -60.58 13.82
N THR B 271 22.02 -60.73 12.74
CA THR B 271 22.47 -60.22 11.45
C THR B 271 22.51 -58.71 11.46
N LEU B 272 21.44 -58.12 11.99
CA LEU B 272 21.12 -56.72 11.78
C LEU B 272 21.77 -55.77 12.80
N PHE B 273 22.89 -56.16 13.41
CA PHE B 273 23.48 -55.38 14.51
C PHE B 273 24.98 -55.23 14.41
N CYS B 274 25.46 -53.99 14.58
CA CYS B 274 26.86 -53.65 14.35
C CYS B 274 27.68 -53.77 15.63
N ARG B 275 28.42 -54.87 15.72
CA ARG B 275 29.34 -55.11 16.84
C ARG B 275 30.26 -53.92 17.05
N ARG B 276 30.38 -53.08 16.02
CA ARG B 276 31.38 -52.01 16.01
C ARG B 276 30.89 -50.68 16.56
N CYS B 277 29.67 -50.27 16.22
CA CYS B 277 29.14 -49.03 16.79
C CYS B 277 28.00 -49.25 17.77
N PHE B 278 27.57 -50.50 17.94
CA PHE B 278 26.56 -50.85 18.94
C PHE B 278 25.20 -50.32 18.56
N LYS B 279 24.82 -50.50 17.30
CA LYS B 279 23.58 -49.96 16.76
C LYS B 279 22.97 -50.98 15.80
N TYR B 280 21.65 -50.92 15.63
CA TYR B 280 20.97 -51.79 14.69
C TYR B 280 20.82 -51.17 13.30
N ASP B 281 21.30 -51.87 12.28
CA ASP B 281 21.29 -51.36 10.91
C ASP B 281 22.03 -50.05 10.89
N CYS B 282 23.33 -50.09 11.19
CA CYS B 282 24.08 -48.87 11.41
C CYS B 282 24.32 -48.14 10.10
N PHE B 283 24.73 -46.88 10.23
CA PHE B 283 24.85 -45.99 9.08
C PHE B 283 26.29 -45.93 8.60
N LEU B 284 27.09 -46.96 8.86
CA LEU B 284 28.52 -46.85 8.60
C LEU B 284 29.13 -48.14 8.08
N HIS B 285 28.50 -49.25 8.44
CA HIS B 285 29.11 -50.56 8.25
C HIS B 285 28.16 -51.52 7.53
N PRO B 286 28.31 -51.63 6.19
CA PRO B 286 27.42 -52.41 5.32
C PRO B 286 27.61 -53.93 5.38
N PHE B 287 28.87 -54.35 5.47
CA PHE B 287 29.22 -55.77 5.54
C PHE B 287 28.61 -56.43 6.77
N HIS B 288 27.91 -57.54 6.57
CA HIS B 288 27.29 -58.25 7.68
C HIS B 288 28.33 -58.99 8.52
N ALA B 289 28.06 -59.09 9.82
CA ALA B 289 29.00 -59.70 10.77
C ALA B 289 29.04 -61.22 10.57
N THR B 290 30.23 -61.78 10.43
CA THR B 290 30.37 -63.22 10.21
C THR B 290 29.75 -64.01 11.38
N PRO B 291 29.52 -65.31 11.18
CA PRO B 291 28.80 -66.07 12.20
C PRO B 291 29.54 -66.04 13.53
N ASN B 292 30.86 -66.21 13.47
CA ASN B 292 31.69 -66.32 14.66
C ASN B 292 31.68 -65.05 15.52
N THR B 293 31.21 -63.95 14.95
CA THR B 293 31.19 -62.67 15.67
C THR B 293 30.08 -62.62 16.70
N TYR B 294 29.13 -63.55 16.64
CA TYR B 294 28.19 -63.71 17.74
C TYR B 294 28.16 -65.10 18.34
N LYS B 295 29.32 -65.56 18.79
CA LYS B 295 29.42 -66.74 19.66
C LYS B 295 30.68 -66.57 20.49
N ARG B 296 30.61 -66.88 21.78
CA ARG B 296 31.64 -66.43 22.70
C ARG B 296 32.70 -67.46 23.05
N SER B 334 3.31 -71.89 25.86
CA SER B 334 3.29 -71.30 24.54
C SER B 334 4.71 -71.01 24.09
N GLY B 335 4.87 -70.75 22.79
CA GLY B 335 6.19 -70.52 22.24
C GLY B 335 6.92 -69.45 23.02
N ALA B 336 6.21 -68.35 23.29
CA ALA B 336 6.77 -67.26 24.08
C ALA B 336 7.63 -67.83 25.21
N GLU B 337 7.22 -68.98 25.72
CA GLU B 337 7.92 -69.60 26.83
C GLU B 337 8.95 -70.61 26.32
N ALA B 338 8.54 -71.44 25.38
CA ALA B 338 9.40 -72.51 24.88
C ALA B 338 10.60 -71.92 24.15
N SER B 339 10.34 -70.92 23.33
CA SER B 339 11.41 -70.24 22.60
C SER B 339 12.38 -69.64 23.61
N MET B 340 11.86 -68.77 24.47
CA MET B 340 12.69 -68.08 25.45
C MET B 340 13.56 -69.07 26.21
N PHE B 341 13.05 -70.28 26.35
CA PHE B 341 13.78 -71.37 26.99
C PHE B 341 14.96 -71.85 26.16
N ARG B 342 14.67 -72.31 24.94
CA ARG B 342 15.72 -72.85 24.08
C ARG B 342 16.77 -71.81 23.76
N VAL B 343 16.44 -70.55 24.02
CA VAL B 343 17.35 -69.42 23.81
C VAL B 343 18.16 -69.11 25.04
N LEU B 344 17.49 -69.07 26.19
CA LEU B 344 18.13 -68.81 27.47
C LEU B 344 19.12 -69.89 27.87
N ILE B 345 18.87 -71.12 27.40
CA ILE B 345 19.75 -72.24 27.71
C ILE B 345 21.05 -72.20 26.90
N GLY B 346 21.00 -71.59 25.72
CA GLY B 346 22.22 -71.42 24.95
C GLY B 346 23.16 -70.50 25.68
N THR B 347 22.59 -69.65 26.52
CA THR B 347 23.35 -68.62 27.22
C THR B 347 23.61 -69.03 28.66
N TYR B 348 22.63 -69.71 29.25
CA TYR B 348 22.68 -70.08 30.66
C TYR B 348 22.89 -71.58 30.88
N TYR B 349 22.59 -72.36 29.85
CA TYR B 349 22.94 -73.78 29.80
C TYR B 349 21.99 -74.70 30.58
N ASP B 350 22.32 -75.03 31.83
CA ASP B 350 21.43 -75.88 32.62
C ASP B 350 21.22 -75.34 34.03
N ASN B 351 21.53 -74.06 34.21
CA ASN B 351 21.29 -73.37 35.46
C ASN B 351 19.82 -72.97 35.49
N PHE B 352 18.93 -73.96 35.48
CA PHE B 352 17.50 -73.70 35.37
C PHE B 352 17.01 -72.84 36.53
N CYS B 353 17.65 -72.98 37.68
CA CYS B 353 17.35 -72.12 38.83
C CYS B 353 17.28 -70.68 38.29
N ALA B 354 18.24 -70.35 37.42
CA ALA B 354 18.33 -69.03 36.79
C ALA B 354 17.46 -68.92 35.55
N ILE B 355 17.50 -69.93 34.70
CA ILE B 355 16.68 -69.93 33.49
C ILE B 355 15.22 -69.74 33.84
N ALA B 356 14.88 -70.02 35.09
CA ALA B 356 13.52 -69.86 35.57
C ALA B 356 13.28 -68.42 36.01
N ARG B 357 14.16 -67.93 36.89
CA ARG B 357 14.10 -66.57 37.38
C ARG B 357 13.95 -65.60 36.21
N LEU B 358 14.52 -65.95 35.07
CA LEU B 358 14.44 -65.08 33.90
C LEU B 358 13.17 -65.35 33.09
N ILE B 359 12.96 -66.60 32.69
CA ILE B 359 11.78 -66.95 31.87
C ILE B 359 10.50 -66.47 32.54
N GLY B 360 10.59 -66.23 33.84
CA GLY B 360 9.45 -65.71 34.56
C GLY B 360 8.61 -66.81 35.17
N THR B 361 7.75 -67.41 34.36
CA THR B 361 6.62 -68.19 34.86
C THR B 361 6.88 -69.70 34.85
N LYS B 362 8.08 -70.10 35.25
CA LYS B 362 8.34 -71.50 35.55
C LYS B 362 9.41 -71.60 36.64
N THR B 363 9.93 -72.80 36.88
CA THR B 363 10.57 -73.09 38.17
C THR B 363 11.91 -73.86 38.12
N CYS B 364 12.70 -73.69 39.19
CA CYS B 364 14.00 -74.35 39.33
C CYS B 364 13.83 -75.81 38.94
N ARG B 365 12.59 -76.30 39.13
CA ARG B 365 12.12 -77.55 38.51
C ARG B 365 11.70 -77.31 37.06
N GLN B 366 10.42 -76.98 36.88
CA GLN B 366 9.72 -77.04 35.59
C GLN B 366 10.56 -76.86 34.33
N VAL B 367 11.60 -76.04 34.42
CA VAL B 367 12.54 -75.85 33.32
C VAL B 367 13.36 -77.14 33.15
N TYR B 368 13.77 -77.70 34.28
CA TYR B 368 14.43 -79.00 34.32
C TYR B 368 13.62 -80.04 33.55
N GLU B 369 12.30 -79.93 33.68
CA GLU B 369 11.36 -80.87 33.08
C GLU B 369 11.19 -80.56 31.59
N PHE B 370 10.91 -79.30 31.29
CA PHE B 370 10.82 -78.85 29.91
C PHE B 370 12.12 -79.18 29.19
N ARG B 371 13.21 -79.25 29.94
CA ARG B 371 14.51 -79.62 29.43
C ARG B 371 14.51 -80.91 28.61
N VAL B 372 13.99 -81.98 29.21
CA VAL B 372 14.31 -83.33 28.75
C VAL B 372 13.58 -83.74 27.48
N LYS B 373 12.35 -83.29 27.33
CA LYS B 373 11.58 -83.57 26.12
C LYS B 373 12.12 -82.78 24.92
N VAL B 414 46.83 -47.39 1.52
CA VAL B 414 46.39 -48.18 2.67
C VAL B 414 45.03 -48.82 2.38
N TYR B 415 44.90 -50.11 2.66
CA TYR B 415 43.65 -50.82 2.39
C TYR B 415 42.71 -50.67 3.57
N ASN B 416 41.42 -50.64 3.27
CA ASN B 416 40.40 -50.44 4.29
C ASN B 416 40.36 -51.67 5.18
N TYR B 417 40.01 -51.49 6.44
CA TYR B 417 40.06 -52.60 7.39
C TYR B 417 38.72 -53.28 7.50
N GLN B 418 38.72 -54.59 7.31
CA GLN B 418 37.55 -55.40 7.60
C GLN B 418 38.04 -56.54 8.50
N PRO B 419 37.23 -56.95 9.48
CA PRO B 419 37.67 -57.97 10.44
C PRO B 419 37.96 -59.31 9.75
N CYS B 420 38.92 -60.07 10.27
CA CYS B 420 39.24 -61.38 9.69
C CYS B 420 38.53 -62.49 10.48
N ASP B 421 38.07 -63.51 9.75
CA ASP B 421 37.41 -64.67 10.37
C ASP B 421 37.80 -65.95 9.64
N HIS B 422 38.91 -66.55 10.06
CA HIS B 422 39.42 -67.78 9.48
C HIS B 422 39.76 -68.72 10.62
N PRO B 423 38.80 -69.55 11.04
CA PRO B 423 38.99 -70.40 12.22
C PRO B 423 40.12 -71.43 12.02
N ARG B 424 40.80 -71.77 13.11
CA ARG B 424 41.93 -72.70 13.07
C ARG B 424 42.94 -72.36 11.96
N GLN B 425 42.98 -71.09 11.57
CA GLN B 425 44.02 -70.60 10.67
C GLN B 425 44.78 -69.44 11.31
N PRO B 426 46.12 -69.57 11.45
CA PRO B 426 46.94 -68.49 11.99
C PRO B 426 46.94 -67.27 11.06
N CYS B 427 47.11 -66.09 11.64
CA CYS B 427 47.24 -64.90 10.82
C CYS B 427 48.64 -64.83 10.24
N ASP B 428 48.82 -65.63 9.18
CA ASP B 428 50.04 -65.61 8.38
C ASP B 428 49.73 -65.00 7.01
N ASN B 429 50.50 -65.44 6.01
CA ASN B 429 50.52 -64.77 4.72
C ASN B 429 49.23 -64.93 3.93
N SER B 430 48.33 -65.79 4.42
CA SER B 430 47.06 -66.04 3.75
C SER B 430 45.92 -65.26 4.40
N CYS B 431 46.21 -64.63 5.54
CA CYS B 431 45.26 -63.80 6.27
C CYS B 431 45.03 -62.41 5.61
N PRO B 432 43.75 -62.01 5.43
CA PRO B 432 43.34 -60.77 4.75
C PRO B 432 43.94 -59.50 5.35
N CYS B 433 44.04 -59.46 6.68
CA CYS B 433 44.57 -58.30 7.37
C CYS B 433 46.05 -58.10 7.06
N VAL B 434 46.81 -59.20 7.08
CA VAL B 434 48.24 -59.13 6.80
C VAL B 434 48.55 -58.95 5.32
N ILE B 435 47.76 -59.57 4.46
CA ILE B 435 47.87 -59.31 3.03
C ILE B 435 47.60 -57.84 2.76
N ALA B 436 46.61 -57.29 3.45
CA ALA B 436 46.15 -55.92 3.25
C ALA B 436 47.03 -54.86 3.92
N GLN B 437 48.00 -55.32 4.71
CA GLN B 437 48.96 -54.43 5.34
C GLN B 437 48.37 -53.72 6.57
N ASN B 438 47.38 -54.35 7.20
CA ASN B 438 46.75 -53.78 8.39
C ASN B 438 47.06 -54.59 9.65
N PHE B 439 46.93 -53.95 10.81
CA PHE B 439 46.89 -54.67 12.08
C PHE B 439 45.50 -55.26 12.28
N CYS B 440 45.44 -56.50 12.74
CA CYS B 440 44.16 -57.03 13.20
C CYS B 440 43.76 -56.16 14.38
N GLU B 441 42.46 -56.00 14.57
CA GLU B 441 41.89 -55.17 15.63
C GLU B 441 41.01 -56.04 16.55
N LYS B 442 40.47 -55.42 17.59
CA LYS B 442 39.68 -56.19 18.54
C LYS B 442 38.52 -56.91 17.85
N PHE B 443 38.01 -56.30 16.78
CA PHE B 443 36.85 -56.88 16.10
C PHE B 443 37.21 -58.18 15.40
N CYS B 444 38.49 -58.39 15.13
CA CYS B 444 38.92 -59.61 14.46
C CYS B 444 38.61 -60.81 15.34
N GLN B 445 38.28 -61.94 14.70
CA GLN B 445 37.94 -63.16 15.41
C GLN B 445 39.12 -64.11 15.58
N CYS B 446 40.33 -63.62 15.33
CA CYS B 446 41.50 -64.49 15.47
C CYS B 446 41.83 -64.66 16.95
N SER B 447 42.90 -65.41 17.20
CA SER B 447 43.37 -65.67 18.56
C SER B 447 43.64 -64.35 19.28
N SER B 448 43.55 -64.36 20.60
CA SER B 448 43.94 -63.19 21.36
C SER B 448 45.45 -63.13 21.46
N GLU B 449 46.10 -64.20 21.00
CA GLU B 449 47.56 -64.23 20.91
C GLU B 449 48.01 -63.56 19.63
N CYS B 450 47.08 -63.38 18.69
CA CYS B 450 47.43 -62.98 17.33
C CYS B 450 48.58 -61.99 17.29
N GLN B 451 49.66 -62.37 16.62
CA GLN B 451 50.87 -61.56 16.56
C GLN B 451 50.65 -60.27 15.75
N ASN B 452 49.47 -60.15 15.17
CA ASN B 452 49.19 -59.05 14.27
C ASN B 452 48.24 -58.03 14.89
N ARG B 453 47.79 -58.28 16.12
CA ARG B 453 46.94 -57.33 16.82
C ARG B 453 47.74 -56.12 17.30
N PHE B 454 47.11 -54.95 17.25
CA PHE B 454 47.78 -53.77 17.74
C PHE B 454 47.56 -53.67 19.22
N PRO B 455 48.65 -53.69 19.98
CA PRO B 455 48.66 -53.82 21.43
C PRO B 455 47.93 -52.66 22.11
N GLY B 456 47.98 -51.50 21.48
CA GLY B 456 47.59 -50.30 22.19
C GLY B 456 48.83 -49.82 22.90
N CYS B 457 48.73 -48.70 23.60
CA CYS B 457 49.91 -48.13 24.25
C CYS B 457 49.78 -48.20 25.76
N ARG B 458 50.92 -48.28 26.42
CA ARG B 458 50.96 -48.18 27.88
C ARG B 458 51.51 -46.82 28.34
N CYS B 459 51.50 -45.84 27.45
CA CYS B 459 51.80 -44.47 27.84
C CYS B 459 51.02 -44.11 29.09
N LYS B 460 51.52 -43.11 29.79
CA LYS B 460 50.96 -42.68 31.05
C LYS B 460 50.11 -41.45 30.79
N ALA B 461 50.49 -40.71 29.75
CA ALA B 461 49.72 -39.55 29.27
C ALA B 461 50.27 -39.01 27.93
N GLN B 462 49.63 -37.96 27.41
CA GLN B 462 50.07 -37.30 26.17
C GLN B 462 49.75 -38.09 24.90
N CYS B 463 50.67 -38.95 24.48
CA CYS B 463 50.52 -39.82 23.30
C CYS B 463 50.55 -39.08 21.97
N ASN B 464 51.23 -37.94 21.93
CA ASN B 464 51.26 -37.18 20.71
C ASN B 464 52.65 -37.11 20.08
N THR B 465 53.44 -38.17 20.25
CA THR B 465 54.83 -38.17 19.79
C THR B 465 55.24 -39.57 19.34
N LYS B 466 56.37 -39.69 18.66
CA LYS B 466 56.83 -40.97 18.17
C LYS B 466 57.12 -41.94 19.31
N GLN B 467 57.19 -41.41 20.52
CA GLN B 467 57.46 -42.23 21.69
C GLN B 467 56.32 -43.23 21.89
N CYS B 468 55.10 -42.78 21.59
CA CYS B 468 53.87 -43.56 21.79
C CYS B 468 53.50 -44.33 20.51
N PRO B 469 53.41 -45.67 20.61
CA PRO B 469 53.42 -46.53 19.43
C PRO B 469 52.18 -46.33 18.54
N CYS B 470 51.07 -45.94 19.16
CA CYS B 470 49.82 -45.67 18.47
C CYS B 470 49.96 -44.49 17.53
N TYR B 471 50.29 -43.33 18.10
CA TYR B 471 50.53 -42.13 17.34
C TYR B 471 51.51 -42.41 16.19
N LEU B 472 52.57 -43.15 16.51
CA LEU B 472 53.58 -43.52 15.51
C LEU B 472 52.99 -44.31 14.34
N ALA B 473 52.09 -45.23 14.66
CA ALA B 473 51.40 -46.03 13.66
C ALA B 473 50.21 -45.24 13.08
N VAL B 474 50.23 -43.92 13.27
CA VAL B 474 49.10 -43.09 12.88
C VAL B 474 47.76 -43.70 13.30
N ARG B 475 47.64 -44.04 14.58
CA ARG B 475 46.36 -44.50 15.13
C ARG B 475 45.98 -43.57 16.28
N GLU B 476 44.70 -43.31 16.44
CA GLU B 476 44.24 -42.83 17.72
C GLU B 476 44.29 -44.01 18.72
N CYS B 477 44.31 -43.68 20.01
CA CYS B 477 44.20 -44.71 21.02
C CYS B 477 42.85 -45.42 20.95
N ASP B 478 42.83 -46.65 21.45
CA ASP B 478 41.64 -47.50 21.47
C ASP B 478 41.19 -47.56 22.93
N PRO B 479 39.96 -47.15 23.22
CA PRO B 479 39.47 -47.16 24.60
C PRO B 479 39.37 -48.55 25.23
N ASP B 480 39.83 -49.56 24.51
CA ASP B 480 39.75 -50.91 25.03
C ASP B 480 41.10 -51.62 24.91
N LEU B 481 42.17 -50.86 24.75
CA LEU B 481 43.50 -51.44 24.73
C LEU B 481 44.50 -50.54 25.44
N CYS B 482 44.26 -49.24 25.33
CA CYS B 482 45.14 -48.25 25.94
C CYS B 482 44.60 -47.95 27.31
N LEU B 483 44.84 -48.88 28.22
CA LEU B 483 44.17 -48.86 29.49
C LEU B 483 44.75 -47.83 30.44
N THR B 484 45.88 -47.25 30.04
CA THR B 484 46.71 -46.47 30.94
C THR B 484 46.80 -44.96 30.65
N CYS B 485 46.60 -44.57 29.39
CA CYS B 485 46.85 -43.18 29.00
C CYS B 485 45.68 -42.25 29.31
N GLY B 486 44.56 -42.82 29.73
CA GLY B 486 43.45 -41.99 30.14
C GLY B 486 42.37 -42.06 29.09
N ALA B 487 42.66 -42.83 28.04
CA ALA B 487 41.84 -42.87 26.84
C ALA B 487 40.52 -43.58 27.06
N ALA B 488 40.48 -44.45 28.06
CA ALA B 488 39.36 -45.35 28.21
C ALA B 488 38.50 -44.95 29.38
N ASP B 489 38.86 -43.85 30.01
CA ASP B 489 38.14 -43.39 31.19
C ASP B 489 37.62 -41.99 30.90
N HIS B 490 36.82 -41.46 31.82
CA HIS B 490 36.40 -40.07 31.76
C HIS B 490 35.56 -39.72 30.54
N TRP B 491 34.53 -40.52 30.27
CA TRP B 491 33.60 -40.22 29.20
C TRP B 491 32.82 -38.95 29.57
N ASP B 492 33.48 -38.06 30.30
CA ASP B 492 32.85 -36.85 30.82
C ASP B 492 33.36 -35.65 30.04
N SER B 493 34.67 -35.44 30.05
CA SER B 493 35.23 -34.31 29.30
C SER B 493 35.89 -34.78 28.01
N LYS B 494 36.09 -33.84 27.09
CA LYS B 494 36.83 -34.10 25.87
C LYS B 494 38.28 -33.62 26.03
N ASN B 495 38.54 -32.98 27.17
CA ASN B 495 39.91 -32.77 27.64
C ASN B 495 40.26 -33.87 28.62
N VAL B 496 41.31 -34.62 28.31
CA VAL B 496 41.65 -35.82 29.06
C VAL B 496 43.13 -36.07 28.91
N SER B 497 43.70 -36.77 29.88
CA SER B 497 45.13 -37.06 29.87
C SER B 497 45.65 -37.35 28.46
N CYS B 498 44.83 -38.00 27.64
CA CYS B 498 45.29 -38.63 26.41
C CYS B 498 44.94 -37.79 25.19
N LYS B 499 45.91 -37.06 24.68
CA LYS B 499 45.66 -36.10 23.60
C LYS B 499 45.44 -36.73 22.22
N ASN B 500 45.45 -38.06 22.14
CA ASN B 500 45.32 -38.73 20.84
C ASN B 500 43.99 -39.46 20.66
N CYS B 501 42.91 -38.88 21.18
CA CYS B 501 41.58 -39.45 20.95
C CYS B 501 40.50 -38.40 20.64
N SER B 502 40.91 -37.32 19.98
CA SER B 502 40.01 -36.19 19.76
C SER B 502 38.93 -36.51 18.72
N ILE B 503 39.32 -37.23 17.68
CA ILE B 503 38.36 -37.61 16.65
C ILE B 503 37.24 -38.48 17.21
N GLN B 504 37.59 -39.61 17.82
CA GLN B 504 36.60 -40.57 18.28
C GLN B 504 35.66 -40.04 19.35
N ARG B 505 36.16 -39.17 20.22
CA ARG B 505 35.34 -38.56 21.25
C ARG B 505 34.67 -37.32 20.66
N GLY B 506 35.08 -36.98 19.44
CA GLY B 506 34.52 -35.85 18.75
C GLY B 506 34.71 -34.53 19.46
N SER B 507 35.94 -34.21 19.81
CA SER B 507 36.19 -32.95 20.52
C SER B 507 36.67 -31.81 19.59
N LYS B 508 35.77 -31.40 18.70
CA LYS B 508 36.05 -30.35 17.72
C LYS B 508 36.05 -28.98 18.38
N LYS B 509 36.55 -27.97 17.66
CA LYS B 509 36.67 -26.60 18.18
C LYS B 509 35.57 -25.73 17.57
N HIS B 510 35.08 -24.73 18.29
CA HIS B 510 34.03 -23.85 17.75
C HIS B 510 34.54 -23.17 16.46
N LEU B 511 33.79 -23.32 15.37
CA LEU B 511 34.13 -22.67 14.11
C LEU B 511 33.04 -21.68 13.71
N LEU B 512 33.44 -20.64 13.00
CA LEU B 512 32.51 -19.63 12.52
C LEU B 512 32.59 -19.49 11.00
N LEU B 513 31.46 -19.14 10.40
CA LEU B 513 31.32 -19.11 8.95
C LEU B 513 31.00 -17.72 8.52
N ALA B 514 31.84 -17.18 7.64
CA ALA B 514 31.59 -15.89 7.05
C ALA B 514 32.11 -15.97 5.62
N PRO B 515 31.76 -14.98 4.78
CA PRO B 515 32.31 -14.99 3.42
C PRO B 515 33.82 -15.02 3.53
N SER B 516 34.47 -15.79 2.65
CA SER B 516 35.92 -16.03 2.68
C SER B 516 36.65 -14.74 2.38
N ASP B 517 37.96 -14.70 2.62
CA ASP B 517 38.72 -13.56 2.18
C ASP B 517 39.28 -13.81 0.80
N VAL B 518 39.31 -15.08 0.42
CA VAL B 518 39.65 -15.41 -0.95
C VAL B 518 38.41 -15.45 -1.84
N ALA B 519 37.59 -16.48 -1.69
CA ALA B 519 36.38 -16.64 -2.52
C ALA B 519 35.26 -17.50 -1.90
N GLY B 520 34.01 -17.23 -2.26
CA GLY B 520 32.92 -18.01 -1.72
C GLY B 520 32.86 -17.95 -0.20
N TRP B 521 32.49 -19.06 0.44
CA TRP B 521 32.48 -19.18 1.90
C TRP B 521 33.80 -19.73 2.46
N GLY B 522 34.18 -19.24 3.63
CA GLY B 522 35.36 -19.76 4.28
C GLY B 522 35.00 -20.01 5.71
N ILE B 523 35.95 -20.53 6.48
CA ILE B 523 35.64 -20.92 7.84
C ILE B 523 36.66 -20.34 8.81
N PHE B 524 36.20 -19.76 9.90
CA PHE B 524 37.11 -19.13 10.84
C PHE B 524 37.05 -19.78 12.23
N ILE B 525 38.21 -19.89 12.88
CA ILE B 525 38.31 -20.52 14.21
C ILE B 525 38.03 -19.48 15.30
N LYS B 526 37.34 -19.88 16.36
CA LYS B 526 36.80 -18.87 17.25
C LYS B 526 37.71 -18.61 18.42
N ASP B 527 38.50 -19.60 18.78
CA ASP B 527 39.40 -19.46 19.91
C ASP B 527 40.74 -20.00 19.44
N PRO B 528 41.83 -19.58 20.10
CA PRO B 528 43.19 -19.84 19.60
C PRO B 528 43.45 -21.33 19.47
N VAL B 529 44.67 -21.69 19.12
CA VAL B 529 44.95 -23.09 18.87
C VAL B 529 46.44 -23.33 18.67
N GLN B 530 46.95 -24.40 19.27
CA GLN B 530 48.38 -24.65 19.27
C GLN B 530 48.79 -25.45 18.06
N LYS B 531 50.03 -25.24 17.59
CA LYS B 531 50.57 -26.06 16.51
C LYS B 531 50.14 -27.50 16.76
N ASN B 532 49.83 -28.22 15.69
CA ASN B 532 49.43 -29.62 15.76
C ASN B 532 48.20 -29.94 16.62
N GLU B 533 47.47 -28.93 17.07
CA GLU B 533 46.23 -29.21 17.77
C GLU B 533 45.09 -29.66 16.82
N PHE B 534 44.21 -30.52 17.32
CA PHE B 534 43.08 -31.02 16.56
C PHE B 534 42.05 -29.89 16.44
N ILE B 535 41.46 -29.73 15.25
CA ILE B 535 40.47 -28.67 15.03
C ILE B 535 39.06 -29.24 14.78
N SER B 536 38.96 -30.07 13.74
CA SER B 536 37.75 -30.85 13.52
C SER B 536 38.00 -32.07 12.66
N GLU B 537 37.06 -33.02 12.70
CA GLU B 537 37.05 -34.11 11.72
C GLU B 537 36.42 -33.57 10.46
N TYR B 538 36.93 -34.00 9.31
CA TYR B 538 36.29 -33.69 8.04
C TYR B 538 35.33 -34.82 7.69
N CYS B 539 34.04 -34.58 7.86
CA CYS B 539 33.03 -35.61 7.62
C CYS B 539 32.21 -35.44 6.33
N GLY B 540 31.80 -36.58 5.76
CA GLY B 540 30.84 -36.58 4.67
C GLY B 540 30.18 -37.94 4.48
N GLU B 541 29.80 -38.24 3.24
CA GLU B 541 29.34 -39.57 2.92
C GLU B 541 30.49 -40.44 2.43
N ILE B 542 30.48 -41.71 2.85
CA ILE B 542 31.46 -42.66 2.37
C ILE B 542 30.87 -43.30 1.14
N ILE B 543 31.65 -43.37 0.06
CA ILE B 543 31.14 -43.91 -1.17
C ILE B 543 32.23 -44.68 -1.89
N SER B 544 31.82 -45.64 -2.72
CA SER B 544 32.77 -46.50 -3.42
C SER B 544 33.59 -45.63 -4.36
N GLN B 545 34.72 -46.16 -4.82
CA GLN B 545 35.56 -45.42 -5.75
C GLN B 545 34.81 -45.16 -7.06
N ASP B 546 33.84 -46.03 -7.33
CA ASP B 546 33.05 -45.93 -8.54
C ASP B 546 31.99 -44.84 -8.40
N GLU B 547 31.27 -44.85 -7.28
CA GLU B 547 30.28 -43.82 -7.02
C GLU B 547 30.88 -42.43 -7.06
N ALA B 548 32.13 -42.31 -6.63
CA ALA B 548 32.83 -41.03 -6.70
C ALA B 548 33.14 -40.66 -8.15
N ASP B 549 33.29 -41.68 -9.01
CA ASP B 549 33.50 -41.46 -10.44
C ASP B 549 32.26 -40.87 -11.09
N ARG B 550 31.18 -41.64 -11.04
CA ARG B 550 29.87 -41.17 -11.44
C ARG B 550 29.61 -39.75 -10.94
N ARG B 551 29.85 -39.50 -9.66
CA ARG B 551 29.51 -38.19 -9.09
C ARG B 551 30.41 -37.07 -9.61
N GLY B 552 31.69 -37.39 -9.80
CA GLY B 552 32.63 -36.38 -10.23
C GLY B 552 32.31 -35.95 -11.64
N LYS B 553 31.59 -36.80 -12.37
CA LYS B 553 31.17 -36.44 -13.71
C LYS B 553 30.20 -35.30 -13.57
N VAL B 554 29.21 -35.47 -12.70
CA VAL B 554 28.28 -34.38 -12.38
C VAL B 554 28.96 -33.18 -11.70
N TYR B 555 30.06 -33.41 -11.00
CA TYR B 555 30.68 -32.32 -10.26
C TYR B 555 31.50 -31.38 -11.13
N ASP B 556 32.14 -31.93 -12.15
CA ASP B 556 33.02 -31.15 -13.02
C ASP B 556 32.32 -29.93 -13.64
N LYS B 557 31.04 -30.08 -13.93
CA LYS B 557 30.23 -28.96 -14.39
C LYS B 557 30.55 -27.70 -13.61
N TYR B 558 30.80 -27.84 -12.31
CA TYR B 558 30.82 -26.69 -11.41
C TYR B 558 32.21 -26.16 -11.14
N MET B 559 33.23 -26.79 -11.73
CA MET B 559 34.63 -26.46 -11.43
C MET B 559 34.88 -26.44 -9.91
N CYS B 560 34.71 -27.60 -9.27
CA CYS B 560 34.38 -27.69 -7.85
C CYS B 560 34.42 -29.16 -7.49
N SER B 561 34.63 -29.44 -6.21
CA SER B 561 34.71 -30.81 -5.71
C SER B 561 34.85 -30.72 -4.22
N PHE B 562 34.24 -31.67 -3.52
CA PHE B 562 34.45 -31.85 -2.09
C PHE B 562 34.50 -33.34 -1.86
N LEU B 563 35.13 -34.02 -2.81
CA LEU B 563 35.56 -35.40 -2.67
C LEU B 563 36.91 -35.36 -2.00
N PHE B 564 37.17 -36.33 -1.13
CA PHE B 564 38.48 -36.48 -0.52
C PHE B 564 38.72 -37.93 -0.25
N ASN B 565 39.86 -38.43 -0.73
CA ASN B 565 40.12 -39.86 -0.63
C ASN B 565 40.32 -40.31 0.81
N LEU B 566 39.64 -41.39 1.19
CA LEU B 566 39.76 -41.91 2.53
C LEU B 566 40.77 -43.04 2.54
N ASN B 567 40.71 -43.88 1.50
CA ASN B 567 41.62 -45.01 1.34
C ASN B 567 41.31 -45.68 0.01
N ASN B 568 41.87 -46.87 -0.20
CA ASN B 568 41.84 -47.53 -1.50
C ASN B 568 40.44 -47.95 -1.93
N ASP B 569 39.49 -47.91 -1.02
CA ASP B 569 38.17 -48.43 -1.32
C ASP B 569 37.09 -47.38 -1.11
N PHE B 570 37.39 -46.32 -0.38
CA PHE B 570 36.36 -45.33 -0.09
C PHE B 570 36.77 -43.88 -0.26
N VAL B 571 35.80 -43.07 -0.66
CA VAL B 571 35.99 -41.64 -0.73
C VAL B 571 34.96 -41.05 0.21
N VAL B 572 35.35 -40.06 1.00
CA VAL B 572 34.33 -39.29 1.72
C VAL B 572 34.04 -38.02 0.93
N ASP B 573 32.75 -37.78 0.73
CA ASP B 573 32.27 -36.71 -0.13
C ASP B 573 31.39 -35.78 0.73
N ALA B 574 31.81 -34.54 0.89
CA ALA B 574 31.12 -33.63 1.80
C ALA B 574 30.10 -32.77 1.06
N THR B 575 29.84 -33.12 -0.20
CA THR B 575 28.96 -32.31 -1.04
C THR B 575 27.58 -32.16 -0.41
N ARG B 576 26.91 -33.30 -0.25
CA ARG B 576 25.53 -33.34 0.26
C ARG B 576 25.44 -33.32 1.80
N LYS B 577 26.36 -33.98 2.49
CA LYS B 577 26.40 -33.89 3.93
C LYS B 577 27.81 -33.85 4.49
N GLY B 578 27.94 -33.24 5.66
CA GLY B 578 29.25 -32.99 6.25
C GLY B 578 29.14 -32.00 7.39
N ASN B 579 30.26 -31.48 7.87
CA ASN B 579 30.25 -30.54 9.01
C ASN B 579 30.94 -29.27 8.60
N LYS B 580 30.96 -28.28 9.50
CA LYS B 580 31.44 -26.96 9.16
C LYS B 580 32.88 -26.86 8.64
N ILE B 581 33.72 -27.87 8.85
CA ILE B 581 35.10 -27.74 8.42
C ILE B 581 35.22 -27.95 6.91
N ARG B 582 34.10 -28.25 6.26
CA ARG B 582 34.07 -28.33 4.79
C ARG B 582 34.19 -26.94 4.14
N PHE B 583 33.82 -25.91 4.90
CA PHE B 583 33.97 -24.54 4.47
C PHE B 583 35.38 -24.02 4.62
N ALA B 584 36.35 -24.91 4.84
CA ALA B 584 37.75 -24.50 4.87
C ALA B 584 38.25 -24.50 3.44
N ASN B 585 38.92 -23.42 3.02
CA ASN B 585 39.32 -23.32 1.62
C ASN B 585 40.70 -23.86 1.35
N HIS B 586 40.97 -24.21 0.10
CA HIS B 586 42.26 -24.76 -0.26
C HIS B 586 43.31 -23.68 -0.39
N SER B 587 44.56 -24.08 -0.20
CA SER B 587 45.68 -23.17 -0.27
C SER B 587 46.88 -24.07 -0.39
N VAL B 588 47.95 -23.57 -1.02
CA VAL B 588 49.21 -24.29 -0.94
C VAL B 588 50.08 -23.71 0.15
N ASN B 589 49.56 -22.71 0.85
CA ASN B 589 50.22 -22.18 2.03
C ASN B 589 49.28 -22.19 3.24
N PRO B 590 48.85 -23.40 3.65
CA PRO B 590 47.84 -23.63 4.69
C PRO B 590 48.32 -23.29 6.10
N ASN B 591 47.39 -23.08 7.01
CA ASN B 591 47.71 -23.06 8.42
C ASN B 591 47.13 -24.31 9.09
N CYS B 592 46.57 -25.18 8.25
CA CYS B 592 46.00 -26.46 8.70
C CYS B 592 46.45 -27.60 7.81
N TYR B 593 46.44 -28.82 8.34
CA TYR B 593 46.64 -29.98 7.51
C TYR B 593 45.70 -31.11 7.88
N ALA B 594 45.54 -32.03 6.93
CA ALA B 594 44.67 -33.18 7.11
C ALA B 594 45.53 -34.41 7.43
N LYS B 595 45.05 -35.24 8.35
CA LYS B 595 45.69 -36.51 8.66
C LYS B 595 44.56 -37.54 8.66
N VAL B 596 44.70 -38.59 7.86
CA VAL B 596 43.74 -39.68 7.93
C VAL B 596 44.23 -40.64 8.97
N MET B 597 43.39 -40.98 9.93
CA MET B 597 43.81 -41.84 11.01
C MET B 597 42.93 -43.08 11.12
N MET B 598 43.51 -44.19 11.54
CA MET B 598 42.69 -45.31 11.96
C MET B 598 42.19 -45.00 13.36
N VAL B 599 40.90 -45.23 13.58
CA VAL B 599 40.28 -44.94 14.86
C VAL B 599 39.27 -46.04 15.19
N ASN B 600 39.69 -47.02 15.99
CA ASN B 600 38.79 -48.10 16.36
C ASN B 600 38.27 -48.76 15.09
N GLY B 601 39.16 -48.88 14.10
CA GLY B 601 38.85 -49.70 12.94
C GLY B 601 38.19 -48.97 11.78
N ASP B 602 37.95 -47.66 11.93
CA ASP B 602 37.49 -46.85 10.82
C ASP B 602 38.62 -45.92 10.42
N HIS B 603 38.70 -45.59 9.12
CA HIS B 603 39.56 -44.49 8.69
C HIS B 603 38.76 -43.20 8.82
N ARG B 604 39.37 -42.18 9.43
CA ARG B 604 38.70 -40.90 9.65
C ARG B 604 39.66 -39.75 9.34
N ILE B 605 39.14 -38.67 8.79
CA ILE B 605 40.01 -37.56 8.43
C ILE B 605 40.03 -36.52 9.52
N GLY B 606 41.20 -36.36 10.15
CA GLY B 606 41.36 -35.29 11.11
C GLY B 606 42.01 -34.06 10.50
N ILE B 607 41.40 -32.90 10.73
CA ILE B 607 42.06 -31.63 10.39
C ILE B 607 42.83 -31.08 11.61
N PHE B 608 44.13 -30.90 11.44
CA PHE B 608 44.98 -30.34 12.51
C PHE B 608 45.63 -29.04 12.10
N ALA B 609 45.83 -28.15 13.07
CA ALA B 609 46.61 -26.91 12.88
C ALA B 609 48.09 -27.17 12.56
N LYS B 610 48.65 -26.35 11.67
CA LYS B 610 50.00 -26.56 11.15
C LYS B 610 51.01 -25.67 11.86
N ARG B 611 50.50 -24.54 12.34
CA ARG B 611 51.23 -23.64 13.19
C ARG B 611 50.18 -23.12 14.15
N ALA B 612 50.58 -22.36 15.16
CA ALA B 612 49.60 -21.76 16.07
C ALA B 612 48.66 -20.86 15.26
N ILE B 613 47.47 -20.62 15.81
CA ILE B 613 46.46 -19.85 15.08
C ILE B 613 45.67 -19.04 16.08
N GLN B 614 45.45 -17.77 15.75
CA GLN B 614 44.86 -16.86 16.73
C GLN B 614 43.37 -16.62 16.52
N THR B 615 42.73 -15.97 17.49
CA THR B 615 41.29 -15.73 17.48
C THR B 615 40.81 -15.18 16.16
N GLY B 616 40.03 -15.98 15.43
CA GLY B 616 39.35 -15.45 14.27
C GLY B 616 40.08 -15.60 12.95
N GLU B 617 41.20 -16.31 12.91
CA GLU B 617 41.89 -16.52 11.65
C GLU B 617 41.06 -17.41 10.71
N GLU B 618 41.31 -17.28 9.40
CA GLU B 618 40.66 -18.12 8.40
C GLU B 618 41.43 -19.41 8.17
N LEU B 619 40.71 -20.52 8.04
CA LEU B 619 41.31 -21.84 8.02
C LEU B 619 41.46 -22.39 6.60
N PHE B 620 42.66 -22.88 6.30
CA PHE B 620 42.96 -23.41 4.98
C PHE B 620 43.73 -24.70 5.14
N PHE B 621 43.62 -25.58 4.16
CA PHE B 621 44.53 -26.71 4.12
C PHE B 621 44.71 -27.17 2.68
N ASP B 622 45.75 -27.94 2.44
CA ASP B 622 46.15 -28.21 1.08
C ASP B 622 45.41 -29.42 0.47
N TYR B 623 44.34 -29.16 -0.28
CA TYR B 623 43.50 -30.24 -0.81
C TYR B 623 44.29 -31.23 -1.67
N ARG B 624 45.53 -30.90 -2.01
CA ARG B 624 46.19 -31.65 -3.07
C ARG B 624 46.60 -33.04 -2.63
N TYR B 625 46.97 -33.17 -1.37
CA TYR B 625 47.39 -34.47 -0.86
C TYR B 625 46.16 -35.36 -0.69
N SER B 626 45.07 -34.77 -0.21
CA SER B 626 43.81 -35.49 -0.12
C SER B 626 43.37 -35.95 -1.49
N GLN B 627 44.19 -35.70 -2.50
CA GLN B 627 43.84 -36.01 -3.88
C GLN B 627 44.91 -36.87 -4.56
N ALA B 628 45.95 -37.21 -3.83
CA ALA B 628 46.92 -38.20 -4.30
C ALA B 628 46.69 -39.58 -3.66
N ASP B 629 45.80 -40.36 -4.25
CA ASP B 629 45.70 -41.79 -3.96
C ASP B 629 46.19 -42.51 -5.20
N ALA B 630 47.22 -43.32 -5.04
CA ALA B 630 47.67 -44.23 -6.08
C ALA B 630 48.23 -45.51 -5.46
N PHE C 3 -12.05 -14.90 -26.31
CA PHE C 3 -10.86 -14.00 -26.07
C PHE C 3 -10.36 -13.32 -27.34
N LYS C 4 -10.21 -12.00 -27.29
CA LYS C 4 -9.62 -11.26 -28.42
C LYS C 4 -8.40 -10.47 -28.01
N CYS C 5 -7.39 -10.47 -28.88
CA CYS C 5 -6.16 -9.72 -28.64
C CYS C 5 -6.41 -8.25 -28.86
N VAL C 6 -6.12 -7.42 -27.87
CA VAL C 6 -6.55 -6.03 -27.93
C VAL C 6 -5.51 -5.00 -27.45
N ASN C 7 -4.24 -5.39 -27.52
CA ASN C 7 -3.09 -4.49 -27.32
C ASN C 7 -1.84 -5.35 -27.22
N SER C 8 -0.67 -4.72 -27.22
CA SER C 8 0.60 -5.45 -27.15
C SER C 8 1.71 -4.47 -26.87
N LEU C 9 2.28 -4.51 -25.67
CA LEU C 9 3.33 -3.59 -25.27
C LEU C 9 4.74 -4.13 -25.43
N LYS C 10 5.72 -3.25 -25.27
CA LYS C 10 7.12 -3.65 -25.28
C LYS C 10 7.93 -2.76 -24.34
N GLU C 11 8.71 -3.39 -23.48
CA GLU C 11 9.51 -2.67 -22.50
C GLU C 11 10.89 -2.40 -23.09
N ASP C 12 11.46 -1.24 -22.77
CA ASP C 12 12.59 -0.75 -23.54
C ASP C 12 13.88 -1.60 -23.48
N HIS C 13 13.93 -2.60 -22.61
CA HIS C 13 15.18 -3.27 -22.33
C HIS C 13 15.45 -4.47 -23.22
N ASN C 14 14.45 -4.96 -23.92
CA ASN C 14 14.65 -6.08 -24.84
C ASN C 14 15.00 -7.40 -24.17
N GLN C 15 14.96 -7.41 -22.84
CA GLN C 15 15.27 -8.61 -22.10
C GLN C 15 14.01 -9.44 -21.91
N PRO C 16 14.16 -10.77 -21.82
CA PRO C 16 13.03 -11.66 -21.50
C PRO C 16 12.25 -11.25 -20.23
N LEU C 17 10.93 -11.23 -20.33
CA LEU C 17 10.06 -11.05 -19.17
C LEU C 17 9.60 -12.40 -18.60
N PHE C 18 10.10 -12.78 -17.44
CA PHE C 18 9.83 -14.12 -16.94
C PHE C 18 8.59 -14.19 -16.08
N GLY C 19 8.17 -13.05 -15.53
CA GLY C 19 7.02 -13.06 -14.65
C GLY C 19 5.98 -11.98 -14.85
N VAL C 20 4.72 -12.36 -14.63
CA VAL C 20 3.60 -11.42 -14.66
C VAL C 20 2.47 -11.81 -13.69
N GLN C 21 2.01 -10.85 -12.89
CA GLN C 21 1.05 -11.16 -11.84
C GLN C 21 0.06 -10.05 -11.61
N PHE C 22 -1.20 -10.28 -11.97
CA PHE C 22 -2.26 -9.37 -11.59
C PHE C 22 -2.33 -9.23 -10.07
N ASN C 23 -2.77 -8.07 -9.62
CA ASN C 23 -2.94 -7.82 -8.19
C ASN C 23 -4.35 -8.21 -7.84
N TRP C 24 -4.51 -9.38 -7.23
CA TRP C 24 -5.83 -9.88 -6.90
C TRP C 24 -6.39 -9.29 -5.60
N HIS C 25 -5.79 -8.20 -5.13
CA HIS C 25 -6.21 -7.58 -3.89
C HIS C 25 -6.92 -6.24 -4.09
N SER C 26 -7.05 -5.85 -5.37
CA SER C 26 -7.77 -4.63 -5.75
C SER C 26 -9.21 -4.68 -5.28
N LYS C 27 -9.69 -3.57 -4.71
CA LYS C 27 -11.10 -3.44 -4.37
C LYS C 27 -11.98 -3.69 -5.57
N GLU C 28 -13.24 -4.02 -5.31
CA GLU C 28 -14.24 -4.07 -6.35
C GLU C 28 -14.43 -2.64 -6.87
N GLY C 29 -14.12 -2.41 -8.13
CA GLY C 29 -14.21 -1.06 -8.67
C GLY C 29 -12.89 -0.43 -9.03
N ASP C 30 -11.86 -0.60 -8.20
CA ASP C 30 -10.52 -0.12 -8.52
C ASP C 30 -10.04 -0.80 -9.78
N PRO C 31 -9.20 -0.13 -10.56
CA PRO C 31 -8.75 -0.67 -11.83
C PRO C 31 -7.88 -1.92 -11.73
N LEU C 32 -7.78 -2.66 -12.83
CA LEU C 32 -7.07 -3.93 -12.85
C LEU C 32 -5.57 -3.72 -13.07
N VAL C 33 -4.78 -3.68 -12.00
CA VAL C 33 -3.32 -3.55 -12.13
C VAL C 33 -2.59 -4.89 -12.17
N PHE C 34 -1.70 -5.07 -13.13
CA PHE C 34 -0.76 -6.18 -13.06
C PHE C 34 0.69 -5.71 -12.96
N ALA C 35 1.61 -6.65 -12.83
CA ALA C 35 3.03 -6.33 -12.66
C ALA C 35 3.90 -7.28 -13.45
N THR C 36 5.09 -6.81 -13.81
CA THR C 36 5.95 -7.47 -14.78
C THR C 36 7.36 -7.49 -14.26
N VAL C 37 8.06 -8.61 -14.41
CA VAL C 37 9.48 -8.63 -14.07
C VAL C 37 10.33 -9.28 -15.14
N GLY C 38 11.58 -8.83 -15.19
CA GLY C 38 12.51 -9.29 -16.20
C GLY C 38 13.69 -8.36 -16.18
N SER C 39 14.79 -8.79 -16.79
CA SER C 39 16.06 -8.05 -16.69
C SER C 39 16.25 -7.77 -15.21
N ASN C 40 16.54 -6.52 -14.86
CA ASN C 40 16.62 -6.15 -13.46
C ASN C 40 15.54 -5.15 -13.12
N ARG C 41 14.33 -5.41 -13.60
CA ARG C 41 13.25 -4.45 -13.45
C ARG C 41 11.95 -5.04 -12.95
N VAL C 42 11.17 -4.20 -12.29
CA VAL C 42 9.84 -4.56 -11.86
C VAL C 42 8.97 -3.44 -12.44
N THR C 43 7.84 -3.79 -13.03
CA THR C 43 7.01 -2.78 -13.66
C THR C 43 5.53 -2.99 -13.37
N LEU C 44 4.83 -1.95 -12.91
CA LEU C 44 3.38 -2.02 -12.70
C LEU C 44 2.54 -1.38 -13.83
N TYR C 45 1.37 -1.94 -14.10
CA TYR C 45 0.52 -1.44 -15.17
C TYR C 45 -0.93 -1.40 -14.72
N GLU C 46 -1.61 -0.30 -15.01
CA GLU C 46 -3.05 -0.21 -14.83
C GLU C 46 -3.72 -0.60 -16.15
N CYS C 47 -4.82 -1.35 -16.06
CA CYS C 47 -5.55 -1.75 -17.27
C CYS C 47 -6.80 -0.92 -17.44
N HIS C 48 -7.04 -0.46 -18.66
CA HIS C 48 -8.21 0.34 -18.97
C HIS C 48 -8.98 -0.11 -20.20
N SER C 49 -10.07 0.62 -20.49
CA SER C 49 -10.99 0.25 -21.53
C SER C 49 -10.42 0.35 -22.95
N GLN C 50 -10.98 -0.48 -23.84
CA GLN C 50 -10.62 -0.44 -25.24
C GLN C 50 -9.19 -0.87 -25.47
N GLY C 51 -8.66 -1.67 -24.56
CA GLY C 51 -7.36 -2.28 -24.76
C GLY C 51 -6.21 -1.43 -24.25
N GLU C 52 -6.51 -0.24 -23.74
CA GLU C 52 -5.45 0.67 -23.31
C GLU C 52 -4.76 0.13 -22.04
N ILE C 53 -3.44 0.05 -22.07
CA ILE C 53 -2.67 -0.38 -20.90
C ILE C 53 -1.77 0.76 -20.49
N ARG C 54 -1.92 1.23 -19.26
CA ARG C 54 -1.25 2.46 -18.83
C ARG C 54 -0.07 2.23 -17.91
N LEU C 55 1.10 2.72 -18.30
CA LEU C 55 2.33 2.55 -17.52
C LEU C 55 2.31 3.34 -16.20
N LEU C 56 2.43 2.63 -15.08
CA LEU C 56 2.20 3.19 -13.74
C LEU C 56 3.48 3.45 -12.96
N GLN C 57 4.32 2.43 -12.82
CA GLN C 57 5.57 2.55 -12.10
C GLN C 57 6.63 1.64 -12.70
N SER C 58 7.85 1.77 -12.22
CA SER C 58 8.91 0.90 -12.67
C SER C 58 10.16 1.09 -11.82
N TYR C 59 10.78 -0.02 -11.46
CA TYR C 59 11.97 0.03 -10.64
C TYR C 59 13.10 -0.71 -11.31
N VAL C 60 14.31 -0.43 -10.86
CA VAL C 60 15.49 -1.06 -11.43
C VAL C 60 16.55 -1.25 -10.32
N ASP C 61 17.13 -2.44 -10.28
CA ASP C 61 18.00 -2.80 -9.16
C ASP C 61 19.30 -2.04 -9.33
N ALA C 62 19.72 -1.38 -8.25
CA ALA C 62 20.98 -0.67 -8.26
C ALA C 62 22.04 -1.56 -8.87
N ASP C 63 21.89 -2.86 -8.66
CA ASP C 63 22.83 -3.82 -9.24
C ASP C 63 22.41 -4.18 -10.66
N ALA C 64 23.38 -4.37 -11.54
CA ALA C 64 23.08 -4.55 -12.96
C ALA C 64 22.96 -6.01 -13.33
N ASP C 65 23.49 -6.87 -12.47
CA ASP C 65 23.41 -8.30 -12.72
C ASP C 65 22.26 -8.95 -12.00
N GLU C 66 21.47 -8.18 -11.27
CA GLU C 66 20.23 -8.75 -10.78
C GLU C 66 19.41 -9.11 -11.99
N ASN C 67 18.49 -10.05 -11.82
CA ASN C 67 17.71 -10.53 -12.94
C ASN C 67 16.44 -11.17 -12.37
N PHE C 68 15.39 -10.38 -12.23
CA PHE C 68 14.20 -10.80 -11.51
C PHE C 68 13.43 -11.87 -12.25
N TYR C 69 13.11 -12.98 -11.58
CA TYR C 69 12.42 -14.09 -12.20
C TYR C 69 10.97 -14.13 -11.78
N THR C 70 10.67 -13.65 -10.59
CA THR C 70 9.32 -13.82 -10.09
C THR C 70 8.92 -12.70 -9.18
N CYS C 71 7.62 -12.51 -9.01
CA CYS C 71 7.09 -11.61 -8.00
C CYS C 71 5.78 -12.18 -7.46
N ALA C 72 5.26 -11.53 -6.42
CA ALA C 72 3.95 -11.88 -5.92
C ALA C 72 3.37 -10.75 -5.09
N TRP C 73 2.06 -10.56 -5.17
CA TRP C 73 1.38 -9.47 -4.48
C TRP C 73 0.86 -9.91 -3.12
N THR C 74 1.19 -9.16 -2.07
CA THR C 74 0.55 -9.30 -0.78
C THR C 74 0.11 -7.91 -0.30
N TYR C 75 -0.39 -7.82 0.93
CA TYR C 75 -0.68 -6.53 1.52
C TYR C 75 -0.19 -6.44 2.95
N ASP C 76 -0.20 -5.24 3.52
CA ASP C 76 0.06 -5.04 4.94
C ASP C 76 -1.26 -4.89 5.68
N SER C 77 -1.58 -5.85 6.55
CA SER C 77 -2.89 -5.90 7.19
C SER C 77 -3.29 -4.62 7.86
N ASN C 78 -2.28 -3.88 8.36
CA ASN C 78 -2.52 -2.77 9.25
C ASN C 78 -2.26 -1.44 8.57
N THR C 79 -2.53 -1.38 7.26
CA THR C 79 -2.14 -0.24 6.43
C THR C 79 -2.86 -0.31 5.09
N SER C 80 -3.37 -1.49 4.78
CA SER C 80 -4.05 -1.74 3.51
C SER C 80 -3.31 -1.19 2.30
N HIS C 81 -1.99 -1.27 2.34
CA HIS C 81 -1.19 -1.00 1.15
C HIS C 81 -0.88 -2.32 0.44
N PRO C 82 -0.93 -2.32 -0.89
CA PRO C 82 -0.43 -3.50 -1.59
C PRO C 82 1.06 -3.61 -1.34
N LEU C 83 1.60 -4.81 -1.49
CA LEU C 83 3.04 -4.97 -1.51
C LEU C 83 3.39 -5.91 -2.66
N LEU C 84 4.58 -5.76 -3.20
CA LEU C 84 4.98 -6.62 -4.28
C LEU C 84 6.31 -7.18 -3.85
N ALA C 85 6.40 -8.51 -3.77
CA ALA C 85 7.67 -9.17 -3.49
C ALA C 85 8.25 -9.54 -4.82
N VAL C 86 9.55 -9.33 -4.99
CA VAL C 86 10.18 -9.74 -6.23
C VAL C 86 11.52 -10.39 -5.92
N ALA C 87 11.99 -11.23 -6.84
CA ALA C 87 13.31 -11.83 -6.69
C ALA C 87 13.73 -12.59 -7.92
N GLY C 88 14.99 -13.02 -7.92
CA GLY C 88 15.52 -13.82 -9.00
C GLY C 88 16.91 -14.37 -8.72
N SER C 89 17.80 -14.18 -9.67
CA SER C 89 19.06 -14.92 -9.69
C SER C 89 20.00 -14.58 -8.54
N ARG C 90 19.90 -13.38 -7.99
CA ARG C 90 20.81 -12.97 -6.94
C ARG C 90 20.35 -13.51 -5.60
N GLY C 91 19.28 -14.28 -5.64
CA GLY C 91 18.78 -14.94 -4.46
C GLY C 91 18.40 -13.95 -3.38
N ILE C 92 17.73 -12.87 -3.76
CA ILE C 92 17.37 -11.82 -2.82
C ILE C 92 15.93 -11.38 -3.00
N ILE C 93 15.20 -11.28 -1.90
CA ILE C 93 13.80 -10.93 -1.95
C ILE C 93 13.69 -9.48 -1.57
N ARG C 94 13.02 -8.72 -2.43
CA ARG C 94 12.61 -7.37 -2.07
C ARG C 94 11.09 -7.29 -1.92
N ILE C 95 10.68 -6.55 -0.90
CA ILE C 95 9.28 -6.25 -0.70
C ILE C 95 9.10 -4.79 -1.09
N ILE C 96 8.63 -4.56 -2.30
CA ILE C 96 8.34 -3.20 -2.75
C ILE C 96 6.97 -2.75 -2.29
N ASN C 97 6.92 -1.55 -1.70
CA ASN C 97 5.67 -0.88 -1.32
C ASN C 97 5.34 0.21 -2.36
N PRO C 98 4.38 -0.06 -3.25
CA PRO C 98 4.14 0.84 -4.39
C PRO C 98 3.33 2.09 -4.05
N ILE C 99 2.70 2.12 -2.87
CA ILE C 99 2.03 3.33 -2.40
C ILE C 99 3.05 4.36 -1.91
N THR C 100 4.30 3.97 -1.83
CA THR C 100 5.32 4.76 -1.16
C THR C 100 6.59 4.72 -1.97
N MET C 101 6.62 3.82 -2.94
CA MET C 101 7.71 3.76 -3.91
C MET C 101 9.03 3.38 -3.24
N GLN C 102 8.96 2.73 -2.08
CA GLN C 102 10.15 2.26 -1.38
C GLN C 102 10.39 0.78 -1.62
N CYS C 103 11.65 0.37 -1.51
CA CYS C 103 11.94 -1.00 -1.16
C CYS C 103 12.01 -1.01 0.37
N ILE C 104 11.01 -1.61 1.03
CA ILE C 104 10.87 -1.48 2.48
C ILE C 104 11.47 -2.64 3.29
N LYS C 105 11.77 -3.74 2.62
CA LYS C 105 12.49 -4.84 3.26
C LYS C 105 13.24 -5.60 2.19
N HIS C 106 14.21 -6.39 2.62
CA HIS C 106 14.84 -7.38 1.74
C HIS C 106 15.37 -8.54 2.59
N TYR C 107 15.47 -9.73 1.99
CA TYR C 107 15.94 -10.91 2.73
C TYR C 107 17.10 -11.63 2.02
N VAL C 108 18.26 -11.63 2.65
CA VAL C 108 19.36 -12.38 2.09
C VAL C 108 19.43 -13.70 2.82
N GLY C 109 19.76 -14.78 2.12
CA GLY C 109 19.70 -16.07 2.77
C GLY C 109 19.76 -17.25 1.83
N HIS C 110 18.92 -17.27 0.81
CA HIS C 110 19.03 -18.38 -0.12
C HIS C 110 20.43 -18.35 -0.68
N GLY C 111 21.02 -19.53 -0.86
CA GLY C 111 22.40 -19.57 -1.28
C GLY C 111 22.57 -19.51 -2.78
N ASN C 112 21.46 -19.38 -3.48
CA ASN C 112 21.48 -19.31 -4.93
C ASN C 112 20.23 -18.60 -5.40
N ALA C 113 19.86 -18.82 -6.65
CA ALA C 113 18.78 -18.04 -7.27
C ALA C 113 17.37 -18.49 -6.89
N ILE C 114 16.46 -17.53 -6.82
CA ILE C 114 15.08 -17.77 -6.45
C ILE C 114 14.17 -17.93 -7.66
N ASN C 115 13.56 -19.09 -7.81
CA ASN C 115 12.76 -19.34 -9.00
C ASN C 115 11.27 -19.05 -8.86
N GLU C 116 10.76 -19.08 -7.63
CA GLU C 116 9.37 -18.69 -7.40
C GLU C 116 9.15 -18.01 -6.08
N LEU C 117 8.00 -17.38 -5.96
CA LEU C 117 7.59 -16.68 -4.77
C LEU C 117 6.08 -16.89 -4.72
N LYS C 118 5.55 -17.15 -3.53
CA LYS C 118 4.11 -17.35 -3.39
C LYS C 118 3.68 -16.96 -1.97
N PHE C 119 2.63 -16.14 -1.82
CA PHE C 119 2.16 -15.76 -0.49
C PHE C 119 1.05 -16.66 0.06
N HIS C 120 0.96 -16.74 1.38
CA HIS C 120 0.00 -17.59 2.03
C HIS C 120 -1.36 -17.02 1.76
N PRO C 121 -2.30 -17.88 1.34
CA PRO C 121 -3.66 -17.53 0.90
C PRO C 121 -4.47 -16.80 1.95
N ARG C 122 -4.05 -16.92 3.20
CA ARG C 122 -4.83 -16.35 4.29
C ARG C 122 -4.03 -15.56 5.32
N ASP C 123 -2.71 -15.70 5.28
CA ASP C 123 -1.81 -14.88 6.11
C ASP C 123 -0.86 -14.06 5.25
N PRO C 124 -1.16 -12.76 5.07
CA PRO C 124 -0.41 -11.95 4.11
C PRO C 124 1.06 -11.86 4.44
N ASN C 125 1.44 -12.39 5.59
CA ASN C 125 2.79 -12.20 6.08
C ASN C 125 3.70 -13.39 5.86
N LEU C 126 3.16 -14.47 5.31
CA LEU C 126 3.95 -15.68 5.18
C LEU C 126 4.38 -15.88 3.73
N LEU C 127 5.66 -15.73 3.47
CA LEU C 127 6.14 -15.78 2.11
C LEU C 127 6.89 -17.09 1.91
N LEU C 128 6.53 -17.84 0.87
CA LEU C 128 7.27 -19.05 0.53
C LEU C 128 8.15 -18.78 -0.66
N SER C 129 9.43 -19.13 -0.57
CA SER C 129 10.39 -18.89 -1.65
C SER C 129 11.07 -20.16 -2.11
N VAL C 130 11.06 -20.39 -3.42
CA VAL C 130 11.61 -21.59 -4.03
C VAL C 130 12.94 -21.28 -4.75
N SER C 131 13.93 -22.16 -4.66
CA SER C 131 15.28 -21.78 -5.07
C SER C 131 16.18 -22.82 -5.75
N LYS C 132 17.28 -22.33 -6.29
CA LYS C 132 18.24 -23.14 -7.05
C LYS C 132 19.19 -23.88 -6.12
N ASP C 133 19.17 -23.52 -4.83
CA ASP C 133 19.98 -24.18 -3.78
C ASP C 133 19.33 -25.47 -3.30
N HIS C 134 18.19 -25.83 -3.89
CA HIS C 134 17.55 -27.11 -3.64
C HIS C 134 16.55 -27.03 -2.47
N ALA C 135 16.26 -25.83 -2.00
CA ALA C 135 15.40 -25.67 -0.84
C ALA C 135 14.20 -24.77 -1.09
N LEU C 136 13.13 -24.95 -0.32
CA LEU C 136 12.08 -23.92 -0.19
C LEU C 136 12.41 -23.14 1.07
N ARG C 137 11.63 -22.12 1.40
CA ARG C 137 11.88 -21.33 2.60
C ARG C 137 10.68 -20.46 2.91
N LEU C 138 10.11 -20.63 4.09
CA LEU C 138 8.92 -19.91 4.45
C LEU C 138 9.34 -18.75 5.34
N TRP C 139 9.06 -17.53 4.90
CA TRP C 139 9.40 -16.34 5.68
C TRP C 139 8.17 -15.72 6.35
N ASN C 140 8.39 -15.06 7.49
CA ASN C 140 7.35 -14.25 8.10
C ASN C 140 7.74 -12.81 8.08
N ILE C 141 7.16 -12.02 7.17
CA ILE C 141 7.71 -10.73 6.77
C ILE C 141 7.30 -9.59 7.69
N GLN C 142 6.41 -9.89 8.65
CA GLN C 142 6.09 -8.89 9.66
C GLN C 142 7.19 -8.88 10.70
N THR C 143 7.45 -10.04 11.29
CA THR C 143 8.43 -10.15 12.34
C THR C 143 9.82 -10.44 11.77
N ASP C 144 9.93 -10.55 10.46
CA ASP C 144 11.23 -10.61 9.78
C ASP C 144 11.97 -11.88 10.12
N THR C 145 11.26 -13.01 10.15
CA THR C 145 11.85 -14.26 10.64
C THR C 145 11.76 -15.42 9.64
N LEU C 146 12.79 -16.25 9.59
CA LEU C 146 12.79 -17.40 8.69
C LEU C 146 12.15 -18.57 9.42
N VAL C 147 10.91 -18.89 9.07
CA VAL C 147 10.15 -19.86 9.86
C VAL C 147 10.59 -21.30 9.67
N ALA C 148 11.00 -21.64 8.45
CA ALA C 148 11.35 -23.02 8.18
C ALA C 148 12.11 -23.11 6.87
N ILE C 149 13.00 -24.10 6.75
CA ILE C 149 13.63 -24.41 5.50
C ILE C 149 13.17 -25.79 5.10
N PHE C 150 12.39 -25.87 4.03
CA PHE C 150 11.94 -27.17 3.53
C PHE C 150 12.95 -27.82 2.58
N GLY C 151 13.99 -28.42 3.15
CA GLY C 151 14.94 -29.18 2.36
C GLY C 151 15.77 -30.08 3.27
N GLY C 152 16.72 -30.81 2.68
CA GLY C 152 17.54 -31.70 3.48
C GLY C 152 17.61 -33.11 2.88
N VAL C 153 17.87 -34.09 3.74
CA VAL C 153 18.12 -35.46 3.29
C VAL C 153 17.05 -36.04 2.38
N GLU C 154 15.80 -35.63 2.58
CA GLU C 154 14.71 -36.13 1.76
C GLU C 154 13.97 -35.04 1.01
N GLY C 155 14.57 -33.86 0.98
CA GLY C 155 14.12 -32.81 0.09
C GLY C 155 14.68 -32.96 -1.32
N HIS C 156 14.46 -31.93 -2.12
CA HIS C 156 14.84 -31.97 -3.52
C HIS C 156 16.33 -32.13 -3.69
N ARG C 157 16.71 -33.03 -4.59
CA ARG C 157 18.11 -33.30 -4.89
C ARG C 157 18.67 -32.27 -5.88
N ASP C 158 17.82 -31.40 -6.40
CA ASP C 158 18.27 -30.45 -7.41
C ASP C 158 17.42 -29.18 -7.39
N GLU C 159 17.77 -28.23 -8.24
CA GLU C 159 17.04 -26.96 -8.34
C GLU C 159 15.52 -27.11 -8.15
N VAL C 160 14.94 -26.34 -7.24
CA VAL C 160 13.48 -26.34 -7.07
C VAL C 160 12.87 -25.28 -7.99
N LEU C 161 11.94 -25.64 -8.85
CA LEU C 161 11.48 -24.71 -9.88
C LEU C 161 10.14 -24.02 -9.60
N SER C 162 9.45 -24.41 -8.54
CA SER C 162 8.04 -24.06 -8.43
C SER C 162 7.35 -24.61 -7.17
N ALA C 163 6.31 -23.93 -6.71
CA ALA C 163 5.62 -24.33 -5.49
C ALA C 163 4.25 -23.68 -5.43
N ASP C 164 3.39 -24.17 -4.54
CA ASP C 164 2.04 -23.66 -4.48
C ASP C 164 1.39 -24.01 -3.16
N TYR C 165 0.75 -23.05 -2.53
CA TYR C 165 -0.16 -23.36 -1.43
C TYR C 165 -1.47 -23.86 -2.01
N ASP C 166 -2.19 -24.66 -1.22
CA ASP C 166 -3.54 -25.06 -1.57
C ASP C 166 -4.50 -23.91 -1.26
N LEU C 167 -5.76 -24.08 -1.63
CA LEU C 167 -6.75 -23.01 -1.45
C LEU C 167 -6.88 -22.55 -0.02
N LEU C 168 -6.61 -23.42 0.95
CA LEU C 168 -6.79 -23.03 2.33
C LEU C 168 -5.53 -22.65 3.10
N GLY C 169 -4.37 -22.94 2.53
CA GLY C 169 -3.14 -22.58 3.22
C GLY C 169 -2.77 -23.63 4.25
N GLU C 170 -3.01 -24.89 3.91
CA GLU C 170 -2.70 -25.97 4.83
C GLU C 170 -1.46 -26.73 4.38
N LYS C 171 -1.24 -26.81 3.07
CA LYS C 171 -0.13 -27.57 2.54
C LYS C 171 0.48 -26.96 1.26
N ILE C 172 1.76 -27.25 1.04
CA ILE C 172 2.51 -26.79 -0.11
C ILE C 172 2.91 -27.99 -0.97
N MET C 173 2.94 -27.84 -2.28
CA MET C 173 3.47 -28.90 -3.14
C MET C 173 4.56 -28.25 -3.98
N SER C 174 5.65 -28.95 -4.19
CA SER C 174 6.75 -28.35 -4.91
C SER C 174 7.25 -29.29 -5.99
N CYS C 175 7.93 -28.72 -6.99
CA CYS C 175 8.56 -29.51 -8.02
C CYS C 175 9.91 -28.91 -8.41
N GLY C 176 10.69 -29.67 -9.16
CA GLY C 176 12.05 -29.26 -9.46
C GLY C 176 12.76 -30.12 -10.49
N MET C 177 14.04 -29.83 -10.67
CA MET C 177 14.79 -30.37 -11.77
C MET C 177 15.07 -31.85 -11.59
N ASP C 178 14.77 -32.37 -10.41
CA ASP C 178 15.01 -33.78 -10.13
C ASP C 178 13.87 -34.69 -10.58
N HIS C 179 12.89 -34.12 -11.29
CA HIS C 179 11.71 -34.85 -11.75
C HIS C 179 10.67 -34.97 -10.66
N SER C 180 10.91 -34.40 -9.50
CA SER C 180 10.10 -34.73 -8.34
C SER C 180 9.05 -33.69 -7.91
N LEU C 181 7.90 -34.17 -7.46
CA LEU C 181 6.95 -33.30 -6.77
C LEU C 181 6.88 -33.76 -5.31
N LYS C 182 6.58 -32.81 -4.42
CA LYS C 182 6.67 -33.06 -2.99
C LYS C 182 5.57 -32.31 -2.24
N LEU C 183 5.08 -32.89 -1.16
CA LEU C 183 4.03 -32.24 -0.39
C LEU C 183 4.61 -31.91 0.98
N TRP C 184 4.45 -30.67 1.40
CA TRP C 184 4.89 -30.24 2.74
C TRP C 184 3.69 -29.61 3.44
N ARG C 185 3.23 -30.27 4.50
CA ARG C 185 2.07 -29.80 5.23
C ARG C 185 2.52 -28.68 6.16
N ILE C 186 1.70 -27.68 6.35
CA ILE C 186 2.01 -26.67 7.34
C ILE C 186 0.89 -26.53 8.35
N ASN C 187 0.06 -27.56 8.45
CA ASN C 187 -0.87 -27.66 9.57
C ASN C 187 -0.57 -28.84 10.48
N SER C 188 0.70 -29.28 10.51
CA SER C 188 1.17 -30.11 11.61
C SER C 188 1.18 -29.28 12.88
N LYS C 189 1.38 -29.91 14.02
CA LYS C 189 1.52 -29.16 15.26
C LYS C 189 2.88 -28.48 15.27
N ARG C 190 3.86 -29.07 14.60
CA ARG C 190 5.18 -28.43 14.50
C ARG C 190 5.09 -27.11 13.75
N MET C 191 4.66 -27.17 12.50
CA MET C 191 4.67 -25.99 11.66
C MET C 191 3.78 -24.88 12.21
N MET C 192 2.55 -25.21 12.58
CA MET C 192 1.69 -24.18 13.10
C MET C 192 2.32 -23.57 14.34
N ASN C 193 3.04 -24.37 15.11
CA ASN C 193 3.65 -23.84 16.31
C ASN C 193 4.83 -22.92 16.01
N ALA C 194 5.59 -23.26 14.96
CA ALA C 194 6.70 -22.42 14.55
C ALA C 194 6.19 -21.07 13.98
N ILE C 195 5.04 -21.07 13.32
CA ILE C 195 4.46 -19.83 12.85
C ILE C 195 4.09 -18.96 14.04
N LYS C 196 3.25 -19.50 14.93
CA LYS C 196 2.88 -18.79 16.15
C LYS C 196 4.14 -18.26 16.80
N GLU C 197 5.07 -19.15 17.06
CA GLU C 197 6.32 -18.79 17.72
C GLU C 197 7.05 -17.69 16.94
N SER C 198 6.83 -17.65 15.62
CA SER C 198 7.51 -16.67 14.79
C SER C 198 6.90 -15.31 15.04
N TYR C 199 5.59 -15.26 15.17
CA TYR C 199 4.92 -14.00 15.44
C TYR C 199 5.33 -13.41 16.79
N ASP C 200 5.66 -14.30 17.72
CA ASP C 200 6.07 -13.89 19.06
C ASP C 200 7.45 -13.26 19.02
N TYR C 201 8.32 -13.79 18.16
CA TYR C 201 9.74 -13.46 18.26
C TYR C 201 10.00 -11.97 18.29
N ASN C 202 10.62 -11.54 19.38
CA ASN C 202 10.97 -10.15 19.57
C ASN C 202 12.46 -10.08 19.89
N PRO C 203 13.26 -9.58 18.95
CA PRO C 203 14.73 -9.57 19.12
C PRO C 203 15.18 -8.59 20.20
N ASN C 204 14.41 -7.53 20.38
CA ASN C 204 14.73 -6.48 21.34
C ASN C 204 14.55 -7.01 22.75
N LYS C 205 14.09 -8.25 22.84
CA LYS C 205 13.85 -8.86 24.14
C LYS C 205 14.61 -10.16 24.30
N THR C 206 15.67 -10.35 23.52
CA THR C 206 16.49 -11.56 23.64
C THR C 206 17.80 -11.51 22.88
N ASN C 207 18.69 -12.41 23.26
CA ASN C 207 20.03 -12.46 22.69
C ASN C 207 20.16 -13.70 21.82
N ARG C 208 19.03 -14.34 21.54
CA ARG C 208 19.07 -15.57 20.78
C ARG C 208 18.32 -15.44 19.46
N PRO C 209 18.94 -15.92 18.38
CA PRO C 209 18.32 -15.82 17.07
C PRO C 209 17.13 -16.73 17.09
N PHE C 210 16.08 -16.40 16.34
CA PHE C 210 14.91 -17.26 16.25
C PHE C 210 15.31 -18.60 15.67
N ILE C 211 14.65 -19.65 16.13
CA ILE C 211 15.00 -21.02 15.77
C ILE C 211 14.22 -21.51 14.55
N SER C 212 14.93 -21.71 13.45
CA SER C 212 14.25 -22.02 12.21
C SER C 212 14.02 -23.52 12.10
N GLN C 213 12.80 -23.92 11.81
CA GLN C 213 12.49 -25.32 11.64
C GLN C 213 13.19 -25.91 10.41
N LYS C 214 14.00 -26.93 10.62
CA LYS C 214 14.53 -27.68 9.49
C LYS C 214 13.68 -28.90 9.18
N ILE C 215 12.70 -28.75 8.32
CA ILE C 215 11.91 -29.88 7.86
C ILE C 215 12.68 -30.66 6.77
N HIS C 216 13.23 -31.82 7.11
CA HIS C 216 14.09 -32.57 6.17
C HIS C 216 13.29 -33.57 5.36
N PHE C 217 12.03 -33.75 5.75
CA PHE C 217 11.21 -34.83 5.24
C PHE C 217 9.86 -34.34 4.77
N PRO C 218 9.55 -34.57 3.49
CA PRO C 218 8.25 -34.23 2.89
C PRO C 218 7.21 -35.24 3.33
N ASP C 219 5.96 -34.80 3.42
CA ASP C 219 4.82 -35.65 3.76
C ASP C 219 4.43 -36.59 2.62
N PHE C 220 5.12 -36.49 1.50
CA PHE C 220 4.87 -37.36 0.37
C PHE C 220 5.83 -36.96 -0.75
N SER C 221 6.24 -37.92 -1.58
CA SER C 221 7.11 -37.62 -2.68
C SER C 221 6.94 -38.59 -3.85
N THR C 222 7.09 -38.09 -5.08
CA THR C 222 7.04 -38.93 -6.27
C THR C 222 7.91 -38.45 -7.42
N ARG C 223 8.42 -39.42 -8.18
CA ARG C 223 9.18 -39.14 -9.39
C ARG C 223 8.51 -39.78 -10.59
N ASP C 224 7.22 -40.02 -10.51
CA ASP C 224 6.57 -40.91 -11.49
C ASP C 224 5.60 -40.23 -12.44
N ILE C 225 5.29 -38.97 -12.22
CA ILE C 225 4.37 -38.28 -13.11
C ILE C 225 5.10 -37.91 -14.40
N HIS C 226 6.25 -37.24 -14.29
CA HIS C 226 7.00 -36.81 -15.48
C HIS C 226 8.37 -37.44 -15.53
N ARG C 227 8.97 -37.43 -16.72
CA ARG C 227 10.31 -38.00 -16.89
C ARG C 227 11.37 -36.92 -17.16
N ASN C 228 11.09 -35.70 -16.75
CA ASN C 228 12.06 -34.62 -16.91
C ASN C 228 11.78 -33.55 -15.87
N TYR C 229 12.62 -32.53 -15.81
CA TYR C 229 12.50 -31.55 -14.74
C TYR C 229 11.06 -31.08 -14.70
N VAL C 230 10.54 -30.76 -13.52
CA VAL C 230 9.18 -30.27 -13.42
C VAL C 230 9.23 -28.81 -13.06
N ASP C 231 8.68 -27.97 -13.93
CA ASP C 231 8.83 -26.53 -13.78
C ASP C 231 7.56 -25.73 -13.45
N CYS C 232 6.40 -26.37 -13.42
CA CYS C 232 5.24 -25.70 -12.85
C CYS C 232 4.35 -26.66 -12.08
N VAL C 233 3.79 -26.21 -10.96
CA VAL C 233 2.82 -26.99 -10.25
C VAL C 233 1.85 -26.06 -9.53
N ARG C 234 0.56 -26.26 -9.77
CA ARG C 234 -0.50 -25.59 -9.02
C ARG C 234 -1.51 -26.64 -8.53
N TRP C 235 -2.10 -26.41 -7.36
CA TRP C 235 -3.19 -27.25 -6.91
C TRP C 235 -4.42 -26.92 -7.75
N LEU C 236 -5.24 -27.94 -8.02
CA LEU C 236 -6.62 -27.76 -8.46
C LEU C 236 -7.49 -28.56 -7.51
N GLY C 237 -8.00 -27.89 -6.49
CA GLY C 237 -8.75 -28.58 -5.46
C GLY C 237 -7.81 -29.31 -4.54
N ASP C 238 -7.93 -30.63 -4.51
CA ASP C 238 -6.96 -31.47 -3.84
C ASP C 238 -6.22 -32.30 -4.88
N LEU C 239 -6.57 -32.08 -6.16
CA LEU C 239 -5.87 -32.68 -7.28
C LEU C 239 -4.74 -31.75 -7.65
N ILE C 240 -3.82 -32.23 -8.47
CA ILE C 240 -2.60 -31.48 -8.76
C ILE C 240 -2.38 -31.32 -10.26
N LEU C 241 -1.92 -30.14 -10.67
CA LEU C 241 -1.57 -29.91 -12.06
C LEU C 241 -0.09 -29.57 -12.17
N SER C 242 0.64 -30.36 -12.92
CA SER C 242 2.05 -30.12 -13.11
C SER C 242 2.48 -30.39 -14.55
N LYS C 243 3.52 -29.72 -14.98
CA LYS C 243 3.97 -29.86 -16.36
C LYS C 243 5.47 -29.92 -16.37
N SER C 244 5.98 -30.69 -17.31
CA SER C 244 7.40 -30.78 -17.60
C SER C 244 7.55 -30.23 -18.99
N CYS C 245 8.45 -30.84 -19.76
CA CYS C 245 8.69 -30.44 -21.14
C CYS C 245 8.26 -31.53 -22.12
N GLU C 246 7.43 -32.47 -21.66
CA GLU C 246 6.86 -33.47 -22.55
C GLU C 246 5.59 -33.00 -23.26
N ASN C 247 5.30 -31.70 -23.18
CA ASN C 247 4.21 -31.08 -23.91
C ASN C 247 2.81 -31.50 -23.46
N ALA C 248 2.60 -31.59 -22.16
CA ALA C 248 1.28 -31.90 -21.63
C ALA C 248 1.22 -31.53 -20.16
N ILE C 249 0.18 -30.84 -19.76
CA ILE C 249 -0.07 -30.63 -18.35
C ILE C 249 -0.71 -31.91 -17.81
N VAL C 250 -0.25 -32.38 -16.66
CA VAL C 250 -0.78 -33.63 -16.13
C VAL C 250 -1.56 -33.40 -14.86
N CYS C 251 -2.73 -34.02 -14.77
CA CYS C 251 -3.56 -33.90 -13.59
C CYS C 251 -3.49 -35.20 -12.86
N TRP C 252 -3.04 -35.15 -11.62
CA TRP C 252 -2.83 -36.37 -10.86
C TRP C 252 -3.11 -36.10 -9.38
N LYS C 253 -3.33 -37.15 -8.60
CA LYS C 253 -3.40 -37.05 -7.13
C LYS C 253 -2.43 -38.07 -6.52
N PRO C 254 -1.97 -37.81 -5.29
CA PRO C 254 -1.20 -38.83 -4.61
C PRO C 254 -2.08 -39.97 -4.07
N GLY C 255 -1.47 -41.13 -3.94
CA GLY C 255 -2.18 -42.30 -3.43
C GLY C 255 -2.89 -43.06 -4.53
N LYS C 256 -3.79 -43.94 -4.11
CA LYS C 256 -4.68 -44.66 -5.02
C LYS C 256 -5.93 -43.80 -5.20
N MET C 257 -6.77 -44.16 -6.16
CA MET C 257 -7.84 -43.28 -6.64
C MET C 257 -8.75 -42.74 -5.54
N GLU C 258 -9.19 -43.61 -4.66
CA GLU C 258 -10.09 -43.19 -3.61
C GLU C 258 -9.35 -42.64 -2.39
N ASP C 259 -8.01 -42.63 -2.45
CA ASP C 259 -7.19 -42.20 -1.32
C ASP C 259 -7.33 -40.70 -1.07
N ASP C 260 -7.43 -40.33 0.20
CA ASP C 260 -7.69 -38.95 0.57
C ASP C 260 -6.39 -38.22 0.83
N ILE C 261 -6.23 -37.06 0.20
CA ILE C 261 -4.98 -36.30 0.27
C ILE C 261 -4.55 -36.06 1.70
N ASP C 262 -5.51 -35.94 2.61
CA ASP C 262 -5.22 -35.71 4.02
C ASP C 262 -4.97 -36.99 4.84
N LYS C 263 -5.04 -38.15 4.19
CA LYS C 263 -4.71 -39.42 4.85
C LYS C 263 -3.49 -40.04 4.21
N ILE C 264 -3.06 -39.51 3.06
CA ILE C 264 -1.86 -39.99 2.41
C ILE C 264 -0.69 -39.94 3.36
N LYS C 265 0.00 -41.06 3.45
CA LYS C 265 1.07 -41.29 4.43
C LYS C 265 2.43 -41.09 3.76
N PRO C 266 3.42 -40.58 4.51
CA PRO C 266 4.65 -40.05 3.93
C PRO C 266 5.47 -41.09 3.18
N SER C 267 5.03 -42.33 3.19
CA SER C 267 5.71 -43.39 2.45
C SER C 267 4.87 -43.92 1.29
N GLU C 268 3.66 -43.39 1.15
CA GLU C 268 2.79 -43.82 0.06
C GLU C 268 3.56 -43.79 -1.25
N SER C 269 3.47 -44.86 -2.03
CA SER C 269 4.25 -44.95 -3.24
C SER C 269 3.38 -45.08 -4.48
N ASN C 270 2.07 -44.86 -4.34
CA ASN C 270 1.17 -44.84 -5.49
C ASN C 270 0.79 -43.41 -5.87
N VAL C 271 0.69 -43.15 -7.18
CA VAL C 271 0.06 -41.95 -7.68
C VAL C 271 -1.00 -42.33 -8.69
N THR C 272 -2.05 -41.55 -8.76
CA THR C 272 -3.15 -41.78 -9.70
C THR C 272 -3.18 -40.67 -10.75
N ILE C 273 -3.01 -41.03 -12.01
CA ILE C 273 -3.04 -40.04 -13.06
C ILE C 273 -4.43 -39.81 -13.66
N LEU C 274 -5.10 -38.72 -13.25
CA LEU C 274 -6.46 -38.43 -13.67
C LEU C 274 -6.65 -37.99 -15.13
N GLY C 275 -5.55 -37.86 -15.85
CA GLY C 275 -5.65 -37.38 -17.21
C GLY C 275 -4.68 -36.24 -17.45
N ARG C 276 -4.63 -35.78 -18.70
CA ARG C 276 -3.73 -34.70 -19.08
C ARG C 276 -4.34 -33.77 -20.10
N PHE C 277 -3.68 -32.63 -20.29
CA PHE C 277 -4.01 -31.67 -21.34
C PHE C 277 -2.86 -31.66 -22.34
N ASP C 278 -3.20 -31.76 -23.62
CA ASP C 278 -2.20 -31.74 -24.66
C ASP C 278 -2.04 -30.40 -25.36
N TYR C 279 -0.80 -30.12 -25.77
CA TYR C 279 -0.46 -28.91 -26.48
C TYR C 279 0.84 -29.24 -27.21
N SER C 280 1.36 -28.32 -28.03
CA SER C 280 2.60 -28.61 -28.74
C SER C 280 3.64 -27.51 -28.62
N GLN C 281 4.90 -27.88 -28.86
CA GLN C 281 5.98 -26.92 -28.95
C GLN C 281 6.10 -26.04 -27.71
N CYS C 282 6.25 -26.69 -26.57
CA CYS C 282 6.61 -26.00 -25.35
C CYS C 282 7.49 -26.96 -24.59
N ASP C 283 8.65 -27.27 -25.17
CA ASP C 283 9.56 -28.21 -24.55
C ASP C 283 10.89 -27.60 -24.10
N ILE C 284 10.96 -26.27 -24.11
CA ILE C 284 12.03 -25.59 -23.42
C ILE C 284 11.56 -25.39 -22.00
N TRP C 285 12.50 -25.33 -21.06
CA TRP C 285 12.11 -25.33 -19.65
C TRP C 285 11.79 -23.93 -19.14
N TYR C 286 11.15 -23.88 -17.97
CA TYR C 286 10.78 -22.63 -17.34
C TYR C 286 9.67 -21.93 -18.11
N MET C 287 8.60 -22.68 -18.38
CA MET C 287 7.41 -22.20 -19.09
C MET C 287 6.18 -22.50 -18.22
N ARG C 288 5.58 -21.48 -17.63
CA ARG C 288 4.59 -21.68 -16.57
C ARG C 288 3.14 -21.48 -17.00
N PHE C 289 2.20 -22.13 -16.32
CA PHE C 289 0.78 -21.93 -16.59
C PHE C 289 0.09 -21.23 -15.44
N SER C 290 -1.23 -21.04 -15.55
CA SER C 290 -1.99 -20.40 -14.47
C SER C 290 -3.50 -20.56 -14.58
N MET C 291 -4.20 -20.23 -13.49
CA MET C 291 -5.65 -20.33 -13.42
C MET C 291 -6.28 -19.00 -12.94
N ASP C 292 -7.61 -18.95 -12.92
CA ASP C 292 -8.33 -17.83 -12.31
C ASP C 292 -8.26 -17.97 -10.82
N PHE C 293 -8.96 -17.08 -10.15
CA PHE C 293 -9.16 -17.22 -8.72
C PHE C 293 -10.24 -18.28 -8.50
N TRP C 294 -11.13 -18.42 -9.47
CA TRP C 294 -12.22 -19.37 -9.38
C TRP C 294 -11.81 -20.73 -9.94
N GLN C 295 -10.62 -20.77 -10.52
CA GLN C 295 -10.06 -21.99 -11.07
C GLN C 295 -10.99 -22.68 -12.06
N LYS C 296 -11.56 -21.92 -12.97
CA LYS C 296 -12.36 -22.45 -14.08
C LYS C 296 -11.55 -22.44 -15.38
N MET C 297 -10.56 -21.57 -15.44
CA MET C 297 -9.80 -21.41 -16.67
C MET C 297 -8.34 -21.79 -16.46
N LEU C 298 -7.74 -22.42 -17.46
CA LEU C 298 -6.31 -22.71 -17.41
C LEU C 298 -5.60 -22.27 -18.69
N ALA C 299 -4.60 -21.40 -18.52
CA ALA C 299 -3.89 -20.83 -19.66
C ALA C 299 -2.42 -21.22 -19.67
N LEU C 300 -1.92 -21.54 -20.86
CA LEU C 300 -0.50 -21.88 -21.01
C LEU C 300 0.09 -21.41 -22.34
N GLY C 301 1.17 -20.64 -22.26
CA GLY C 301 1.81 -20.14 -23.46
C GLY C 301 2.94 -21.00 -24.02
N ASN C 302 3.51 -20.54 -25.13
CA ASN C 302 4.26 -21.40 -26.04
C ASN C 302 5.68 -20.87 -26.31
N GLN C 303 6.55 -21.74 -26.83
CA GLN C 303 7.89 -21.28 -27.20
C GLN C 303 7.85 -20.45 -28.47
N VAL C 304 6.82 -20.70 -29.29
CA VAL C 304 6.49 -19.84 -30.42
C VAL C 304 5.14 -19.13 -30.26
N GLY C 305 5.10 -18.10 -29.41
CA GLY C 305 4.00 -17.16 -29.40
C GLY C 305 2.59 -17.67 -29.14
N LYS C 306 2.40 -19.00 -29.16
CA LYS C 306 1.08 -19.58 -28.97
C LYS C 306 0.61 -19.55 -27.51
N LEU C 307 -0.67 -19.27 -27.32
CA LEU C 307 -1.24 -19.14 -25.99
C LEU C 307 -2.51 -19.98 -25.90
N TYR C 308 -2.43 -21.11 -25.20
CA TYR C 308 -3.59 -21.98 -25.03
C TYR C 308 -4.47 -21.57 -23.85
N VAL C 309 -5.75 -21.93 -23.92
CA VAL C 309 -6.68 -21.72 -22.81
C VAL C 309 -7.72 -22.84 -22.72
N TRP C 310 -7.65 -23.65 -21.66
CA TRP C 310 -8.62 -24.72 -21.44
C TRP C 310 -9.67 -24.33 -20.42
N ASP C 311 -10.84 -24.95 -20.51
CA ASP C 311 -11.90 -24.71 -19.56
C ASP C 311 -11.97 -25.89 -18.60
N LEU C 312 -11.66 -25.63 -17.33
CA LEU C 312 -11.56 -26.72 -16.36
C LEU C 312 -12.93 -27.13 -15.85
N GLU C 313 -13.96 -26.47 -16.34
CA GLU C 313 -15.34 -26.74 -15.93
C GLU C 313 -15.86 -28.10 -16.39
N VAL C 314 -15.35 -28.58 -17.52
CA VAL C 314 -15.75 -29.91 -18.03
C VAL C 314 -15.26 -31.02 -17.10
N GLU C 315 -15.26 -32.27 -17.57
CA GLU C 315 -14.90 -33.40 -16.72
C GLU C 315 -13.56 -34.01 -17.10
N ASP C 316 -13.54 -34.72 -18.22
CA ASP C 316 -12.32 -35.38 -18.70
C ASP C 316 -11.36 -34.39 -19.35
N PRO C 317 -10.04 -34.61 -19.21
CA PRO C 317 -9.04 -33.77 -19.86
C PRO C 317 -9.13 -33.89 -21.37
N HIS C 318 -9.46 -35.10 -21.82
CA HIS C 318 -9.50 -35.43 -23.25
C HIS C 318 -10.41 -34.46 -24.03
N LYS C 319 -11.68 -34.36 -23.60
CA LYS C 319 -12.63 -33.45 -24.24
C LYS C 319 -12.70 -32.08 -23.56
N ALA C 320 -11.60 -31.69 -22.90
CA ALA C 320 -11.52 -30.39 -22.26
C ALA C 320 -11.59 -29.28 -23.30
N LYS C 321 -12.53 -28.37 -23.14
CA LYS C 321 -12.72 -27.28 -24.09
C LYS C 321 -11.46 -26.46 -24.24
N CYS C 322 -10.80 -26.53 -25.39
CA CYS C 322 -9.59 -25.73 -25.60
C CYS C 322 -9.63 -24.80 -26.80
N THR C 323 -9.39 -23.51 -26.55
CA THR C 323 -9.24 -22.52 -27.62
C THR C 323 -7.76 -22.15 -27.75
N THR C 324 -7.32 -21.77 -28.94
CA THR C 324 -5.92 -21.38 -29.12
C THR C 324 -5.73 -19.94 -29.58
N LEU C 325 -5.59 -19.01 -28.62
CA LEU C 325 -5.39 -17.60 -28.94
C LEU C 325 -4.07 -17.37 -29.67
N THR C 326 -4.11 -16.63 -30.78
CA THR C 326 -2.93 -16.46 -31.59
C THR C 326 -2.89 -15.07 -32.19
N HIS C 327 -1.77 -14.74 -32.84
CA HIS C 327 -1.54 -13.43 -33.47
C HIS C 327 -0.19 -13.54 -34.19
N HIS C 328 -0.08 -12.94 -35.38
CA HIS C 328 1.12 -13.09 -36.21
C HIS C 328 2.26 -12.28 -35.62
N LYS C 329 1.92 -11.23 -34.90
CA LYS C 329 2.94 -10.35 -34.33
C LYS C 329 3.60 -10.99 -33.10
N CYS C 330 2.87 -11.91 -32.45
CA CYS C 330 3.33 -12.59 -31.24
C CYS C 330 4.01 -13.90 -31.57
N GLY C 331 5.33 -13.89 -31.62
CA GLY C 331 6.07 -15.10 -31.96
C GLY C 331 7.17 -15.43 -30.96
N ALA C 332 7.27 -14.57 -29.95
CA ALA C 332 8.19 -14.82 -28.85
C ALA C 332 7.63 -15.91 -27.96
N ALA C 333 8.52 -16.70 -27.38
CA ALA C 333 8.12 -17.61 -26.32
C ALA C 333 7.39 -16.83 -25.22
N ILE C 334 6.25 -17.38 -24.80
CA ILE C 334 5.51 -16.88 -23.66
C ILE C 334 6.04 -17.58 -22.42
N ARG C 335 6.49 -16.81 -21.44
CA ARG C 335 7.06 -17.37 -20.22
C ARG C 335 6.00 -17.67 -19.17
N GLN C 336 5.04 -16.76 -19.03
CA GLN C 336 4.01 -16.91 -18.00
C GLN C 336 2.75 -16.13 -18.39
N THR C 337 1.61 -16.52 -17.81
CA THR C 337 0.34 -15.81 -18.08
C THR C 337 -0.33 -15.47 -16.77
N SER C 338 -1.33 -14.61 -16.82
CA SER C 338 -2.07 -14.24 -15.62
C SER C 338 -3.47 -13.74 -15.93
N PHE C 339 -4.46 -14.35 -15.28
CA PHE C 339 -5.84 -13.87 -15.37
C PHE C 339 -6.04 -12.78 -14.35
N SER C 340 -6.86 -11.79 -14.70
CA SER C 340 -7.32 -10.84 -13.70
C SER C 340 -8.30 -11.58 -12.81
N ARG C 341 -8.51 -11.07 -11.61
CA ARG C 341 -9.27 -11.83 -10.65
C ARG C 341 -10.59 -12.28 -11.25
N ASP C 342 -11.19 -11.39 -12.03
CA ASP C 342 -12.53 -11.61 -12.60
C ASP C 342 -12.46 -12.27 -13.96
N SER C 343 -11.29 -12.76 -14.33
CA SER C 343 -11.15 -13.58 -15.53
C SER C 343 -11.45 -12.82 -16.83
N SER C 344 -11.71 -11.52 -16.73
CA SER C 344 -12.06 -10.68 -17.88
C SER C 344 -10.85 -10.36 -18.76
N ILE C 345 -9.66 -10.39 -18.16
CA ILE C 345 -8.44 -10.09 -18.89
C ILE C 345 -7.40 -11.22 -18.79
N LEU C 346 -6.58 -11.36 -19.82
CA LEU C 346 -5.53 -12.39 -19.80
C LEU C 346 -4.19 -11.86 -20.37
N ILE C 347 -3.24 -11.54 -19.49
CA ILE C 347 -1.95 -11.02 -19.93
C ILE C 347 -0.94 -12.13 -20.17
N ALA C 348 -0.16 -12.02 -21.24
CA ALA C 348 0.98 -12.92 -21.44
C ALA C 348 2.25 -12.08 -21.68
N VAL C 349 3.39 -12.56 -21.17
CA VAL C 349 4.65 -11.84 -21.31
C VAL C 349 5.66 -12.77 -21.96
N CYS C 350 6.57 -12.21 -22.76
CA CYS C 350 7.36 -12.98 -23.73
C CYS C 350 8.86 -12.82 -23.63
N ASP C 351 9.57 -13.74 -24.26
CA ASP C 351 11.03 -13.78 -24.20
C ASP C 351 11.68 -12.59 -24.88
N ASP C 352 10.94 -11.51 -25.10
CA ASP C 352 11.40 -10.48 -26.02
C ASP C 352 10.95 -9.10 -25.60
N ALA C 353 10.40 -9.01 -24.39
CA ALA C 353 10.01 -7.73 -23.77
C ALA C 353 8.59 -7.34 -24.10
N SER C 354 7.91 -8.21 -24.84
CA SER C 354 6.55 -7.98 -25.29
C SER C 354 5.48 -8.39 -24.25
N ILE C 355 4.40 -7.62 -24.18
CA ILE C 355 3.25 -7.95 -23.36
C ILE C 355 2.01 -8.04 -24.26
N TRP C 356 1.21 -9.11 -24.13
CA TRP C 356 0.01 -9.25 -24.94
C TRP C 356 -1.23 -9.35 -24.05
N ARG C 357 -2.14 -8.41 -24.21
CA ARG C 357 -3.37 -8.41 -23.41
C ARG C 357 -4.52 -8.97 -24.21
N TRP C 358 -5.21 -9.96 -23.65
CA TRP C 358 -6.39 -10.55 -24.26
C TRP C 358 -7.61 -10.28 -23.38
N ASP C 359 -8.74 -10.03 -24.03
CA ASP C 359 -10.01 -9.84 -23.31
C ASP C 359 -11.06 -10.86 -23.75
N ARG C 360 -12.12 -10.98 -22.96
CA ARG C 360 -13.05 -12.11 -23.02
C ARG C 360 -13.95 -12.19 -24.27
N PHE D 3 -45.68 51.39 -28.35
CA PHE D 3 -44.58 52.40 -28.30
C PHE D 3 -44.31 53.15 -29.61
N LYS D 4 -44.33 54.49 -29.56
CA LYS D 4 -43.90 55.29 -30.72
C LYS D 4 -42.76 56.23 -30.36
N CYS D 5 -41.78 56.32 -31.25
CA CYS D 5 -40.66 57.21 -31.02
C CYS D 5 -41.14 58.62 -31.27
N VAL D 6 -40.81 59.54 -30.37
CA VAL D 6 -41.45 60.85 -30.41
C VAL D 6 -40.51 61.98 -29.98
N ASN D 7 -39.22 61.69 -29.91
CA ASN D 7 -38.18 62.72 -29.86
C ASN D 7 -36.79 62.09 -29.81
N SER D 8 -35.76 62.89 -30.07
CA SER D 8 -34.41 62.38 -30.02
C SER D 8 -33.46 63.54 -29.78
N LEU D 9 -32.66 63.45 -28.72
CA LEU D 9 -31.78 64.55 -28.32
C LEU D 9 -30.31 64.19 -28.45
N LYS D 10 -29.46 65.20 -28.55
CA LYS D 10 -28.04 64.98 -28.67
C LYS D 10 -27.29 65.98 -27.81
N GLU D 11 -26.41 65.47 -26.96
CA GLU D 11 -25.69 66.30 -26.02
C GLU D 11 -24.45 66.80 -26.73
N ASP D 12 -23.88 67.92 -26.30
CA ASP D 12 -22.90 68.56 -27.18
C ASP D 12 -21.55 67.87 -27.22
N HIS D 13 -21.33 66.91 -26.31
CA HIS D 13 -19.99 66.38 -26.10
C HIS D 13 -19.60 65.21 -27.01
N ASN D 14 -20.58 64.58 -27.66
CA ASN D 14 -20.24 63.55 -28.64
C ASN D 14 -19.62 62.30 -28.03
N GLN D 15 -19.65 62.20 -26.71
CA GLN D 15 -19.15 61.01 -26.01
C GLN D 15 -20.28 60.04 -25.69
N PRO D 16 -19.98 58.72 -25.63
CA PRO D 16 -20.95 57.70 -25.28
C PRO D 16 -21.68 57.97 -23.97
N LEU D 17 -23.00 57.79 -23.99
CA LEU D 17 -23.81 57.90 -22.79
C LEU D 17 -24.07 56.52 -22.18
N PHE D 18 -23.38 56.20 -21.09
CA PHE D 18 -23.48 54.86 -20.53
C PHE D 18 -24.68 54.69 -19.60
N GLY D 19 -25.11 55.76 -18.95
CA GLY D 19 -26.21 55.64 -18.01
C GLY D 19 -27.43 56.54 -18.17
N VAL D 20 -28.61 55.94 -18.02
CA VAL D 20 -29.84 56.73 -17.96
C VAL D 20 -30.84 56.16 -16.92
N GLN D 21 -31.42 57.05 -16.14
CA GLN D 21 -32.22 56.62 -15.02
C GLN D 21 -33.31 57.64 -14.71
N PHE D 22 -34.55 57.22 -14.88
CA PHE D 22 -35.71 58.02 -14.45
C PHE D 22 -35.73 58.12 -12.93
N ASN D 23 -36.13 59.29 -12.42
CA ASN D 23 -36.32 59.49 -11.00
C ASN D 23 -37.65 58.90 -10.57
N TRP D 24 -37.61 57.70 -10.01
CA TRP D 24 -38.81 56.99 -9.55
C TRP D 24 -39.29 57.45 -8.17
N HIS D 25 -38.90 58.64 -7.75
CA HIS D 25 -39.38 59.19 -6.48
C HIS D 25 -40.29 60.39 -6.64
N SER D 26 -40.48 60.85 -7.88
CA SER D 26 -41.36 61.97 -8.19
C SER D 26 -42.74 61.74 -7.61
N LYS D 27 -43.32 62.78 -7.02
CA LYS D 27 -44.71 62.79 -6.60
C LYS D 27 -45.65 62.40 -7.73
N GLU D 28 -46.82 61.87 -7.38
CA GLU D 28 -47.90 61.75 -8.35
C GLU D 28 -48.30 63.15 -8.77
N GLY D 29 -48.15 63.46 -10.05
CA GLY D 29 -48.44 64.80 -10.52
C GLY D 29 -47.23 65.64 -10.92
N ASP D 30 -46.09 65.44 -10.27
CA ASP D 30 -44.85 66.08 -10.69
C ASP D 30 -44.37 65.49 -12.02
N PRO D 31 -43.67 66.28 -12.82
CA PRO D 31 -43.16 65.84 -14.12
C PRO D 31 -42.12 64.71 -14.05
N LEU D 32 -42.11 63.87 -15.08
CA LEU D 32 -41.19 62.74 -15.17
C LEU D 32 -39.77 63.21 -15.49
N VAL D 33 -38.89 63.17 -14.50
CA VAL D 33 -37.50 63.57 -14.70
C VAL D 33 -36.56 62.36 -14.82
N PHE D 34 -35.69 62.33 -15.83
CA PHE D 34 -34.65 61.29 -15.91
C PHE D 34 -33.27 61.91 -15.99
N ALA D 35 -32.24 61.09 -15.83
CA ALA D 35 -30.90 61.61 -15.76
C ALA D 35 -29.91 60.78 -16.56
N THR D 36 -28.87 61.46 -17.04
CA THR D 36 -27.99 60.93 -18.06
C THR D 36 -26.55 61.15 -17.63
N VAL D 37 -25.71 60.14 -17.81
CA VAL D 37 -24.29 60.32 -17.59
C VAL D 37 -23.46 59.83 -18.74
N GLY D 38 -22.33 60.50 -18.96
CA GLY D 38 -21.45 60.19 -20.07
C GLY D 38 -20.36 61.25 -20.11
N SER D 39 -19.24 60.92 -20.75
CA SER D 39 -18.08 61.81 -20.67
C SER D 39 -17.89 62.12 -19.19
N ASN D 40 -17.69 63.38 -18.86
CA ASN D 40 -17.61 63.77 -17.46
C ASN D 40 -18.78 64.65 -17.04
N ARG D 41 -19.98 64.23 -17.41
CA ARG D 41 -21.14 65.07 -17.18
C ARG D 41 -22.29 64.30 -16.54
N VAL D 42 -23.13 65.01 -15.80
CA VAL D 42 -24.38 64.48 -15.31
C VAL D 42 -25.48 65.44 -15.74
N THR D 43 -26.52 64.94 -16.41
CA THR D 43 -27.54 65.82 -17.00
C THR D 43 -28.97 65.41 -16.68
N LEU D 44 -29.76 66.35 -16.17
CA LEU D 44 -31.16 66.07 -15.86
C LEU D 44 -32.12 66.68 -16.89
N TYR D 45 -33.27 66.03 -17.06
CA TYR D 45 -34.25 66.37 -18.08
C TYR D 45 -35.66 66.18 -17.53
N GLU D 46 -36.54 67.13 -17.83
CA GLU D 46 -37.95 66.98 -17.53
C GLU D 46 -38.68 66.56 -18.80
N CYS D 47 -39.58 65.59 -18.67
CA CYS D 47 -40.34 65.07 -19.82
C CYS D 47 -41.71 65.72 -19.86
N HIS D 48 -42.08 66.21 -21.03
CA HIS D 48 -43.40 66.83 -21.21
C HIS D 48 -44.19 66.20 -22.33
N SER D 49 -45.35 66.78 -22.60
CA SER D 49 -46.27 66.21 -23.59
C SER D 49 -45.88 66.51 -25.04
N GLN D 50 -46.31 65.62 -25.94
CA GLN D 50 -46.03 65.74 -27.37
C GLN D 50 -44.56 65.54 -27.66
N GLY D 51 -43.90 64.78 -26.78
CA GLY D 51 -42.54 64.35 -27.01
C GLY D 51 -41.47 65.34 -26.58
N GLU D 52 -41.88 66.47 -26.02
CA GLU D 52 -40.93 67.52 -25.68
C GLU D 52 -40.10 67.07 -24.50
N ILE D 53 -38.78 67.22 -24.63
CA ILE D 53 -37.88 66.90 -23.53
C ILE D 53 -37.13 68.15 -23.18
N ARG D 54 -37.28 68.58 -21.93
CA ARG D 54 -36.77 69.87 -21.50
C ARG D 54 -35.51 69.78 -20.62
N LEU D 55 -34.41 70.38 -21.08
CA LEU D 55 -33.15 70.37 -20.34
C LEU D 55 -33.26 71.16 -19.04
N LEU D 56 -33.04 70.49 -17.90
CA LEU D 56 -33.15 71.10 -16.57
C LEU D 56 -31.83 71.55 -15.93
N GLN D 57 -30.87 70.63 -15.83
CA GLN D 57 -29.55 70.93 -15.25
C GLN D 57 -28.50 70.06 -15.88
N SER D 58 -27.24 70.41 -15.67
CA SER D 58 -26.10 69.64 -16.14
C SER D 58 -24.82 69.99 -15.39
N TYR D 59 -24.09 68.97 -14.95
CA TYR D 59 -22.83 69.16 -14.21
C TYR D 59 -21.65 68.54 -14.96
N VAL D 60 -20.46 69.09 -14.72
CA VAL D 60 -19.26 68.58 -15.38
C VAL D 60 -18.16 68.42 -14.32
N ASP D 61 -17.37 67.36 -14.41
CA ASP D 61 -16.38 67.15 -13.36
C ASP D 61 -15.21 68.07 -13.59
N ALA D 62 -14.78 68.71 -12.52
CA ALA D 62 -13.62 69.57 -12.58
C ALA D 62 -12.50 68.84 -13.30
N ASP D 63 -12.33 67.56 -12.98
CA ASP D 63 -11.31 66.74 -13.61
C ASP D 63 -11.75 66.32 -15.01
N ALA D 64 -10.85 66.44 -15.98
CA ALA D 64 -11.22 66.18 -17.37
C ALA D 64 -11.25 64.69 -17.69
N ASP D 65 -10.53 63.89 -16.90
CA ASP D 65 -10.45 62.46 -17.15
C ASP D 65 -11.44 61.63 -16.33
N GLU D 66 -12.33 62.29 -15.61
CA GLU D 66 -13.46 61.57 -15.07
C GLU D 66 -14.28 61.14 -16.25
N ASN D 67 -15.16 60.20 -16.03
CA ASN D 67 -15.88 59.56 -17.10
C ASN D 67 -16.94 58.74 -16.42
N PHE D 68 -18.11 59.35 -16.23
CA PHE D 68 -19.17 58.72 -15.45
C PHE D 68 -19.84 57.57 -16.21
N TYR D 69 -19.92 56.41 -15.57
CA TYR D 69 -20.60 55.25 -16.17
C TYR D 69 -21.99 55.02 -15.62
N THR D 70 -22.24 55.44 -14.38
CA THR D 70 -23.52 55.15 -13.79
C THR D 70 -24.01 56.19 -12.82
N CYS D 71 -25.30 56.15 -12.54
CA CYS D 71 -25.90 57.02 -11.55
C CYS D 71 -27.06 56.28 -10.92
N ALA D 72 -27.62 56.84 -9.86
CA ALA D 72 -28.82 56.28 -9.25
C ALA D 72 -29.50 57.33 -8.40
N TRP D 73 -30.82 57.30 -8.37
CA TRP D 73 -31.57 58.28 -7.59
C TRP D 73 -31.91 57.75 -6.20
N THR D 74 -31.75 58.60 -5.19
CA THR D 74 -32.29 58.33 -3.87
C THR D 74 -32.88 59.64 -3.35
N TYR D 75 -33.30 59.65 -2.09
CA TYR D 75 -33.68 60.91 -1.44
C TYR D 75 -33.08 61.07 -0.03
N ASP D 76 -33.20 62.29 0.51
CA ASP D 76 -32.92 62.55 1.92
C ASP D 76 -34.22 62.47 2.72
N SER D 77 -34.36 61.44 3.54
CA SER D 77 -35.56 61.23 4.34
C SER D 77 -36.03 62.52 4.99
N ASN D 78 -35.07 63.29 5.52
CA ASN D 78 -35.37 64.38 6.45
C ASN D 78 -35.40 65.75 5.77
N THR D 79 -35.76 65.79 4.49
CA THR D 79 -35.60 66.99 3.68
C THR D 79 -36.40 66.86 2.39
N SER D 80 -36.78 65.62 2.07
CA SER D 80 -37.50 65.32 0.84
C SER D 80 -36.87 65.91 -0.44
N HIS D 81 -35.55 66.01 -0.48
CA HIS D 81 -34.84 66.36 -1.71
C HIS D 81 -34.41 65.13 -2.50
N PRO D 82 -34.60 65.13 -3.82
CA PRO D 82 -34.00 64.02 -4.55
C PRO D 82 -32.48 64.14 -4.41
N LEU D 83 -31.79 63.01 -4.61
CA LEU D 83 -30.33 63.01 -4.71
C LEU D 83 -29.95 62.11 -5.86
N LEU D 84 -28.87 62.45 -6.54
CA LEU D 84 -28.40 61.65 -7.65
C LEU D 84 -26.98 61.26 -7.32
N ALA D 85 -26.75 59.96 -7.22
CA ALA D 85 -25.39 59.44 -7.06
C ALA D 85 -24.90 59.15 -8.46
N VAL D 86 -23.62 59.43 -8.71
CA VAL D 86 -23.01 59.08 -9.98
C VAL D 86 -21.58 58.64 -9.71
N ALA D 87 -20.99 57.95 -10.67
CA ALA D 87 -19.60 57.54 -10.56
C ALA D 87 -19.13 56.89 -11.85
N GLY D 88 -17.82 56.71 -11.98
CA GLY D 88 -17.27 56.07 -13.16
C GLY D 88 -15.85 55.61 -12.96
N SER D 89 -14.99 55.94 -13.92
CA SER D 89 -13.68 55.30 -14.03
C SER D 89 -12.66 55.78 -13.00
N ARG D 90 -12.94 56.92 -12.38
CA ARG D 90 -12.03 57.42 -11.34
C ARG D 90 -12.35 56.80 -9.97
N GLY D 91 -13.38 55.96 -9.94
CA GLY D 91 -13.66 55.22 -8.73
C GLY D 91 -14.06 56.19 -7.64
N ILE D 92 -14.90 57.15 -7.97
CA ILE D 92 -15.37 58.08 -6.98
C ILE D 92 -16.87 58.32 -7.04
N ILE D 93 -17.51 58.31 -5.89
CA ILE D 93 -18.94 58.47 -5.86
C ILE D 93 -19.22 59.91 -5.53
N ARG D 94 -20.13 60.52 -6.27
CA ARG D 94 -20.62 61.83 -5.87
C ARG D 94 -22.10 61.70 -5.60
N ILE D 95 -22.55 62.39 -4.57
CA ILE D 95 -23.97 62.52 -4.32
C ILE D 95 -24.34 63.95 -4.66
N ILE D 96 -25.10 64.12 -5.75
CA ILE D 96 -25.50 65.45 -6.18
C ILE D 96 -26.89 65.80 -5.66
N ASN D 97 -27.01 66.98 -5.08
CA ASN D 97 -28.30 67.47 -4.58
C ASN D 97 -28.82 68.50 -5.57
N PRO D 98 -29.74 68.09 -6.46
CA PRO D 98 -30.21 68.96 -7.56
C PRO D 98 -31.12 70.12 -7.11
N ILE D 99 -31.67 70.01 -5.90
CA ILE D 99 -32.46 71.11 -5.33
C ILE D 99 -31.59 72.28 -4.90
N THR D 100 -30.28 72.09 -4.95
CA THR D 100 -29.34 72.99 -4.30
C THR D 100 -28.10 73.17 -5.18
N MET D 101 -27.95 72.26 -6.13
CA MET D 101 -26.92 72.38 -7.16
C MET D 101 -25.51 72.13 -6.62
N GLN D 102 -25.42 71.49 -5.46
CA GLN D 102 -24.12 71.16 -4.87
C GLN D 102 -23.67 69.76 -5.22
N CYS D 103 -22.38 69.50 -5.14
CA CYS D 103 -21.96 68.14 -4.83
C CYS D 103 -21.82 68.06 -3.30
N ILE D 104 -22.73 67.36 -2.63
CA ILE D 104 -22.77 67.46 -1.17
C ILE D 104 -21.89 66.44 -0.43
N LYS D 105 -21.65 65.30 -1.06
CA LYS D 105 -20.75 64.30 -0.50
C LYS D 105 -19.92 63.70 -1.61
N HIS D 106 -18.85 63.01 -1.24
CA HIS D 106 -18.19 62.14 -2.18
C HIS D 106 -17.43 61.09 -1.40
N TYR D 107 -17.12 59.97 -2.04
CA TYR D 107 -16.49 58.86 -1.33
C TYR D 107 -15.31 58.26 -2.11
N VAL D 108 -14.11 58.42 -1.60
CA VAL D 108 -12.96 57.75 -2.21
C VAL D 108 -12.72 56.45 -1.45
N GLY D 109 -12.30 55.39 -2.15
CA GLY D 109 -12.24 54.07 -1.53
C GLY D 109 -12.03 52.91 -2.49
N HIS D 110 -12.96 52.71 -3.42
CA HIS D 110 -12.75 51.72 -4.47
C HIS D 110 -11.42 52.00 -5.13
N GLY D 111 -10.65 50.95 -5.40
CA GLY D 111 -9.30 51.15 -5.89
C GLY D 111 -9.22 51.16 -7.41
N ASN D 112 -10.39 51.20 -8.04
CA ASN D 112 -10.49 51.24 -9.50
C ASN D 112 -11.88 51.74 -9.90
N ALA D 113 -12.26 51.51 -11.15
CA ALA D 113 -13.49 52.07 -11.71
C ALA D 113 -14.77 51.46 -11.16
N ILE D 114 -15.77 52.31 -10.95
CA ILE D 114 -17.09 51.85 -10.53
C ILE D 114 -18.01 51.64 -11.71
N ASN D 115 -18.53 50.43 -11.87
CA ASN D 115 -19.33 50.10 -13.04
C ASN D 115 -20.84 50.15 -12.81
N GLU D 116 -21.26 50.20 -11.55
CA GLU D 116 -22.68 50.34 -11.29
C GLU D 116 -22.94 50.90 -9.90
N LEU D 117 -24.17 51.37 -9.72
CA LEU D 117 -24.55 52.01 -8.49
C LEU D 117 -26.01 51.61 -8.32
N LYS D 118 -26.40 51.25 -7.10
CA LYS D 118 -27.78 50.91 -6.83
C LYS D 118 -28.11 51.27 -5.39
N PHE D 119 -29.25 51.91 -5.15
CA PHE D 119 -29.65 52.25 -3.80
C PHE D 119 -30.53 51.17 -3.17
N HIS D 120 -30.63 51.15 -1.84
CA HIS D 120 -31.42 50.13 -1.16
C HIS D 120 -32.90 50.43 -1.32
N PRO D 121 -33.68 49.41 -1.67
CA PRO D 121 -35.11 49.56 -1.99
C PRO D 121 -35.92 50.25 -0.91
N ARG D 122 -35.46 50.15 0.33
CA ARG D 122 -36.26 50.63 1.45
C ARG D 122 -35.52 51.52 2.44
N ASP D 123 -34.19 51.60 2.31
CA ASP D 123 -33.38 52.53 3.10
C ASP D 123 -32.61 53.45 2.16
N PRO D 124 -33.04 54.69 2.04
CA PRO D 124 -32.52 55.64 1.06
C PRO D 124 -31.03 55.83 1.21
N ASN D 125 -30.49 55.38 2.33
CA ASN D 125 -29.14 55.77 2.72
C ASN D 125 -28.08 54.73 2.41
N LEU D 126 -28.53 53.55 2.05
CA LEU D 126 -27.59 52.47 1.75
C LEU D 126 -27.32 52.42 0.24
N LEU D 127 -26.08 52.70 -0.13
CA LEU D 127 -25.66 52.73 -1.52
C LEU D 127 -24.73 51.55 -1.80
N LEU D 128 -25.07 50.72 -2.80
CA LEU D 128 -24.19 49.63 -3.21
C LEU D 128 -23.45 50.05 -4.48
N SER D 129 -22.13 49.88 -4.48
CA SER D 129 -21.30 50.23 -5.64
C SER D 129 -20.42 49.07 -6.15
N VAL D 130 -20.54 48.78 -7.44
CA VAL D 130 -19.86 47.66 -8.07
C VAL D 130 -18.62 48.08 -8.83
N SER D 131 -17.49 47.41 -8.65
CA SER D 131 -16.22 47.91 -9.22
C SER D 131 -15.26 47.01 -10.00
N LYS D 132 -14.32 47.65 -10.70
CA LYS D 132 -13.32 46.95 -11.50
C LYS D 132 -12.17 46.49 -10.61
N ASP D 133 -12.29 46.74 -9.31
CA ASP D 133 -11.31 46.24 -8.37
C ASP D 133 -11.69 44.83 -7.86
N HIS D 134 -12.77 44.29 -8.39
CA HIS D 134 -13.19 42.92 -8.12
C HIS D 134 -14.09 42.83 -6.87
N ALA D 135 -14.64 43.96 -6.44
CA ALA D 135 -15.42 44.00 -5.19
C ALA D 135 -16.71 44.80 -5.28
N LEU D 136 -17.72 44.46 -4.47
CA LEU D 136 -18.86 45.36 -4.24
C LEU D 136 -18.51 46.17 -3.00
N ARG D 137 -19.33 47.16 -2.68
CA ARG D 137 -19.15 47.94 -1.45
C ARG D 137 -20.45 48.62 -1.09
N LEU D 138 -20.86 48.48 0.16
CA LEU D 138 -22.16 48.99 0.57
C LEU D 138 -21.93 50.15 1.52
N TRP D 139 -22.39 51.32 1.14
CA TRP D 139 -22.12 52.50 1.93
C TRP D 139 -23.38 52.89 2.69
N ASN D 140 -23.20 53.57 3.81
CA ASN D 140 -24.31 54.21 4.47
C ASN D 140 -24.13 55.71 4.41
N ILE D 141 -24.86 56.38 3.53
CA ILE D 141 -24.50 57.74 3.13
C ILE D 141 -24.94 58.81 4.10
N GLN D 142 -25.73 58.44 5.10
CA GLN D 142 -26.09 59.39 6.16
C GLN D 142 -24.95 59.58 7.15
N THR D 143 -24.49 58.48 7.72
CA THR D 143 -23.40 58.50 8.67
C THR D 143 -22.02 58.51 8.01
N ASP D 144 -21.98 58.39 6.68
CA ASP D 144 -20.72 58.43 5.94
C ASP D 144 -19.77 57.26 6.23
N THR D 145 -20.32 56.05 6.35
CA THR D 145 -19.55 54.91 6.82
C THR D 145 -19.57 53.77 5.82
N LEU D 146 -18.46 53.05 5.71
CA LEU D 146 -18.41 51.93 4.77
C LEU D 146 -18.90 50.65 5.44
N VAL D 147 -20.15 50.28 5.23
CA VAL D 147 -20.72 49.18 5.98
C VAL D 147 -20.09 47.83 5.67
N ALA D 148 -19.73 47.59 4.41
CA ALA D 148 -19.27 46.27 4.04
C ALA D 148 -18.57 46.21 2.67
N ILE D 149 -17.52 45.40 2.58
CA ILE D 149 -16.90 45.10 1.31
C ILE D 149 -17.22 43.67 0.93
N PHE D 150 -18.02 43.51 -0.13
CA PHE D 150 -18.31 42.18 -0.66
C PHE D 150 -17.26 41.71 -1.66
N GLY D 151 -16.36 40.86 -1.20
CA GLY D 151 -15.31 40.31 -2.05
C GLY D 151 -14.28 39.62 -1.20
N GLY D 152 -13.26 39.04 -1.83
CA GLY D 152 -12.23 38.39 -1.05
C GLY D 152 -11.93 37.03 -1.63
N VAL D 153 -11.63 36.07 -0.77
CA VAL D 153 -11.21 34.75 -1.23
C VAL D 153 -12.25 33.99 -2.05
N GLU D 154 -13.51 34.35 -1.90
CA GLU D 154 -14.56 33.69 -2.66
C GLU D 154 -15.48 34.69 -3.37
N GLY D 155 -15.03 35.94 -3.41
CA GLY D 155 -15.68 36.92 -4.25
C GLY D 155 -15.22 36.80 -5.69
N HIS D 156 -15.52 37.84 -6.47
CA HIS D 156 -15.26 37.83 -7.90
C HIS D 156 -13.78 37.87 -8.19
N ARG D 157 -13.36 37.01 -9.12
CA ARG D 157 -11.97 36.93 -9.51
C ARG D 157 -11.62 38.02 -10.52
N ASP D 158 -12.58 38.85 -10.88
CA ASP D 158 -12.34 39.82 -11.94
C ASP D 158 -13.38 40.92 -11.88
N GLU D 159 -13.25 41.90 -12.76
CA GLU D 159 -14.12 43.07 -12.76
C GLU D 159 -15.59 42.71 -12.48
N VAL D 160 -16.21 43.46 -11.56
CA VAL D 160 -17.61 43.23 -11.28
C VAL D 160 -18.37 44.25 -12.11
N LEU D 161 -19.26 43.78 -12.98
CA LEU D 161 -19.91 44.66 -13.95
C LEU D 161 -21.32 45.12 -13.60
N SER D 162 -21.95 44.53 -12.59
CA SER D 162 -23.37 44.80 -12.32
C SER D 162 -23.87 44.13 -11.07
N ALA D 163 -24.94 44.67 -10.47
CA ALA D 163 -25.49 44.11 -9.24
C ALA D 163 -26.93 44.58 -9.06
N ASP D 164 -27.66 43.95 -8.13
CA ASP D 164 -29.06 44.32 -7.96
C ASP D 164 -29.68 43.83 -6.65
N TYR D 165 -30.33 44.73 -5.93
CA TYR D 165 -31.11 44.33 -4.77
C TYR D 165 -32.38 43.64 -5.25
N ASP D 166 -32.93 42.77 -4.42
CA ASP D 166 -34.24 42.18 -4.68
C ASP D 166 -35.32 43.16 -4.28
N LEU D 167 -36.57 42.80 -4.49
CA LEU D 167 -37.64 43.74 -4.25
C LEU D 167 -37.66 44.29 -2.84
N LEU D 168 -37.35 43.47 -1.85
CA LEU D 168 -37.57 43.85 -0.47
C LEU D 168 -36.35 44.42 0.23
N GLY D 169 -35.17 44.14 -0.33
CA GLY D 169 -33.94 44.71 0.20
C GLY D 169 -33.22 43.74 1.12
N GLU D 170 -33.41 42.44 0.85
CA GLU D 170 -32.89 41.38 1.71
C GLU D 170 -31.59 40.78 1.16
N LYS D 171 -31.46 40.77 -0.17
CA LYS D 171 -30.32 40.15 -0.83
C LYS D 171 -29.85 40.86 -2.09
N ILE D 172 -28.56 40.72 -2.39
CA ILE D 172 -27.95 41.28 -3.58
C ILE D 172 -27.46 40.13 -4.49
N MET D 173 -27.62 40.28 -5.79
CA MET D 173 -26.89 39.40 -6.72
C MET D 173 -25.97 40.22 -7.63
N SER D 174 -24.79 39.67 -7.93
CA SER D 174 -23.79 40.39 -8.69
C SER D 174 -23.22 39.54 -9.84
N CYS D 175 -22.70 40.22 -10.85
CA CYS D 175 -22.21 39.54 -12.04
C CYS D 175 -20.97 40.29 -12.51
N GLY D 176 -20.16 39.64 -13.35
CA GLY D 176 -18.93 40.26 -13.77
C GLY D 176 -18.14 39.44 -14.76
N MET D 177 -16.90 39.86 -14.98
CA MET D 177 -16.12 39.41 -16.11
C MET D 177 -15.62 37.99 -15.96
N ASP D 178 -15.77 37.44 -14.77
CA ASP D 178 -15.31 36.08 -14.52
C ASP D 178 -16.34 34.99 -14.86
N HIS D 179 -17.47 35.39 -15.45
CA HIS D 179 -18.54 34.47 -15.86
C HIS D 179 -19.51 34.18 -14.71
N SER D 180 -19.23 34.78 -13.56
CA SER D 180 -19.95 34.41 -12.36
C SER D 180 -21.07 35.38 -11.97
N LEU D 181 -22.16 34.82 -11.44
CA LEU D 181 -23.10 35.60 -10.66
C LEU D 181 -23.07 35.12 -9.21
N LYS D 182 -23.33 36.04 -8.29
CA LYS D 182 -23.18 35.76 -6.87
C LYS D 182 -24.31 36.37 -6.02
N LEU D 183 -24.72 35.63 -5.00
CA LEU D 183 -25.80 36.03 -4.09
C LEU D 183 -25.11 36.46 -2.81
N TRP D 184 -25.47 37.64 -2.30
CA TRP D 184 -24.95 38.13 -1.04
C TRP D 184 -26.16 38.52 -0.20
N ARG D 185 -26.43 37.80 0.89
CA ARG D 185 -27.54 38.16 1.75
C ARG D 185 -27.15 39.35 2.58
N ILE D 186 -28.11 40.24 2.84
CA ILE D 186 -27.89 41.30 3.81
C ILE D 186 -28.99 41.28 4.86
N ASN D 187 -29.61 40.12 5.05
CA ASN D 187 -30.47 39.93 6.22
C ASN D 187 -29.97 38.80 7.11
N SER D 188 -28.67 38.55 7.07
CA SER D 188 -28.00 37.78 8.11
C SER D 188 -27.95 38.65 9.36
N LYS D 189 -27.78 38.02 10.52
CA LYS D 189 -27.64 38.76 11.76
C LYS D 189 -26.38 39.61 11.68
N ARG D 190 -25.37 39.11 10.99
CA ARG D 190 -24.12 39.86 10.90
C ARG D 190 -24.40 41.15 10.17
N MET D 191 -25.03 41.05 9.01
CA MET D 191 -25.19 42.22 8.16
C MET D 191 -26.14 43.23 8.77
N MET D 192 -27.34 42.80 9.15
CA MET D 192 -28.26 43.75 9.77
C MET D 192 -27.60 44.40 10.95
N ASN D 193 -26.80 43.63 11.68
CA ASN D 193 -26.11 44.19 12.82
C ASN D 193 -25.10 45.25 12.41
N ALA D 194 -24.47 45.04 11.26
CA ALA D 194 -23.47 45.97 10.77
C ALA D 194 -24.16 47.25 10.28
N ILE D 195 -25.37 47.11 9.76
CA ILE D 195 -26.15 48.26 9.33
C ILE D 195 -26.54 49.13 10.53
N LYS D 196 -27.24 48.53 11.49
CA LYS D 196 -27.55 49.20 12.75
C LYS D 196 -26.30 49.88 13.30
N GLU D 197 -25.27 49.08 13.55
CA GLU D 197 -24.04 49.58 14.14
C GLU D 197 -23.54 50.79 13.35
N SER D 198 -23.77 50.77 12.05
CA SER D 198 -23.26 51.83 11.18
C SER D 198 -24.02 53.13 11.39
N TYR D 199 -25.33 53.03 11.60
CA TYR D 199 -26.12 54.19 11.96
C TYR D 199 -25.68 54.81 13.29
N ASP D 200 -25.22 53.98 14.22
CA ASP D 200 -24.80 54.46 15.53
C ASP D 200 -23.47 55.18 15.47
N TYR D 201 -22.63 54.79 14.52
CA TYR D 201 -21.27 55.34 14.52
C TYR D 201 -21.26 56.86 14.58
N ASN D 202 -20.63 57.37 15.62
CA ASN D 202 -20.44 58.79 15.80
C ASN D 202 -18.93 59.05 15.97
N PRO D 203 -18.29 59.63 14.96
CA PRO D 203 -16.83 59.84 15.04
C PRO D 203 -16.45 60.80 16.15
N ASN D 204 -17.32 61.77 16.40
CA ASN D 204 -17.08 62.84 17.37
C ASN D 204 -17.08 62.29 18.78
N LYS D 205 -17.40 61.01 18.91
CA LYS D 205 -17.46 60.33 20.20
C LYS D 205 -16.56 59.10 20.25
N THR D 206 -15.46 59.10 19.50
CA THR D 206 -14.51 57.99 19.55
C THR D 206 -13.28 58.19 18.68
N ASN D 207 -12.23 57.45 19.01
CA ASN D 207 -10.94 57.57 18.34
C ASN D 207 -10.70 56.36 17.46
N ARG D 208 -11.77 55.65 17.13
CA ARG D 208 -11.63 54.43 16.39
C ARG D 208 -12.46 54.45 15.13
N PRO D 209 -11.85 54.08 14.00
CA PRO D 209 -12.54 54.05 12.71
C PRO D 209 -13.59 52.95 12.76
N PHE D 210 -14.77 53.22 12.19
CA PHE D 210 -15.85 52.22 12.12
C PHE D 210 -15.32 50.91 11.55
N ILE D 211 -15.94 49.79 11.92
CA ILE D 211 -15.39 48.51 11.56
C ILE D 211 -16.19 47.91 10.40
N SER D 212 -15.54 47.80 9.25
CA SER D 212 -16.25 47.41 8.03
C SER D 212 -16.22 45.89 7.86
N GLN D 213 -17.39 45.31 7.61
CA GLN D 213 -17.49 43.87 7.42
C GLN D 213 -16.75 43.42 6.16
N LYS D 214 -15.77 42.53 6.32
CA LYS D 214 -15.18 41.87 5.17
C LYS D 214 -15.91 40.57 4.92
N ILE D 215 -16.92 40.61 4.06
CA ILE D 215 -17.68 39.41 3.69
C ILE D 215 -16.98 38.69 2.55
N HIS D 216 -16.14 37.70 2.86
CA HIS D 216 -15.31 37.05 1.85
C HIS D 216 -16.04 35.98 1.08
N PHE D 217 -17.27 35.68 1.50
CA PHE D 217 -17.94 34.49 0.99
C PHE D 217 -19.36 34.82 0.57
N PRO D 218 -19.70 34.48 -0.68
CA PRO D 218 -21.07 34.60 -1.20
C PRO D 218 -21.97 33.49 -0.63
N ASP D 219 -23.25 33.78 -0.48
CA ASP D 219 -24.23 32.79 -0.04
C ASP D 219 -24.56 31.83 -1.16
N PHE D 220 -23.93 32.00 -2.31
CA PHE D 220 -24.18 31.13 -3.47
C PHE D 220 -23.37 31.62 -4.63
N SER D 221 -22.84 30.71 -5.44
CA SER D 221 -22.07 31.10 -6.61
C SER D 221 -22.31 30.19 -7.83
N THR D 222 -22.16 30.72 -9.03
CA THR D 222 -22.17 29.86 -10.21
C THR D 222 -21.50 30.46 -11.43
N ARG D 223 -20.88 29.58 -12.22
CA ARG D 223 -20.28 29.97 -13.49
C ARG D 223 -20.95 29.20 -14.61
N ASP D 224 -22.23 28.92 -14.45
CA ASP D 224 -22.88 27.95 -15.33
C ASP D 224 -24.01 28.47 -16.20
N ILE D 225 -24.43 29.71 -15.99
CA ILE D 225 -25.46 30.26 -16.84
C ILE D 225 -24.90 30.68 -18.21
N HIS D 226 -23.85 31.50 -18.20
CA HIS D 226 -23.25 31.97 -19.44
C HIS D 226 -21.80 31.53 -19.57
N ARG D 227 -21.25 31.70 -20.77
CA ARG D 227 -19.87 31.29 -21.02
C ARG D 227 -18.93 32.46 -21.28
N ASN D 228 -19.27 33.62 -20.75
CA ASN D 228 -18.50 34.82 -21.03
C ASN D 228 -18.85 35.86 -20.00
N TYR D 229 -18.12 36.96 -19.97
CA TYR D 229 -18.31 37.97 -18.94
C TYR D 229 -19.80 38.26 -18.85
N VAL D 230 -20.28 38.55 -17.65
CA VAL D 230 -21.70 38.79 -17.48
C VAL D 230 -21.80 40.25 -17.10
N ASP D 231 -22.69 40.98 -17.76
CA ASP D 231 -22.63 42.43 -17.69
C ASP D 231 -23.92 43.12 -17.26
N CYS D 232 -25.01 42.36 -17.18
CA CYS D 232 -26.20 42.87 -16.51
C CYS D 232 -26.88 41.76 -15.73
N VAL D 233 -27.45 42.11 -14.59
CA VAL D 233 -28.25 41.16 -13.83
C VAL D 233 -29.28 41.93 -13.03
N ARG D 234 -30.52 41.48 -13.08
CA ARG D 234 -31.57 42.04 -12.23
C ARG D 234 -32.50 40.94 -11.76
N TRP D 235 -33.05 41.08 -10.57
CA TRP D 235 -33.98 40.09 -10.07
C TRP D 235 -35.28 40.24 -10.85
N LEU D 236 -35.94 39.11 -11.11
CA LEU D 236 -37.36 39.13 -11.44
C LEU D 236 -38.07 38.26 -10.40
N GLY D 237 -38.52 38.89 -9.33
CA GLY D 237 -39.08 38.13 -8.23
C GLY D 237 -37.99 37.48 -7.39
N ASP D 238 -37.98 36.15 -7.42
CA ASP D 238 -36.92 35.38 -6.78
C ASP D 238 -36.23 34.56 -7.87
N LEU D 239 -36.62 34.82 -9.12
CA LEU D 239 -35.91 34.28 -10.27
C LEU D 239 -34.88 35.36 -10.62
N ILE D 240 -33.94 35.03 -11.52
CA ILE D 240 -32.90 35.96 -11.92
C ILE D 240 -32.80 36.10 -13.42
N LEU D 241 -32.68 37.33 -13.89
CA LEU D 241 -32.43 37.59 -15.31
C LEU D 241 -31.00 38.06 -15.45
N SER D 242 -30.28 37.49 -16.39
CA SER D 242 -28.90 37.92 -16.63
C SER D 242 -28.44 37.68 -18.09
N LYS D 243 -27.52 38.52 -18.55
CA LYS D 243 -27.09 38.45 -19.93
C LYS D 243 -25.59 38.55 -20.02
N SER D 244 -25.05 37.90 -21.05
CA SER D 244 -23.67 38.02 -21.45
C SER D 244 -23.70 38.64 -22.83
N CYS D 245 -22.83 38.15 -23.70
CA CYS D 245 -22.75 38.62 -25.07
C CYS D 245 -23.23 37.55 -26.05
N GLU D 246 -23.77 36.45 -25.55
CA GLU D 246 -24.24 35.37 -26.39
C GLU D 246 -25.64 35.67 -26.93
N ASN D 247 -26.04 36.94 -26.87
CA ASN D 247 -27.28 37.40 -27.49
C ASN D 247 -28.51 36.69 -26.97
N ALA D 248 -28.66 36.68 -25.65
CA ALA D 248 -29.87 36.16 -25.00
C ALA D 248 -29.87 36.58 -23.53
N ILE D 249 -31.00 37.08 -23.06
CA ILE D 249 -31.20 37.25 -21.63
C ILE D 249 -31.65 35.90 -21.07
N VAL D 250 -30.99 35.44 -20.03
CA VAL D 250 -31.32 34.12 -19.47
C VAL D 250 -32.09 34.23 -18.17
N CYS D 251 -33.13 33.42 -18.05
CA CYS D 251 -33.93 33.42 -16.84
C CYS D 251 -33.69 32.12 -16.08
N TRP D 252 -33.12 32.23 -14.89
CA TRP D 252 -32.67 31.06 -14.14
C TRP D 252 -32.86 31.23 -12.62
N LYS D 253 -32.79 30.13 -11.88
CA LYS D 253 -32.80 30.19 -10.42
C LYS D 253 -31.71 29.32 -9.84
N PRO D 254 -31.17 29.70 -8.68
CA PRO D 254 -30.19 28.84 -8.03
C PRO D 254 -30.87 27.61 -7.45
N GLY D 255 -30.14 26.50 -7.45
CA GLY D 255 -30.65 25.26 -6.89
C GLY D 255 -31.38 24.43 -7.91
N LYS D 256 -32.14 23.44 -7.44
CA LYS D 256 -33.00 22.62 -8.29
C LYS D 256 -34.36 23.30 -8.40
N MET D 257 -35.24 22.77 -9.25
CA MET D 257 -36.42 23.51 -9.69
C MET D 257 -37.31 23.97 -8.54
N GLU D 258 -37.55 23.08 -7.60
CA GLU D 258 -38.42 23.38 -6.47
C GLU D 258 -37.68 24.05 -5.31
N ASP D 259 -36.35 24.11 -5.38
CA ASP D 259 -35.56 24.67 -4.30
C ASP D 259 -35.88 26.15 -4.07
N ASP D 260 -35.99 26.53 -2.80
CA ASP D 260 -36.46 27.86 -2.42
C ASP D 260 -35.26 28.78 -2.23
N ILE D 261 -35.33 29.98 -2.80
CA ILE D 261 -34.17 30.87 -2.83
C ILE D 261 -33.61 31.10 -1.43
N ASP D 262 -34.49 31.10 -0.43
CA ASP D 262 -34.06 31.38 0.95
C ASP D 262 -33.51 30.16 1.70
N LYS D 263 -33.58 28.99 1.09
CA LYS D 263 -33.03 27.77 1.68
C LYS D 263 -31.81 27.29 0.91
N ILE D 264 -31.57 27.89 -0.24
CA ILE D 264 -30.39 27.56 -1.01
C ILE D 264 -29.18 27.76 -0.11
N LYS D 265 -28.35 26.74 -0.04
CA LYS D 265 -27.20 26.71 0.86
C LYS D 265 -25.94 27.11 0.11
N PRO D 266 -25.00 27.78 0.78
CA PRO D 266 -23.83 28.38 0.14
C PRO D 266 -22.94 27.39 -0.61
N SER D 267 -23.31 26.11 -0.61
CA SER D 267 -22.56 25.11 -1.36
C SER D 267 -23.42 24.44 -2.43
N GLU D 268 -24.66 24.86 -2.54
CA GLU D 268 -25.51 24.37 -3.62
C GLU D 268 -24.76 24.48 -4.95
N SER D 269 -24.80 23.44 -5.77
CA SER D 269 -24.07 23.51 -7.03
C SER D 269 -24.97 23.36 -8.26
N ASN D 270 -26.28 23.35 -8.03
CA ASN D 270 -27.22 23.24 -9.14
C ASN D 270 -27.78 24.60 -9.54
N VAL D 271 -27.87 24.88 -10.84
CA VAL D 271 -28.72 25.96 -11.28
C VAL D 271 -29.82 25.41 -12.16
N THR D 272 -30.94 26.14 -12.23
CA THR D 272 -32.09 25.75 -13.04
C THR D 272 -32.45 26.87 -14.05
N ILE D 273 -32.26 26.57 -15.32
CA ILE D 273 -32.52 27.55 -16.38
C ILE D 273 -33.99 27.50 -16.81
N LEU D 274 -34.74 28.55 -16.48
CA LEU D 274 -36.18 28.64 -16.78
C LEU D 274 -36.51 29.08 -18.21
N GLY D 275 -35.50 29.29 -19.04
CA GLY D 275 -35.75 29.75 -20.40
C GLY D 275 -35.07 31.07 -20.65
N ARG D 276 -35.08 31.52 -21.90
CA ARG D 276 -34.36 32.73 -22.29
C ARG D 276 -35.09 33.57 -23.30
N PHE D 277 -34.68 34.84 -23.40
CA PHE D 277 -35.18 35.75 -24.42
C PHE D 277 -34.15 35.90 -25.52
N ASP D 278 -34.58 35.77 -26.77
CA ASP D 278 -33.65 35.89 -27.88
C ASP D 278 -33.70 37.24 -28.60
N TYR D 279 -32.54 37.64 -29.11
CA TYR D 279 -32.36 38.92 -29.78
C TYR D 279 -31.04 38.80 -30.53
N SER D 280 -30.69 39.79 -31.33
CA SER D 280 -29.47 39.64 -32.13
C SER D 280 -28.62 40.90 -32.09
N GLN D 281 -27.38 40.74 -32.51
CA GLN D 281 -26.45 41.85 -32.64
C GLN D 281 -26.28 42.66 -31.37
N CYS D 282 -25.95 41.97 -30.29
CA CYS D 282 -25.65 42.64 -29.03
C CYS D 282 -24.54 41.88 -28.32
N ASP D 283 -23.41 41.73 -29.02
CA ASP D 283 -22.32 40.93 -28.50
C ASP D 283 -21.09 41.74 -28.15
N ILE D 284 -21.26 43.05 -28.07
CA ILE D 284 -20.24 43.89 -27.43
C ILE D 284 -20.61 44.02 -25.94
N TRP D 285 -19.60 44.18 -25.09
CA TRP D 285 -19.86 44.12 -23.68
C TRP D 285 -20.31 45.46 -23.13
N TYR D 286 -20.93 45.44 -21.96
CA TYR D 286 -21.43 46.65 -21.33
C TYR D 286 -22.69 47.21 -22.01
N MET D 287 -23.69 46.35 -22.17
CA MET D 287 -24.97 46.73 -22.75
C MET D 287 -26.09 46.22 -21.83
N ARG D 288 -26.79 47.13 -21.17
CA ARG D 288 -27.67 46.75 -20.05
C ARG D 288 -29.15 46.81 -20.35
N PHE D 289 -29.93 45.95 -19.70
CA PHE D 289 -31.38 45.98 -19.86
C PHE D 289 -32.10 46.59 -18.64
N SER D 290 -33.43 46.52 -18.63
CA SER D 290 -34.19 46.99 -17.48
C SER D 290 -35.67 46.61 -17.50
N MET D 291 -36.40 47.04 -16.46
CA MET D 291 -37.81 46.74 -16.37
C MET D 291 -38.54 47.94 -15.78
N ASP D 292 -39.87 47.85 -15.68
CA ASP D 292 -40.67 48.86 -14.98
C ASP D 292 -40.47 48.73 -13.48
N PHE D 293 -41.13 49.62 -12.75
CA PHE D 293 -41.28 49.43 -11.34
C PHE D 293 -42.16 48.22 -11.08
N TRP D 294 -43.11 47.97 -11.96
CA TRP D 294 -44.05 46.88 -11.76
C TRP D 294 -43.53 45.58 -12.35
N GLN D 295 -42.42 45.67 -13.05
CA GLN D 295 -41.77 44.49 -13.59
C GLN D 295 -42.66 43.68 -14.51
N LYS D 296 -43.35 44.35 -15.44
CA LYS D 296 -44.12 43.65 -16.47
C LYS D 296 -43.44 43.77 -17.84
N MET D 297 -42.58 44.77 -17.98
CA MET D 297 -41.93 45.04 -19.26
C MET D 297 -40.41 44.93 -19.19
N LEU D 298 -39.80 44.24 -20.15
CA LEU D 298 -38.34 44.17 -20.20
C LEU D 298 -37.81 44.70 -21.52
N ALA D 299 -36.93 45.70 -21.45
CA ALA D 299 -36.45 46.38 -22.66
C ALA D 299 -34.94 46.35 -22.80
N LEU D 300 -34.46 45.94 -23.97
CA LEU D 300 -33.02 45.89 -24.20
C LEU D 300 -32.66 46.55 -25.54
N GLY D 301 -31.62 47.38 -25.53
CA GLY D 301 -31.17 48.02 -26.75
C GLY D 301 -30.02 47.29 -27.41
N ASN D 302 -29.57 47.80 -28.56
CA ASN D 302 -28.75 47.04 -29.50
C ASN D 302 -27.39 47.69 -29.80
N GLN D 303 -26.47 46.96 -30.43
CA GLN D 303 -25.22 47.58 -30.86
C GLN D 303 -25.43 48.40 -32.12
N VAL D 304 -26.47 48.04 -32.89
CA VAL D 304 -26.94 48.87 -33.98
C VAL D 304 -28.35 49.39 -33.71
N GLY D 305 -28.48 50.28 -32.74
CA GLY D 305 -29.67 51.13 -32.64
C GLY D 305 -31.03 50.49 -32.36
N LYS D 306 -31.10 49.16 -32.41
CA LYS D 306 -32.36 48.46 -32.16
C LYS D 306 -32.70 48.44 -30.68
N LEU D 307 -33.99 48.46 -30.37
CA LEU D 307 -34.42 48.49 -28.97
C LEU D 307 -35.55 47.51 -28.74
N TYR D 308 -35.26 46.38 -28.09
CA TYR D 308 -36.28 45.37 -27.85
C TYR D 308 -37.11 45.60 -26.59
N VAL D 309 -38.38 45.20 -26.63
CA VAL D 309 -39.24 45.28 -25.46
C VAL D 309 -40.11 44.03 -25.33
N TRP D 310 -39.82 43.21 -24.32
CA TRP D 310 -40.63 42.03 -24.05
C TRP D 310 -41.65 42.29 -22.95
N ASP D 311 -42.71 41.50 -22.96
CA ASP D 311 -43.77 41.61 -21.98
C ASP D 311 -43.68 40.42 -21.04
N LEU D 312 -43.27 40.67 -19.79
CA LEU D 312 -42.95 39.58 -18.86
C LEU D 312 -44.21 38.92 -18.29
N GLU D 313 -45.37 39.45 -18.70
CA GLU D 313 -46.67 39.02 -18.17
C GLU D 313 -47.00 37.59 -18.60
N VAL D 314 -46.57 37.22 -19.80
CA VAL D 314 -46.79 35.87 -20.30
C VAL D 314 -46.06 34.86 -19.40
N GLU D 315 -45.95 33.64 -19.89
CA GLU D 315 -45.41 32.55 -19.08
C GLU D 315 -44.03 32.17 -19.55
N ASP D 316 -43.98 31.42 -20.65
CA ASP D 316 -42.73 30.96 -21.23
C ASP D 316 -41.97 32.08 -21.94
N PRO D 317 -40.63 32.00 -21.94
CA PRO D 317 -39.82 33.00 -22.64
C PRO D 317 -40.02 32.86 -24.15
N HIS D 318 -40.21 31.61 -24.59
CA HIS D 318 -40.25 31.28 -26.00
C HIS D 318 -41.34 32.07 -26.73
N LYS D 319 -42.56 32.06 -26.19
CA LYS D 319 -43.65 32.82 -26.79
C LYS D 319 -43.79 34.20 -26.17
N ALA D 320 -42.71 34.70 -25.57
CA ALA D 320 -42.74 36.00 -24.90
C ALA D 320 -43.10 37.09 -25.89
N LYS D 321 -44.14 37.86 -25.60
CA LYS D 321 -44.57 38.91 -26.52
C LYS D 321 -43.43 39.92 -26.74
N CYS D 322 -42.90 39.97 -27.95
CA CYS D 322 -41.82 40.91 -28.22
C CYS D 322 -42.07 41.85 -29.38
N THR D 323 -41.88 43.14 -29.14
CA THR D 323 -41.97 44.14 -30.20
C THR D 323 -40.58 44.73 -30.38
N THR D 324 -40.22 45.11 -31.61
CA THR D 324 -38.90 45.68 -31.87
C THR D 324 -39.01 47.13 -32.32
N LEU D 325 -38.83 48.06 -31.37
CA LEU D 325 -38.88 49.48 -31.70
C LEU D 325 -37.66 49.82 -32.52
N THR D 326 -37.87 50.56 -33.60
CA THR D 326 -36.80 50.94 -34.50
C THR D 326 -37.03 52.29 -35.16
N HIS D 327 -35.96 52.89 -35.69
CA HIS D 327 -36.08 54.21 -36.33
C HIS D 327 -34.88 54.46 -37.22
N HIS D 328 -35.14 55.05 -38.37
CA HIS D 328 -34.14 55.22 -39.42
C HIS D 328 -32.91 55.95 -38.86
N LYS D 329 -33.16 56.91 -37.98
CA LYS D 329 -32.13 57.84 -37.52
C LYS D 329 -31.29 57.30 -36.36
N CYS D 330 -31.79 56.27 -35.70
CA CYS D 330 -31.11 55.71 -34.53
C CYS D 330 -30.25 54.56 -34.98
N GLY D 331 -28.95 54.79 -35.11
CA GLY D 331 -28.06 53.72 -35.53
C GLY D 331 -26.97 53.42 -34.52
N ALA D 332 -26.87 54.27 -33.50
CA ALA D 332 -25.85 54.13 -32.48
C ALA D 332 -26.21 52.96 -31.59
N ALA D 333 -25.20 52.26 -31.08
CA ALA D 333 -25.38 51.29 -30.02
C ALA D 333 -26.09 51.92 -28.82
N ILE D 334 -27.09 51.20 -28.30
CA ILE D 334 -27.83 51.64 -27.12
C ILE D 334 -27.15 51.01 -25.89
N ARG D 335 -26.73 51.85 -24.96
CA ARG D 335 -25.99 51.36 -23.80
C ARG D 335 -26.88 50.96 -22.65
N GLN D 336 -28.04 51.60 -22.54
CA GLN D 336 -28.96 51.36 -21.42
C GLN D 336 -30.35 51.97 -21.68
N THR D 337 -31.38 51.43 -21.03
CA THR D 337 -32.73 51.92 -21.22
C THR D 337 -33.36 52.16 -19.87
N SER D 338 -34.48 52.89 -19.86
CA SER D 338 -35.15 53.20 -18.60
C SER D 338 -36.62 53.51 -18.81
N PHE D 339 -37.47 52.77 -18.09
CA PHE D 339 -38.91 53.03 -18.04
C PHE D 339 -39.25 54.06 -16.97
N SER D 340 -40.01 55.09 -17.34
CA SER D 340 -40.65 55.91 -16.32
C SER D 340 -41.39 54.98 -15.38
N ARG D 341 -41.55 55.40 -14.13
CA ARG D 341 -42.21 54.57 -13.14
C ARG D 341 -43.55 54.01 -13.62
N ASP D 342 -44.31 54.84 -14.33
CA ASP D 342 -45.64 54.43 -14.81
C ASP D 342 -45.58 53.80 -16.20
N SER D 343 -44.37 53.45 -16.65
CA SER D 343 -44.19 52.67 -17.87
C SER D 343 -44.66 53.42 -19.13
N SER D 344 -45.18 54.63 -18.95
CA SER D 344 -45.65 55.44 -20.06
C SER D 344 -44.53 55.81 -21.03
N ILE D 345 -43.33 56.07 -20.49
CA ILE D 345 -42.21 56.49 -21.31
C ILE D 345 -41.05 55.52 -21.28
N LEU D 346 -40.24 55.54 -22.32
CA LEU D 346 -39.07 54.67 -22.41
C LEU D 346 -37.92 55.47 -23.04
N ILE D 347 -36.92 55.80 -22.24
CA ILE D 347 -35.75 56.50 -22.74
C ILE D 347 -34.59 55.53 -23.02
N ALA D 348 -33.96 55.68 -24.17
CA ALA D 348 -32.74 54.93 -24.47
C ALA D 348 -31.62 55.90 -24.82
N VAL D 349 -30.38 55.59 -24.41
CA VAL D 349 -29.24 56.47 -24.67
C VAL D 349 -28.13 55.70 -25.41
N CYS D 350 -27.27 56.43 -26.12
CA CYS D 350 -26.47 55.81 -27.19
C CYS D 350 -24.99 56.17 -27.21
N ASP D 351 -24.22 55.36 -27.93
CA ASP D 351 -22.77 55.49 -28.01
C ASP D 351 -22.32 56.81 -28.63
N ASP D 352 -23.28 57.65 -28.99
CA ASP D 352 -23.02 58.82 -29.83
C ASP D 352 -23.65 60.09 -29.25
N ALA D 353 -23.99 60.04 -27.96
CA ALA D 353 -24.56 61.17 -27.23
C ALA D 353 -26.05 61.34 -27.45
N SER D 354 -26.65 60.44 -28.23
CA SER D 354 -28.05 60.60 -28.59
C SER D 354 -29.02 60.06 -27.54
N ILE D 355 -30.20 60.66 -27.47
CA ILE D 355 -31.25 60.21 -26.56
C ILE D 355 -32.49 59.95 -27.42
N TRP D 356 -33.21 58.87 -27.15
CA TRP D 356 -34.39 58.53 -27.93
C TRP D 356 -35.54 58.26 -26.94
N ARG D 357 -36.60 59.04 -27.03
CA ARG D 357 -37.74 58.89 -26.14
C ARG D 357 -38.89 58.19 -26.83
N TRP D 358 -39.34 57.08 -26.26
CA TRP D 358 -40.46 56.33 -26.79
C TRP D 358 -41.65 56.47 -25.87
N ASP D 359 -42.85 56.49 -26.44
CA ASP D 359 -44.04 56.59 -25.62
C ASP D 359 -45.03 55.46 -25.87
N ARG D 360 -45.77 55.11 -24.82
CA ARG D 360 -46.67 53.96 -24.85
C ARG D 360 -48.01 54.38 -25.42
N LEU D 361 -48.92 53.42 -25.56
CA LEU D 361 -50.26 53.68 -26.10
C LEU D 361 -50.17 54.09 -27.56
N HIS E 27 35.77 -11.89 15.95
CA HIS E 27 36.47 -10.80 16.68
C HIS E 27 36.32 -9.44 15.98
N ASN E 28 36.12 -9.48 14.66
CA ASN E 28 35.88 -8.25 13.92
C ASN E 28 35.55 -8.57 12.46
N ARG E 29 34.33 -9.05 12.26
CA ARG E 29 33.92 -9.59 10.98
C ARG E 29 32.45 -9.90 11.12
N LEU E 30 31.77 -10.14 10.02
CA LEU E 30 30.38 -10.51 10.15
C LEU E 30 30.22 -11.98 9.89
N TYR E 31 29.64 -12.66 10.88
CA TYR E 31 29.55 -14.11 10.88
C TYR E 31 28.13 -14.55 10.59
N PHE E 32 27.99 -15.74 10.01
CA PHE E 32 26.70 -16.27 9.64
C PHE E 32 26.44 -17.65 10.23
N HIS E 33 25.19 -17.88 10.65
CA HIS E 33 24.77 -19.21 11.09
C HIS E 33 24.87 -20.23 9.95
N SER E 34 25.45 -21.39 10.25
CA SER E 34 25.84 -22.30 9.20
C SER E 34 24.66 -23.06 8.65
N ASP E 35 23.55 -23.06 9.39
CA ASP E 35 22.39 -23.84 8.98
C ASP E 35 21.30 -23.00 8.32
N THR E 36 21.33 -21.68 8.49
CA THR E 36 20.39 -20.78 7.79
C THR E 36 21.01 -19.64 6.95
N CYS E 37 22.31 -19.37 7.14
CA CYS E 37 23.01 -18.29 6.46
C CYS E 37 22.54 -16.89 6.83
N LEU E 38 21.57 -16.76 7.72
CA LEU E 38 21.26 -15.45 8.28
C LEU E 38 22.46 -14.96 9.07
N PRO E 39 22.64 -13.64 9.20
CA PRO E 39 23.79 -13.05 9.89
C PRO E 39 23.63 -13.04 11.42
N LEU E 40 24.72 -12.73 12.10
CA LEU E 40 24.72 -12.65 13.55
C LEU E 40 24.64 -11.21 14.00
N ARG E 41 23.52 -10.80 14.56
CA ARG E 41 23.50 -9.53 15.28
C ARG E 41 24.39 -9.70 16.52
N PRO E 42 25.14 -8.65 16.87
CA PRO E 42 26.21 -8.69 17.87
C PRO E 42 25.76 -8.84 19.32
N GLN E 43 25.10 -9.95 19.65
CA GLN E 43 24.71 -10.21 21.03
C GLN E 43 24.76 -11.70 21.27
N GLU E 44 25.12 -12.45 20.24
CA GLU E 44 25.35 -13.87 20.38
C GLU E 44 26.86 -14.07 20.45
N MET E 45 27.32 -15.30 20.25
CA MET E 45 27.90 -15.70 18.98
C MET E 45 28.39 -17.13 18.99
N GLU E 46 27.49 -18.03 19.36
CA GLU E 46 27.62 -19.43 18.99
C GLU E 46 26.79 -19.63 17.74
N VAL E 47 27.41 -20.03 16.63
CA VAL E 47 26.68 -20.57 15.49
C VAL E 47 26.51 -22.07 15.73
N ASP E 48 26.54 -22.44 17.00
CA ASP E 48 26.21 -23.80 17.40
C ASP E 48 24.74 -24.07 17.19
N ASP E 49 24.36 -24.28 15.94
CA ASP E 49 23.27 -25.20 15.61
C ASP E 49 24.01 -26.47 15.20
N GLU E 50 25.03 -26.82 16.00
CA GLU E 50 26.10 -27.70 15.55
C GLU E 50 26.57 -28.71 16.59
N ASP E 51 25.93 -28.73 17.75
CA ASP E 51 26.32 -29.61 18.85
C ASP E 51 25.48 -30.88 18.95
N GLU E 52 24.73 -31.20 17.90
CA GLU E 52 23.90 -32.39 17.91
C GLU E 52 24.78 -33.63 17.89
N LYS E 53 25.02 -34.21 19.07
CA LYS E 53 25.83 -35.43 19.17
C LYS E 53 25.31 -36.35 18.07
N ASP E 54 23.99 -36.45 18.01
CA ASP E 54 23.29 -36.83 16.80
C ASP E 54 22.43 -35.62 16.41
N PRO E 55 22.40 -35.26 15.13
CA PRO E 55 21.37 -34.36 14.60
C PRO E 55 19.99 -34.99 14.40
N GLU E 56 18.95 -34.21 14.67
CA GLU E 56 17.57 -34.67 14.67
C GLU E 56 17.22 -35.61 13.53
N TRP E 57 17.71 -35.32 12.33
CA TRP E 57 17.31 -36.12 11.17
C TRP E 57 17.93 -37.52 11.15
N LEU E 58 19.09 -37.70 11.80
CA LEU E 58 19.72 -39.02 11.88
C LEU E 58 18.87 -39.99 12.72
N ARG E 59 18.20 -39.46 13.72
CA ARG E 59 17.28 -40.24 14.53
C ARG E 59 16.09 -40.63 13.66
N GLU E 60 15.36 -39.63 13.17
CA GLU E 60 14.20 -39.88 12.34
C GLU E 60 14.55 -40.85 11.21
N LYS E 61 15.72 -40.68 10.63
CA LYS E 61 16.11 -41.51 9.51
C LYS E 61 16.27 -42.95 9.95
N THR E 62 16.87 -43.17 11.12
CA THR E 62 17.16 -44.53 11.59
C THR E 62 15.90 -45.30 11.98
N ILE E 63 14.93 -44.62 12.55
CA ILE E 63 13.71 -45.31 12.99
C ILE E 63 12.85 -45.59 11.78
N THR E 64 12.92 -44.72 10.78
CA THR E 64 12.32 -44.99 9.48
C THR E 64 12.91 -46.25 8.84
N GLN E 65 14.24 -46.30 8.74
CA GLN E 65 14.91 -47.38 8.05
C GLN E 65 14.63 -48.74 8.66
N ILE E 66 14.42 -48.78 9.98
CA ILE E 66 14.18 -50.05 10.66
C ILE E 66 12.76 -50.51 10.39
N GLU E 67 11.85 -49.55 10.27
CA GLU E 67 10.46 -49.81 9.94
C GLU E 67 10.31 -50.33 8.49
N GLU E 68 11.37 -50.17 7.71
CA GLU E 68 11.34 -50.50 6.29
C GLU E 68 11.66 -51.97 6.04
N PHE E 69 11.95 -52.72 7.10
CA PHE E 69 12.13 -54.18 6.96
C PHE E 69 10.78 -54.90 7.01
N SER E 70 10.45 -55.62 5.94
CA SER E 70 9.38 -56.60 6.00
C SER E 70 10.08 -57.92 6.28
N ASP E 71 10.24 -58.27 7.56
CA ASP E 71 11.34 -59.16 7.91
C ASP E 71 11.57 -59.22 9.42
N VAL E 72 10.92 -58.32 10.14
CA VAL E 72 11.24 -58.09 11.55
C VAL E 72 9.93 -57.71 12.27
N ASN E 73 9.69 -58.29 13.45
CA ASN E 73 8.49 -57.99 14.21
C ASN E 73 8.39 -56.51 14.52
N GLU E 74 7.17 -56.01 14.52
CA GLU E 74 6.91 -54.70 15.07
C GLU E 74 7.51 -54.72 16.47
N GLY E 75 7.75 -55.94 16.97
CA GLY E 75 8.21 -56.11 18.34
C GLY E 75 9.72 -56.05 18.52
N GLU E 76 10.47 -56.61 17.57
CA GLU E 76 11.93 -56.46 17.59
C GLU E 76 12.34 -55.14 16.92
N LYS E 77 11.39 -54.49 16.25
CA LYS E 77 11.63 -53.19 15.64
C LYS E 77 11.67 -52.09 16.69
N GLU E 78 10.66 -52.05 17.53
CA GLU E 78 10.54 -50.97 18.51
C GLU E 78 11.69 -51.00 19.48
N VAL E 79 12.24 -52.19 19.74
CA VAL E 79 13.36 -52.28 20.66
C VAL E 79 14.62 -51.88 19.94
N MET E 80 14.70 -52.26 18.67
CA MET E 80 15.81 -51.84 17.84
C MET E 80 15.82 -50.31 17.69
N LYS E 81 14.66 -49.73 17.44
CA LYS E 81 14.54 -48.27 17.33
C LYS E 81 14.98 -47.62 18.62
N LEU E 82 14.40 -48.05 19.73
CA LEU E 82 14.69 -47.42 21.00
C LEU E 82 16.17 -47.54 21.38
N TRP E 83 16.77 -48.68 21.05
CA TRP E 83 18.15 -48.92 21.44
C TRP E 83 19.06 -47.98 20.67
N ASN E 84 18.79 -47.82 19.38
CA ASN E 84 19.58 -46.95 18.54
C ASN E 84 19.48 -45.52 18.99
N LEU E 85 18.27 -45.09 19.31
CA LEU E 85 18.06 -43.73 19.82
C LEU E 85 18.85 -43.53 21.09
N HIS E 86 18.91 -44.57 21.91
CA HIS E 86 19.65 -44.54 23.17
C HIS E 86 21.15 -44.41 22.93
N VAL E 87 21.72 -45.31 22.13
CA VAL E 87 23.15 -45.30 21.83
C VAL E 87 23.56 -44.04 21.05
N MET E 88 22.59 -43.42 20.40
CA MET E 88 22.89 -42.19 19.69
C MET E 88 22.92 -41.03 20.67
N LYS E 89 22.01 -40.99 21.62
CA LYS E 89 21.92 -39.83 22.48
C LYS E 89 23.21 -39.61 23.27
N HIS E 90 23.71 -40.67 23.89
CA HIS E 90 24.88 -40.60 24.76
C HIS E 90 26.17 -40.83 23.99
N GLY E 91 26.11 -41.60 22.93
CA GLY E 91 27.23 -41.74 22.02
C GLY E 91 28.38 -42.58 22.55
N PHE E 92 28.09 -43.80 22.97
CA PHE E 92 29.12 -44.69 23.51
C PHE E 92 30.04 -45.03 22.37
N ILE E 93 31.27 -45.40 22.68
CA ILE E 93 32.22 -45.66 21.60
C ILE E 93 33.15 -46.82 21.94
N ALA E 94 33.16 -47.24 23.19
CA ALA E 94 34.05 -48.32 23.64
C ALA E 94 33.29 -49.59 24.05
N ASP E 95 33.94 -50.75 23.93
CA ASP E 95 33.36 -52.01 24.41
C ASP E 95 33.07 -51.89 25.90
N ASN E 96 34.04 -51.34 26.64
CA ASN E 96 33.89 -51.21 28.07
C ASN E 96 32.86 -50.16 28.49
N GLN E 97 31.85 -49.91 27.65
CA GLN E 97 30.77 -49.02 28.06
C GLN E 97 29.44 -49.75 28.05
N MET E 98 29.39 -50.87 27.33
CA MET E 98 28.11 -51.49 27.02
C MET E 98 27.35 -51.84 28.28
N ASN E 99 28.01 -52.48 29.25
CA ASN E 99 27.35 -52.86 30.50
C ASN E 99 26.61 -51.66 31.09
N HIS E 100 27.34 -50.58 31.40
CA HIS E 100 26.70 -49.37 31.88
C HIS E 100 25.57 -48.94 30.96
N ALA E 101 25.78 -49.09 29.65
CA ALA E 101 24.80 -48.67 28.66
C ALA E 101 23.46 -49.39 28.80
N CYS E 102 23.50 -50.70 29.01
CA CYS E 102 22.28 -51.50 29.17
C CYS E 102 21.59 -51.10 30.46
N MET E 103 22.35 -51.02 31.54
CA MET E 103 21.79 -50.53 32.79
C MET E 103 21.11 -49.18 32.56
N LEU E 104 21.73 -48.34 31.72
CA LEU E 104 21.23 -47.00 31.44
C LEU E 104 19.97 -47.07 30.59
N PHE E 105 20.02 -47.88 29.54
CA PHE E 105 18.90 -48.03 28.65
C PHE E 105 17.64 -48.26 29.45
N VAL E 106 17.70 -49.20 30.40
CA VAL E 106 16.51 -49.60 31.11
C VAL E 106 16.01 -48.52 32.05
N GLU E 107 16.91 -47.79 32.69
CA GLU E 107 16.49 -46.66 33.51
C GLU E 107 15.63 -45.67 32.71
N ASN E 108 16.18 -45.20 31.60
CA ASN E 108 15.57 -44.12 30.82
C ASN E 108 14.46 -44.57 29.88
N TYR E 109 14.57 -45.79 29.37
CA TYR E 109 13.59 -46.29 28.41
C TYR E 109 12.72 -47.40 28.97
N GLY E 110 12.95 -47.73 30.25
CA GLY E 110 12.25 -48.84 30.87
C GLY E 110 10.73 -48.71 30.82
N GLN E 111 10.22 -47.55 31.23
CA GLN E 111 8.79 -47.33 31.25
C GLN E 111 8.17 -47.75 29.92
N LYS E 112 8.79 -47.34 28.83
CA LYS E 112 8.20 -47.58 27.53
C LYS E 112 8.32 -49.05 27.17
N ILE E 113 9.46 -49.66 27.49
CA ILE E 113 9.61 -51.08 27.28
C ILE E 113 8.51 -51.87 27.98
N ILE E 114 8.13 -51.45 29.18
CA ILE E 114 7.03 -52.09 29.87
C ILE E 114 5.71 -51.72 29.20
N LYS E 115 5.35 -50.44 29.25
CA LYS E 115 4.10 -49.99 28.66
C LYS E 115 3.83 -50.53 27.26
N LYS E 116 4.82 -50.47 26.38
CA LYS E 116 4.62 -50.85 24.99
C LYS E 116 4.66 -52.36 24.77
N ASN E 117 4.83 -53.12 25.85
CA ASN E 117 4.76 -54.58 25.75
C ASN E 117 5.94 -55.13 24.93
N LEU E 118 7.14 -55.00 25.48
CA LEU E 118 8.36 -55.32 24.75
C LEU E 118 9.41 -55.90 25.68
N CYS E 119 8.95 -56.45 26.79
CA CYS E 119 9.85 -57.03 27.76
C CYS E 119 10.64 -58.20 27.21
N ARG E 120 9.95 -59.13 26.56
CA ARG E 120 10.62 -60.33 26.14
C ARG E 120 11.56 -60.01 25.00
N ASN E 121 11.11 -59.23 24.03
CA ASN E 121 12.00 -58.79 22.96
C ASN E 121 13.24 -58.11 23.53
N PHE E 122 13.03 -57.22 24.50
CA PHE E 122 14.14 -56.57 25.20
C PHE E 122 15.14 -57.59 25.76
N MET E 123 14.65 -58.78 26.08
CA MET E 123 15.50 -59.83 26.65
C MET E 123 16.34 -60.44 25.54
N LEU E 124 15.68 -60.80 24.44
CA LEU E 124 16.38 -61.30 23.28
C LEU E 124 17.46 -60.29 22.89
N HIS E 125 17.22 -59.02 23.19
CA HIS E 125 18.25 -58.02 22.92
C HIS E 125 19.43 -58.22 23.85
N LEU E 126 19.13 -58.30 25.14
CA LEU E 126 20.15 -58.43 26.15
C LEU E 126 21.01 -59.66 25.88
N VAL E 127 20.38 -60.72 25.40
CA VAL E 127 21.07 -61.98 25.13
C VAL E 127 21.92 -61.87 23.87
N SER E 128 21.37 -61.22 22.86
CA SER E 128 22.12 -61.02 21.63
C SER E 128 23.40 -60.26 21.95
N MET E 129 23.25 -59.20 22.74
CA MET E 129 24.38 -58.40 23.14
C MET E 129 25.44 -59.23 23.89
N HIS E 130 25.00 -60.34 24.48
CA HIS E 130 25.93 -61.24 25.15
C HIS E 130 26.63 -62.13 24.15
N ASP E 131 25.86 -62.66 23.20
CA ASP E 131 26.45 -63.52 22.17
C ASP E 131 27.52 -62.76 21.42
N PHE E 132 27.35 -61.43 21.34
CA PHE E 132 28.31 -60.54 20.68
C PHE E 132 29.52 -60.22 21.54
N ASN E 133 29.42 -60.51 22.84
CA ASN E 133 30.51 -60.36 23.81
C ASN E 133 30.73 -58.95 24.32
N LEU E 134 29.64 -58.21 24.51
CA LEU E 134 29.75 -56.85 24.98
C LEU E 134 29.39 -56.73 26.45
N ILE E 135 28.27 -57.35 26.85
CA ILE E 135 27.85 -57.32 28.25
C ILE E 135 28.16 -58.65 28.94
N SER E 136 28.19 -58.63 30.27
CA SER E 136 28.38 -59.84 31.09
C SER E 136 27.03 -60.51 31.40
N ILE E 137 27.08 -61.73 31.93
CA ILE E 137 25.82 -62.37 32.30
C ILE E 137 25.22 -61.72 33.53
N MET E 138 26.06 -61.29 34.47
CA MET E 138 25.55 -60.63 35.68
C MET E 138 24.66 -59.48 35.25
N SER E 139 25.00 -58.89 34.11
CA SER E 139 24.27 -57.76 33.57
C SER E 139 22.97 -58.21 32.94
N ILE E 140 23.02 -59.33 32.23
CA ILE E 140 21.92 -59.73 31.39
C ILE E 140 20.67 -60.08 32.21
N ASP E 141 20.72 -59.76 33.50
CA ASP E 141 19.59 -60.01 34.40
C ASP E 141 19.58 -59.05 35.60
N LYS E 142 20.76 -58.53 35.95
CA LYS E 142 20.82 -57.40 36.85
C LYS E 142 19.95 -56.31 36.24
N ALA E 143 19.75 -56.42 34.94
CA ALA E 143 18.90 -55.52 34.18
C ALA E 143 17.46 -55.99 34.18
N VAL E 144 17.26 -57.28 33.95
CA VAL E 144 15.91 -57.83 33.94
C VAL E 144 15.29 -57.66 35.32
N THR E 145 16.11 -57.78 36.34
CA THR E 145 15.71 -57.46 37.71
C THR E 145 15.18 -56.04 37.81
N LYS E 146 16.02 -55.07 37.46
CA LYS E 146 15.68 -53.66 37.61
C LYS E 146 14.45 -53.26 36.82
N LEU E 147 14.07 -54.07 35.83
CA LEU E 147 12.93 -53.72 34.98
C LEU E 147 11.57 -54.12 35.54
N ARG E 148 11.46 -55.33 36.10
CA ARG E 148 10.23 -55.77 36.76
C ARG E 148 10.13 -54.98 38.05
N GLU E 149 11.25 -54.95 38.76
CA GLU E 149 11.45 -54.05 39.89
C GLU E 149 10.87 -52.67 39.55
N MET E 150 10.69 -52.41 38.26
CA MET E 150 10.16 -51.14 37.79
C MET E 150 8.72 -51.33 37.35
N GLN E 151 8.47 -52.42 36.62
CA GLN E 151 7.15 -52.71 36.10
C GLN E 151 6.13 -52.64 37.21
N GLN E 152 6.50 -53.19 38.35
CA GLN E 152 5.61 -53.25 39.51
C GLN E 152 5.43 -51.87 40.14
N LYS E 153 6.42 -51.00 39.94
CA LYS E 153 6.36 -49.63 40.45
C LYS E 153 5.08 -48.97 39.96
N LEU E 154 4.47 -49.57 38.95
CA LEU E 154 3.27 -49.02 38.34
C LEU E 154 2.03 -49.72 38.88
N HIS F 27 4.02 59.82 10.81
CA HIS F 27 4.57 61.17 11.15
C HIS F 27 4.48 62.17 9.98
N ASN F 28 3.71 63.24 10.19
CA ASN F 28 3.40 64.21 9.14
C ASN F 28 3.28 63.58 7.74
N ARG F 29 2.10 63.03 7.47
CA ARG F 29 1.76 62.42 6.17
C ARG F 29 0.31 61.92 6.29
N LEU F 30 -0.24 61.40 5.21
CA LEU F 30 -1.60 60.93 5.27
C LEU F 30 -1.69 59.44 5.02
N TYR F 31 -2.12 58.71 6.04
CA TYR F 31 -2.08 57.27 6.04
C TYR F 31 -3.47 56.67 5.85
N PHE F 32 -3.50 55.50 5.21
CA PHE F 32 -4.75 54.81 4.91
C PHE F 32 -4.77 53.39 5.48
N HIS F 33 -5.93 52.98 5.99
CA HIS F 33 -6.18 51.61 6.43
C HIS F 33 -6.02 50.61 5.30
N SER F 34 -5.20 49.60 5.50
CA SER F 34 -4.83 48.74 4.38
C SER F 34 -5.98 47.86 3.91
N ASP F 35 -7.03 47.73 4.71
CA ASP F 35 -8.17 46.89 4.33
C ASP F 35 -9.36 47.63 3.70
N THR F 36 -9.38 48.97 3.76
CA THR F 36 -10.45 49.73 3.10
C THR F 36 -9.99 50.93 2.27
N CYS F 37 -8.74 51.35 2.44
CA CYS F 37 -8.20 52.50 1.73
C CYS F 37 -8.82 53.83 2.14
N LEU F 38 -9.80 53.79 3.02
CA LEU F 38 -10.24 55.02 3.64
C LEU F 38 -9.06 55.63 4.39
N PRO F 39 -9.03 56.97 4.51
CA PRO F 39 -7.91 57.64 5.15
C PRO F 39 -7.96 57.53 6.68
N LEU F 40 -6.80 57.66 7.32
CA LEU F 40 -6.73 57.52 8.76
C LEU F 40 -6.99 58.85 9.46
N ARG F 41 -8.07 58.97 10.21
CA ARG F 41 -8.26 60.16 11.02
C ARG F 41 -7.17 60.13 12.09
N PRO F 42 -6.73 61.32 12.53
CA PRO F 42 -5.47 61.50 13.28
C PRO F 42 -5.39 60.69 14.57
N GLN F 43 -6.55 60.38 15.14
CA GLN F 43 -6.66 59.56 16.35
C GLN F 43 -6.15 58.13 16.11
N GLU F 44 -5.22 57.99 15.17
CA GLU F 44 -4.53 56.73 14.98
C GLU F 44 -3.02 56.90 14.89
N MET F 45 -2.48 56.65 13.70
CA MET F 45 -1.41 55.69 13.49
C MET F 45 -2.07 54.33 13.27
N GLU F 46 -1.69 53.34 14.06
CA GLU F 46 -2.43 52.08 14.17
C GLU F 46 -3.39 51.74 13.01
N VAL F 47 -2.86 51.00 12.03
CA VAL F 47 -3.66 50.42 10.96
C VAL F 47 -3.62 48.89 11.12
N ASP F 48 -3.18 48.44 12.29
CA ASP F 48 -3.23 47.02 12.62
C ASP F 48 -4.67 46.54 12.70
N ASP F 49 -5.36 46.60 11.55
CA ASP F 49 -6.59 45.87 11.35
C ASP F 49 -6.21 44.53 10.76
N GLU F 50 -5.00 44.10 11.09
CA GLU F 50 -4.49 42.79 10.70
C GLU F 50 -3.53 42.27 11.77
N ASP F 51 -3.89 42.54 13.02
CA ASP F 51 -3.42 41.76 14.16
C ASP F 51 -4.23 40.47 14.09
N GLU F 52 -5.02 40.36 13.04
CA GLU F 52 -5.70 39.12 12.70
C GLU F 52 -4.68 38.00 12.69
N LYS F 53 -4.40 37.43 13.86
CA LYS F 53 -3.52 36.27 13.94
C LYS F 53 -4.13 35.22 13.03
N ASP F 54 -5.44 35.07 13.17
CA ASP F 54 -6.20 34.10 12.40
C ASP F 54 -7.31 34.81 11.64
N PRO F 55 -6.96 35.59 10.62
CA PRO F 55 -7.99 36.37 9.92
C PRO F 55 -9.25 35.57 9.65
N GLU F 56 -10.39 36.19 9.90
CA GLU F 56 -11.67 35.52 9.84
C GLU F 56 -11.85 34.56 8.68
N TRP F 57 -11.45 34.96 7.47
CA TRP F 57 -11.76 34.15 6.30
C TRP F 57 -11.02 32.82 6.31
N LEU F 58 -9.86 32.77 6.94
CA LEU F 58 -9.08 31.54 6.91
C LEU F 58 -9.80 30.45 7.70
N ARG F 59 -10.57 30.89 8.70
CA ARG F 59 -11.36 30.00 9.52
C ARG F 59 -12.49 29.49 8.66
N GLU F 60 -13.38 30.40 8.27
CA GLU F 60 -14.49 30.03 7.39
C GLU F 60 -14.00 29.16 6.22
N LYS F 61 -12.86 29.48 5.65
CA LYS F 61 -12.35 28.70 4.54
C LYS F 61 -12.08 27.28 4.98
N THR F 62 -11.56 27.12 6.20
CA THR F 62 -11.11 25.80 6.61
C THR F 62 -12.29 24.91 6.97
N ILE F 63 -13.26 25.45 7.68
CA ILE F 63 -14.39 24.64 8.03
C ILE F 63 -15.24 24.33 6.79
N THR F 64 -15.15 25.18 5.78
CA THR F 64 -15.78 24.86 4.51
C THR F 64 -15.10 23.71 3.78
N GLN F 65 -13.77 23.71 3.79
CA GLN F 65 -13.00 22.74 3.02
C GLN F 65 -13.11 21.34 3.59
N ILE F 66 -13.30 21.26 4.92
CA ILE F 66 -13.45 19.96 5.58
C ILE F 66 -14.78 19.35 5.19
N GLU F 67 -15.80 20.20 5.17
CA GLU F 67 -17.17 19.79 4.86
C GLU F 67 -17.32 19.28 3.43
N GLU F 68 -16.30 19.54 2.61
CA GLU F 68 -16.35 19.26 1.18
C GLU F 68 -15.96 17.81 0.90
N PHE F 69 -15.44 17.12 1.91
CA PHE F 69 -15.03 15.74 1.71
C PHE F 69 -16.27 14.88 1.74
N SER F 70 -16.44 14.06 0.72
CA SER F 70 -17.46 13.01 0.80
C SER F 70 -16.69 11.74 1.10
N ASP F 71 -16.43 11.51 2.38
CA ASP F 71 -15.28 10.71 2.75
C ASP F 71 -14.98 10.71 4.23
N VAL F 72 -15.80 11.43 5.00
CA VAL F 72 -15.51 11.68 6.41
C VAL F 72 -16.80 11.90 7.17
N ASN F 73 -17.02 11.18 8.27
CA ASN F 73 -18.29 11.31 9.00
C ASN F 73 -18.51 12.78 9.25
N GLU F 74 -19.77 13.16 9.44
CA GLU F 74 -20.08 14.46 9.99
C GLU F 74 -19.47 14.48 11.38
N GLY F 75 -19.08 13.31 11.84
CA GLY F 75 -18.58 13.19 13.20
C GLY F 75 -17.10 13.49 13.32
N GLU F 76 -16.31 12.98 12.39
CA GLU F 76 -14.88 13.26 12.40
C GLU F 76 -14.61 14.63 11.78
N LYS F 77 -15.57 15.12 11.01
CA LYS F 77 -15.51 16.49 10.52
C LYS F 77 -15.61 17.49 11.66
N GLU F 78 -16.71 17.48 12.39
CA GLU F 78 -16.94 18.52 13.39
C GLU F 78 -15.81 18.62 14.41
N VAL F 79 -15.03 17.54 14.54
CA VAL F 79 -13.89 17.56 15.45
C VAL F 79 -12.66 18.17 14.78
N MET F 80 -12.37 17.72 13.56
CA MET F 80 -11.40 18.37 12.68
C MET F 80 -11.63 19.88 12.51
N LYS F 81 -12.88 20.27 12.29
CA LYS F 81 -13.21 21.68 12.20
C LYS F 81 -12.80 22.41 13.47
N LEU F 82 -13.29 21.89 14.60
CA LEU F 82 -13.09 22.53 15.90
C LEU F 82 -11.63 22.52 16.33
N TRP F 83 -10.91 21.44 16.01
CA TRP F 83 -9.50 21.36 16.35
C TRP F 83 -8.74 22.45 15.61
N ASN F 84 -8.95 22.51 14.30
CA ASN F 84 -8.29 23.48 13.44
C ASN F 84 -8.54 24.89 13.94
N LEU F 85 -9.80 25.24 14.19
CA LEU F 85 -10.13 26.58 14.67
C LEU F 85 -9.34 26.85 15.94
N HIS F 86 -9.15 25.79 16.73
CA HIS F 86 -8.46 25.89 18.01
C HIS F 86 -7.00 26.13 17.75
N VAL F 87 -6.37 25.26 16.95
CA VAL F 87 -4.96 25.42 16.64
C VAL F 87 -4.67 26.75 15.95
N MET F 88 -5.64 27.27 15.21
CA MET F 88 -5.45 28.55 14.56
C MET F 88 -5.51 29.71 15.56
N LYS F 89 -6.49 29.69 16.46
CA LYS F 89 -6.71 30.83 17.36
C LYS F 89 -5.49 31.15 18.22
N HIS F 90 -4.87 30.13 18.80
CA HIS F 90 -3.69 30.36 19.62
C HIS F 90 -2.41 30.30 18.79
N GLY F 91 -2.40 29.40 17.81
CA GLY F 91 -1.31 29.38 16.87
C GLY F 91 -0.09 28.74 17.46
N PHE F 92 -0.20 27.47 17.79
CA PHE F 92 0.96 26.76 18.31
C PHE F 92 1.90 26.53 17.16
N ILE F 93 3.18 26.36 17.45
CA ILE F 93 4.15 26.15 16.38
C ILE F 93 5.17 25.06 16.71
N ALA F 94 5.23 24.65 17.97
CA ALA F 94 6.23 23.66 18.37
C ALA F 94 5.60 22.31 18.68
N ASP F 95 6.39 21.24 18.55
CA ASP F 95 5.98 19.92 19.03
C ASP F 95 5.69 19.98 20.53
N ASN F 96 6.52 20.72 21.26
CA ASN F 96 6.43 20.72 22.72
C ASN F 96 5.30 21.58 23.23
N GLN F 97 4.35 21.92 22.37
CA GLN F 97 3.17 22.65 22.82
C GLN F 97 1.93 21.77 22.79
N MET F 98 2.03 20.63 22.13
CA MET F 98 0.84 19.86 21.81
C MET F 98 0.09 19.40 23.05
N ASN F 99 0.83 18.87 24.02
CA ASN F 99 0.22 18.40 25.25
C ASN F 99 -0.66 19.50 25.86
N HIS F 100 -0.07 20.66 26.12
CA HIS F 100 -0.84 21.79 26.66
C HIS F 100 -2.01 22.21 25.76
N ALA F 101 -1.88 21.93 24.46
CA ALA F 101 -2.90 22.33 23.49
C ALA F 101 -4.15 21.47 23.61
N CYS F 102 -3.96 20.17 23.83
CA CYS F 102 -5.07 19.24 24.09
C CYS F 102 -5.80 19.59 25.38
N MET F 103 -5.02 19.84 26.43
CA MET F 103 -5.60 20.28 27.68
C MET F 103 -6.39 21.56 27.46
N LEU F 104 -5.90 22.43 26.59
CA LEU F 104 -6.58 23.68 26.28
C LEU F 104 -7.82 23.44 25.42
N PHE F 105 -7.71 22.51 24.49
CA PHE F 105 -8.81 22.25 23.57
C PHE F 105 -10.05 21.90 24.37
N VAL F 106 -9.89 20.98 25.31
CA VAL F 106 -11.01 20.44 26.06
C VAL F 106 -11.59 21.48 27.03
N GLU F 107 -10.75 22.24 27.71
CA GLU F 107 -11.24 23.41 28.44
C GLU F 107 -12.18 24.27 27.59
N ASN F 108 -11.64 24.83 26.51
CA ASN F 108 -12.37 25.85 25.75
C ASN F 108 -13.44 25.28 24.83
N TYR F 109 -13.22 24.09 24.29
CA TYR F 109 -14.18 23.52 23.36
C TYR F 109 -14.89 22.27 23.93
N GLY F 110 -14.75 22.07 25.24
CA GLY F 110 -15.24 20.84 25.84
C GLY F 110 -16.75 20.75 25.84
N GLN F 111 -17.37 21.88 26.16
CA GLN F 111 -18.82 21.97 26.18
C GLN F 111 -19.42 21.45 24.87
N LYS F 112 -18.94 22.01 23.77
CA LYS F 112 -19.46 21.65 22.46
C LYS F 112 -19.20 20.19 22.16
N ILE F 113 -17.99 19.70 22.41
CA ILE F 113 -17.69 18.30 22.14
C ILE F 113 -18.74 17.40 22.80
N ILE F 114 -19.09 17.75 24.04
CA ILE F 114 -20.13 17.03 24.75
C ILE F 114 -21.46 17.26 24.03
N LYS F 115 -21.98 18.48 24.10
CA LYS F 115 -23.28 18.81 23.55
C LYS F 115 -23.55 18.31 22.13
N LYS F 116 -22.54 18.34 21.28
CA LYS F 116 -22.73 17.92 19.89
C LYS F 116 -22.56 16.41 19.71
N ASN F 117 -22.30 15.71 20.80
CA ASN F 117 -22.17 14.25 20.78
C ASN F 117 -20.94 13.84 19.97
N LEU F 118 -19.77 14.26 20.44
CA LEU F 118 -18.55 14.08 19.66
C LEU F 118 -17.42 13.58 20.54
N CYS F 119 -17.77 12.87 21.60
CA CYS F 119 -16.79 12.38 22.58
C CYS F 119 -15.91 11.24 22.05
N ARG F 120 -16.49 10.25 21.40
CA ARG F 120 -15.69 9.15 20.91
C ARG F 120 -14.76 9.63 19.81
N ASN F 121 -15.29 10.36 18.83
CA ASN F 121 -14.45 10.86 17.76
C ASN F 121 -13.27 11.64 18.34
N PHE F 122 -13.55 12.53 19.27
CA PHE F 122 -12.53 13.29 19.99
C PHE F 122 -11.46 12.38 20.53
N MET F 123 -11.85 11.16 20.85
CA MET F 123 -10.89 10.20 21.38
C MET F 123 -10.02 9.67 20.25
N LEU F 124 -10.65 9.27 19.15
CA LEU F 124 -9.88 8.85 18.00
C LEU F 124 -8.93 9.98 17.57
N HIS F 125 -9.28 11.21 17.91
CA HIS F 125 -8.38 12.31 17.62
C HIS F 125 -7.19 12.16 18.53
N LEU F 126 -7.46 12.07 19.83
CA LEU F 126 -6.42 12.02 20.85
C LEU F 126 -5.47 10.86 20.61
N VAL F 127 -5.99 9.75 20.10
CA VAL F 127 -5.18 8.58 19.83
C VAL F 127 -4.33 8.79 18.59
N SER F 128 -4.90 9.45 17.59
CA SER F 128 -4.18 9.75 16.35
C SER F 128 -2.99 10.65 16.65
N MET F 129 -3.24 11.65 17.49
CA MET F 129 -2.22 12.62 17.88
C MET F 129 -1.10 11.92 18.64
N HIS F 130 -1.36 10.71 19.10
CA HIS F 130 -0.35 9.91 19.77
C HIS F 130 0.45 9.13 18.73
N ASP F 131 -0.24 8.53 17.78
CA ASP F 131 0.43 7.76 16.75
C ASP F 131 1.38 8.66 15.97
N PHE F 132 1.04 9.95 15.94
CA PHE F 132 1.88 10.99 15.31
C PHE F 132 2.99 11.50 16.23
N ASN F 133 3.02 10.98 17.45
CA ASN F 133 4.11 11.24 18.38
C ASN F 133 4.11 12.66 18.91
N LEU F 134 2.94 13.26 19.06
CA LEU F 134 2.90 14.62 19.57
C LEU F 134 2.53 14.72 21.05
N ILE F 135 1.55 13.95 21.51
CA ILE F 135 1.15 13.98 22.91
C ILE F 135 1.59 12.70 23.59
N SER F 136 1.65 12.72 24.92
CA SER F 136 1.96 11.52 25.72
C SER F 136 0.70 10.69 26.02
N ILE F 137 0.89 9.48 26.57
CA ILE F 137 -0.26 8.70 27.01
C ILE F 137 -0.89 9.24 28.29
N MET F 138 -0.09 9.80 29.18
CA MET F 138 -0.69 10.41 30.36
C MET F 138 -1.63 11.54 29.97
N SER F 139 -1.42 12.08 28.78
CA SER F 139 -2.29 13.14 28.27
C SER F 139 -3.56 12.55 27.68
N ILE F 140 -3.42 11.45 26.94
CA ILE F 140 -4.49 10.93 26.11
C ILE F 140 -5.65 10.39 26.95
N ASP F 141 -5.65 10.75 28.22
CA ASP F 141 -6.74 10.41 29.12
C ASP F 141 -6.84 11.42 30.24
N LYS F 142 -5.70 11.97 30.65
CA LYS F 142 -5.73 13.14 31.52
C LYS F 142 -6.67 14.17 30.90
N ALA F 143 -6.92 14.01 29.61
CA ALA F 143 -7.87 14.84 28.90
C ALA F 143 -9.25 14.19 28.89
N VAL F 144 -9.31 12.87 28.65
CA VAL F 144 -10.59 12.18 28.65
C VAL F 144 -11.23 12.28 30.04
N THR F 145 -10.40 12.25 31.07
CA THR F 145 -10.86 12.50 32.42
C THR F 145 -11.55 13.86 32.53
N LYS F 146 -10.78 14.92 32.26
CA LYS F 146 -11.26 16.29 32.43
C LYS F 146 -12.50 16.60 31.63
N LEU F 147 -12.78 15.78 30.62
CA LEU F 147 -13.96 16.00 29.78
C LEU F 147 -15.22 15.46 30.44
N ARG F 148 -15.17 14.23 30.94
CA ARG F 148 -16.32 13.63 31.62
C ARG F 148 -16.53 14.38 32.93
N GLU F 149 -15.42 14.57 33.64
CA GLU F 149 -15.35 15.48 34.77
C GLU F 149 -16.02 16.82 34.44
N MET F 150 -16.36 17.00 33.17
CA MET F 150 -17.04 18.21 32.71
C MET F 150 -18.45 17.89 32.17
N GLN F 151 -18.58 16.75 31.49
CA GLN F 151 -19.88 16.32 30.98
C GLN F 151 -20.91 16.25 32.11
N GLN F 152 -20.48 15.70 33.25
CA GLN F 152 -21.35 15.54 34.41
C GLN F 152 -21.64 16.88 35.07
N LYS F 153 -20.77 17.86 34.86
CA LYS F 153 -20.98 19.21 35.38
C LYS F 153 -22.29 19.78 34.86
N LEU F 154 -22.88 19.10 33.87
CA LEU F 154 -24.16 19.54 33.31
C LEU F 154 -25.32 18.71 33.83
#